data_2CUE
#
_entry.id   2CUE
#
_entity_poly.entity_id   1
_entity_poly.type   'polypeptide(L)'
_entity_poly.pdbx_seq_one_letter_code
;GSSGSSGQRNRTSFTQEQIEALEKEFERTHYPDVFARERLAAKIDLPEARIQVWFSNRRAKWRREEKLRNQRRQSGPSSG
;
_entity_poly.pdbx_strand_id   A
#
# COMPACT_ATOMS: atom_id res chain seq x y z
N GLY A 1 0.68 -10.94 28.02
CA GLY A 1 0.15 -9.62 28.26
C GLY A 1 -1.31 -9.65 28.65
N SER A 2 -1.80 -8.51 29.15
CA SER A 2 -3.20 -8.41 29.58
C SER A 2 -4.05 -7.72 28.51
N SER A 3 -3.74 -6.45 28.25
CA SER A 3 -4.47 -5.67 27.26
C SER A 3 -3.55 -5.27 26.10
N GLY A 4 -3.89 -5.75 24.91
CA GLY A 4 -3.09 -5.43 23.74
C GLY A 4 -3.88 -4.71 22.67
N SER A 5 -3.60 -5.03 21.41
CA SER A 5 -4.29 -4.40 20.29
C SER A 5 -3.88 -5.05 18.97
N SER A 6 -4.61 -4.72 17.90
CA SER A 6 -4.33 -5.28 16.58
C SER A 6 -4.17 -4.16 15.55
N GLY A 7 -3.09 -4.23 14.78
CA GLY A 7 -2.84 -3.22 13.77
C GLY A 7 -2.75 -1.82 14.35
N GLN A 8 -1.59 -1.46 14.85
CA GLN A 8 -1.38 -0.13 15.44
C GLN A 8 -0.13 0.53 14.88
N ARG A 9 -0.21 1.83 14.66
CA ARG A 9 0.93 2.58 14.12
C ARG A 9 1.82 3.09 15.25
N ASN A 10 3.09 2.72 15.22
CA ASN A 10 4.05 3.14 16.23
C ASN A 10 4.94 4.25 15.70
N ARG A 11 5.47 4.07 14.50
CA ARG A 11 6.34 5.06 13.89
C ARG A 11 6.31 4.94 12.37
N THR A 12 6.70 6.01 11.69
CA THR A 12 6.72 6.03 10.23
C THR A 12 8.08 6.46 9.70
N SER A 13 8.48 5.89 8.57
CA SER A 13 9.77 6.22 7.96
C SER A 13 9.59 7.20 6.82
N PHE A 14 8.73 6.86 5.87
CA PHE A 14 8.47 7.72 4.71
C PHE A 14 7.77 9.00 5.14
N THR A 15 7.68 9.96 4.23
CA THR A 15 7.04 11.24 4.51
C THR A 15 5.79 11.43 3.65
N GLN A 16 4.82 12.15 4.20
CA GLN A 16 3.57 12.40 3.48
C GLN A 16 3.84 12.83 2.05
N GLU A 17 4.90 13.62 1.86
CA GLU A 17 5.26 14.09 0.53
C GLU A 17 5.64 12.93 -0.39
N GLN A 18 6.26 11.91 0.19
CA GLN A 18 6.68 10.73 -0.57
C GLN A 18 5.52 9.74 -0.71
N ILE A 19 4.70 9.65 0.32
CA ILE A 19 3.57 8.74 0.32
C ILE A 19 2.55 9.13 -0.75
N GLU A 20 2.24 10.43 -0.81
CA GLU A 20 1.28 10.94 -1.78
C GLU A 20 1.63 10.45 -3.19
N ALA A 21 2.92 10.51 -3.52
CA ALA A 21 3.38 10.09 -4.84
C ALA A 21 3.42 8.56 -4.94
N LEU A 22 3.67 7.91 -3.82
CA LEU A 22 3.74 6.45 -3.77
C LEU A 22 2.35 5.84 -3.87
N GLU A 23 1.35 6.58 -3.40
CA GLU A 23 -0.03 6.12 -3.44
C GLU A 23 -0.65 6.33 -4.82
N LYS A 24 -0.26 7.42 -5.47
CA LYS A 24 -0.76 7.73 -6.80
C LYS A 24 -0.27 6.71 -7.83
N GLU A 25 0.93 6.19 -7.60
CA GLU A 25 1.51 5.20 -8.51
C GLU A 25 0.96 3.81 -8.22
N PHE A 26 0.50 3.61 -6.99
CA PHE A 26 -0.05 2.31 -6.59
C PHE A 26 -1.49 2.16 -7.06
N GLU A 27 -2.26 3.24 -6.96
CA GLU A 27 -3.66 3.23 -7.38
C GLU A 27 -3.78 2.82 -8.84
N ARG A 28 -2.71 3.03 -9.60
CA ARG A 28 -2.71 2.70 -11.01
C ARG A 28 -2.11 1.31 -11.24
N THR A 29 -0.94 1.07 -10.67
CA THR A 29 -0.26 -0.21 -10.80
C THR A 29 0.31 -0.67 -9.46
N HIS A 30 -0.05 -1.89 -9.06
CA HIS A 30 0.43 -2.45 -7.80
C HIS A 30 1.87 -2.95 -7.94
N TYR A 31 2.33 -3.06 -9.19
CA TYR A 31 3.68 -3.52 -9.46
C TYR A 31 4.37 -2.63 -10.49
N PRO A 32 4.89 -1.49 -10.03
CA PRO A 32 5.58 -0.53 -10.89
C PRO A 32 6.93 -1.05 -11.38
N ASP A 33 7.00 -1.40 -12.67
CA ASP A 33 8.22 -1.91 -13.25
C ASP A 33 9.39 -0.98 -12.97
N VAL A 34 10.57 -1.35 -13.46
CA VAL A 34 11.78 -0.54 -13.26
C VAL A 34 11.59 0.87 -13.81
N PHE A 35 10.84 0.97 -14.90
CA PHE A 35 10.59 2.26 -15.53
C PHE A 35 9.73 3.15 -14.63
N ALA A 36 9.01 2.52 -13.70
CA ALA A 36 8.15 3.24 -12.78
C ALA A 36 8.88 3.55 -11.47
N ARG A 37 9.49 2.53 -10.89
CA ARG A 37 10.22 2.70 -9.64
C ARG A 37 11.36 3.69 -9.81
N GLU A 38 12.01 3.66 -10.96
CA GLU A 38 13.12 4.57 -11.26
C GLU A 38 12.63 6.00 -11.36
N ARG A 39 11.67 6.24 -12.24
CA ARG A 39 11.12 7.57 -12.44
C ARG A 39 10.61 8.15 -11.13
N LEU A 40 9.93 7.32 -10.34
CA LEU A 40 9.39 7.76 -9.06
C LEU A 40 10.51 8.02 -8.05
N ALA A 41 11.55 7.19 -8.12
CA ALA A 41 12.69 7.33 -7.22
C ALA A 41 13.13 8.78 -7.12
N ALA A 42 13.08 9.50 -8.24
CA ALA A 42 13.48 10.90 -8.27
C ALA A 42 12.28 11.81 -8.00
N LYS A 43 11.08 11.27 -8.15
CA LYS A 43 9.87 12.04 -7.90
C LYS A 43 9.66 12.26 -6.41
N ILE A 44 10.11 11.31 -5.60
CA ILE A 44 9.97 11.40 -4.16
C ILE A 44 11.31 11.32 -3.47
N ASP A 45 12.38 11.28 -4.26
CA ASP A 45 13.74 11.19 -3.73
C ASP A 45 13.90 9.95 -2.85
N LEU A 46 13.56 8.80 -3.42
CA LEU A 46 13.67 7.54 -2.69
C LEU A 46 14.39 6.48 -3.53
N PRO A 47 15.10 5.58 -2.85
CA PRO A 47 15.86 4.51 -3.52
C PRO A 47 14.94 3.46 -4.15
N GLU A 48 15.25 3.07 -5.38
CA GLU A 48 14.44 2.08 -6.09
C GLU A 48 14.15 0.89 -5.18
N ALA A 49 14.96 0.72 -4.15
CA ALA A 49 14.77 -0.40 -3.21
C ALA A 49 13.63 -0.11 -2.24
N ARG A 50 13.55 1.14 -1.78
CA ARG A 50 12.51 1.54 -0.85
C ARG A 50 11.12 1.35 -1.46
N ILE A 51 10.93 1.90 -2.66
CA ILE A 51 9.65 1.79 -3.35
C ILE A 51 9.15 0.36 -3.34
N GLN A 52 10.02 -0.58 -3.68
CA GLN A 52 9.67 -1.99 -3.72
C GLN A 52 9.00 -2.41 -2.40
N VAL A 53 9.59 -2.01 -1.29
CA VAL A 53 9.05 -2.35 0.03
C VAL A 53 7.69 -1.68 0.24
N TRP A 54 7.68 -0.36 0.22
CA TRP A 54 6.43 0.38 0.41
C TRP A 54 5.29 -0.25 -0.36
N PHE A 55 5.56 -0.65 -1.60
CA PHE A 55 4.55 -1.27 -2.45
C PHE A 55 4.21 -2.67 -1.95
N SER A 56 5.22 -3.37 -1.44
CA SER A 56 5.04 -4.73 -0.93
C SER A 56 4.03 -4.75 0.21
N ASN A 57 4.33 -3.98 1.26
CA ASN A 57 3.46 -3.91 2.43
C ASN A 57 2.05 -3.48 2.02
N ARG A 58 1.97 -2.59 1.04
CA ARG A 58 0.68 -2.10 0.56
C ARG A 58 -0.20 -3.25 0.10
N ARG A 59 0.34 -4.10 -0.76
CA ARG A 59 -0.39 -5.24 -1.29
C ARG A 59 -1.12 -5.98 -0.16
N ALA A 60 -0.46 -6.10 0.98
CA ALA A 60 -1.04 -6.79 2.12
C ALA A 60 -2.19 -5.97 2.72
N LYS A 61 -2.10 -4.66 2.58
CA LYS A 61 -3.13 -3.77 3.10
C LYS A 61 -4.30 -3.64 2.14
N TRP A 62 -4.04 -3.95 0.87
CA TRP A 62 -5.07 -3.87 -0.16
C TRP A 62 -5.82 -5.20 -0.28
N ARG A 63 -5.07 -6.30 -0.28
CA ARG A 63 -5.66 -7.63 -0.38
C ARG A 63 -6.51 -7.94 0.84
N ARG A 64 -6.10 -7.42 1.99
CA ARG A 64 -6.84 -7.65 3.24
C ARG A 64 -8.10 -6.79 3.29
N GLU A 65 -7.98 -5.56 2.79
CA GLU A 65 -9.11 -4.63 2.79
C GLU A 65 -10.13 -5.02 1.72
N GLU A 66 -9.68 -5.04 0.47
CA GLU A 66 -10.55 -5.40 -0.65
C GLU A 66 -11.55 -6.46 -0.24
N LYS A 67 -11.10 -7.42 0.56
CA LYS A 67 -11.96 -8.50 1.03
C LYS A 67 -13.07 -7.96 1.93
N LEU A 68 -12.69 -7.18 2.93
CA LEU A 68 -13.65 -6.60 3.85
C LEU A 68 -14.84 -6.01 3.10
N ARG A 69 -14.59 -5.52 1.89
CA ARG A 69 -15.65 -4.93 1.07
C ARG A 69 -16.51 -6.02 0.44
N ASN A 70 -15.87 -7.11 0.04
CA ASN A 70 -16.58 -8.22 -0.60
C ASN A 70 -17.49 -8.92 0.41
N GLN A 71 -17.01 -9.06 1.64
CA GLN A 71 -17.78 -9.72 2.69
C GLN A 71 -18.96 -8.85 3.11
N ARG A 72 -18.88 -7.56 2.82
CA ARG A 72 -19.95 -6.62 3.17
C ARG A 72 -20.95 -6.47 2.02
N ARG A 73 -20.44 -6.55 0.80
CA ARG A 73 -21.28 -6.42 -0.39
C ARG A 73 -22.63 -7.10 -0.17
N GLN A 74 -23.70 -6.48 -0.65
CA GLN A 74 -25.04 -7.02 -0.51
C GLN A 74 -25.71 -7.19 -1.86
N SER A 75 -25.83 -8.45 -2.31
CA SER A 75 -26.44 -8.74 -3.59
C SER A 75 -27.80 -8.05 -3.72
N GLY A 76 -28.67 -8.32 -2.76
CA GLY A 76 -30.00 -7.72 -2.78
C GLY A 76 -29.95 -6.22 -2.65
N PRO A 77 -30.90 -5.53 -3.33
CA PRO A 77 -30.98 -4.07 -3.30
C PRO A 77 -31.42 -3.53 -1.94
N SER A 78 -30.44 -3.12 -1.13
CA SER A 78 -30.73 -2.60 0.19
C SER A 78 -31.41 -1.23 0.10
N SER A 79 -32.72 -1.23 -0.10
CA SER A 79 -33.48 0.00 -0.20
C SER A 79 -34.39 0.20 1.01
N GLY A 80 -34.69 1.45 1.31
CA GLY A 80 -35.54 1.76 2.45
C GLY A 80 -34.75 2.20 3.66
N GLY A 1 -12.06 -19.44 12.80
CA GLY A 1 -12.29 -18.71 14.04
C GLY A 1 -11.05 -17.97 14.51
N SER A 2 -10.37 -17.32 13.59
CA SER A 2 -9.15 -16.58 13.92
C SER A 2 -9.48 -15.11 14.19
N SER A 3 -9.19 -14.67 15.41
CA SER A 3 -9.44 -13.29 15.81
C SER A 3 -8.34 -12.37 15.32
N GLY A 4 -7.10 -12.72 15.63
CA GLY A 4 -5.97 -11.91 15.21
C GLY A 4 -5.64 -10.81 16.20
N SER A 5 -4.49 -10.18 16.03
CA SER A 5 -4.06 -9.11 16.92
C SER A 5 -3.64 -7.88 16.12
N SER A 6 -4.42 -6.81 16.22
CA SER A 6 -4.13 -5.57 15.52
C SER A 6 -2.77 -5.02 15.92
N GLY A 7 -2.38 -3.91 15.29
CA GLY A 7 -1.10 -3.30 15.60
C GLY A 7 -0.55 -2.50 14.44
N GLN A 8 -0.75 -1.19 14.48
CA GLN A 8 -0.28 -0.31 13.41
C GLN A 8 0.53 0.86 14.00
N ARG A 9 1.64 1.18 13.36
CA ARG A 9 2.50 2.27 13.81
C ARG A 9 1.97 3.61 13.31
N ASN A 10 2.13 4.64 14.13
CA ASN A 10 1.67 5.99 13.78
C ASN A 10 2.72 6.72 12.95
N ARG A 11 3.98 6.62 13.38
CA ARG A 11 5.07 7.28 12.69
C ARG A 11 5.70 6.34 11.65
N THR A 12 5.66 6.76 10.39
CA THR A 12 6.22 5.96 9.30
C THR A 12 7.46 6.63 8.71
N SER A 13 8.53 5.87 8.57
CA SER A 13 9.78 6.39 8.02
C SER A 13 9.50 7.40 6.91
N PHE A 14 8.91 6.93 5.82
CA PHE A 14 8.59 7.80 4.69
C PHE A 14 7.84 9.05 5.17
N THR A 15 7.73 10.03 4.27
CA THR A 15 7.04 11.28 4.59
C THR A 15 5.80 11.46 3.73
N GLN A 16 4.84 12.23 4.24
CA GLN A 16 3.60 12.47 3.52
C GLN A 16 3.89 12.91 2.07
N GLU A 17 4.94 13.71 1.90
CA GLU A 17 5.31 14.19 0.58
C GLU A 17 5.64 13.03 -0.35
N GLN A 18 6.14 11.93 0.23
CA GLN A 18 6.49 10.76 -0.55
C GLN A 18 5.31 9.80 -0.66
N ILE A 19 4.62 9.59 0.46
CA ILE A 19 3.45 8.70 0.49
C ILE A 19 2.43 9.10 -0.58
N GLU A 20 2.27 10.40 -0.78
CA GLU A 20 1.33 10.91 -1.78
C GLU A 20 1.72 10.46 -3.18
N ALA A 21 3.02 10.50 -3.46
CA ALA A 21 3.53 10.10 -4.76
C ALA A 21 3.57 8.59 -4.90
N LEU A 22 3.73 7.90 -3.78
CA LEU A 22 3.79 6.44 -3.77
C LEU A 22 2.38 5.84 -3.86
N GLU A 23 1.41 6.54 -3.30
CA GLU A 23 0.02 6.07 -3.32
C GLU A 23 -0.57 6.23 -4.72
N LYS A 24 -0.31 7.38 -5.35
CA LYS A 24 -0.82 7.65 -6.69
C LYS A 24 -0.31 6.62 -7.68
N GLU A 25 0.94 6.21 -7.53
CA GLU A 25 1.55 5.24 -8.41
C GLU A 25 0.93 3.86 -8.22
N PHE A 26 0.48 3.59 -6.99
CA PHE A 26 -0.13 2.31 -6.67
C PHE A 26 -1.53 2.22 -7.27
N GLU A 27 -2.31 3.29 -7.12
CA GLU A 27 -3.67 3.32 -7.65
C GLU A 27 -3.70 2.93 -9.13
N ARG A 28 -2.64 3.32 -9.84
CA ARG A 28 -2.54 3.01 -11.27
C ARG A 28 -1.99 1.61 -11.48
N THR A 29 -0.95 1.25 -10.72
CA THR A 29 -0.34 -0.06 -10.83
C THR A 29 0.23 -0.52 -9.49
N HIS A 30 -0.17 -1.71 -9.05
CA HIS A 30 0.31 -2.25 -7.78
C HIS A 30 1.73 -2.77 -7.92
N TYR A 31 2.19 -2.93 -9.16
CA TYR A 31 3.54 -3.42 -9.42
C TYR A 31 4.25 -2.53 -10.43
N PRO A 32 4.79 -1.40 -9.94
CA PRO A 32 5.52 -0.44 -10.77
C PRO A 32 6.85 -0.99 -11.26
N ASP A 33 6.90 -1.40 -12.52
CA ASP A 33 8.12 -1.94 -13.10
C ASP A 33 9.30 -1.00 -12.88
N VAL A 34 10.47 -1.39 -13.37
CA VAL A 34 11.67 -0.58 -13.22
C VAL A 34 11.46 0.81 -13.80
N PHE A 35 10.71 0.90 -14.88
CA PHE A 35 10.43 2.17 -15.53
C PHE A 35 9.58 3.06 -14.63
N ALA A 36 8.92 2.46 -13.64
CA ALA A 36 8.08 3.19 -12.71
C ALA A 36 8.85 3.55 -11.44
N ARG A 37 9.46 2.55 -10.81
CA ARG A 37 10.23 2.76 -9.60
C ARG A 37 11.36 3.76 -9.83
N GLU A 38 11.97 3.68 -11.01
CA GLU A 38 13.07 4.57 -11.37
C GLU A 38 12.59 6.02 -11.45
N ARG A 39 11.55 6.25 -12.25
CA ARG A 39 11.00 7.59 -12.43
C ARG A 39 10.53 8.15 -11.09
N LEU A 40 9.88 7.31 -10.29
CA LEU A 40 9.38 7.73 -8.99
C LEU A 40 10.52 7.99 -8.01
N ALA A 41 11.52 7.11 -8.04
CA ALA A 41 12.68 7.24 -7.16
C ALA A 41 13.18 8.67 -7.14
N ALA A 42 13.14 9.33 -8.30
CA ALA A 42 13.60 10.71 -8.40
C ALA A 42 12.46 11.69 -8.18
N LYS A 43 11.23 11.19 -8.23
CA LYS A 43 10.05 12.01 -8.03
C LYS A 43 9.84 12.31 -6.55
N ILE A 44 10.21 11.36 -5.69
CA ILE A 44 10.06 11.53 -4.26
C ILE A 44 11.42 11.45 -3.56
N ASP A 45 12.48 11.26 -4.35
CA ASP A 45 13.83 11.18 -3.80
C ASP A 45 13.99 9.93 -2.93
N LEU A 46 13.58 8.79 -3.48
CA LEU A 46 13.67 7.53 -2.75
C LEU A 46 14.39 6.47 -3.59
N PRO A 47 15.12 5.58 -2.92
CA PRO A 47 15.86 4.50 -3.59
C PRO A 47 14.94 3.44 -4.19
N GLU A 48 15.23 3.03 -5.42
CA GLU A 48 14.43 2.04 -6.10
C GLU A 48 14.12 0.86 -5.17
N ALA A 49 14.98 0.65 -4.19
CA ALA A 49 14.81 -0.44 -3.23
C ALA A 49 13.66 -0.14 -2.26
N ARG A 50 13.59 1.11 -1.81
CA ARG A 50 12.54 1.52 -0.88
C ARG A 50 11.16 1.33 -1.50
N ILE A 51 10.96 1.91 -2.67
CA ILE A 51 9.68 1.81 -3.36
C ILE A 51 9.16 0.37 -3.32
N GLN A 52 10.03 -0.58 -3.63
CA GLN A 52 9.66 -1.99 -3.64
C GLN A 52 8.98 -2.37 -2.32
N VAL A 53 9.52 -1.88 -1.22
CA VAL A 53 8.98 -2.17 0.11
C VAL A 53 7.63 -1.46 0.31
N TRP A 54 7.64 -0.14 0.22
CA TRP A 54 6.43 0.64 0.40
C TRP A 54 5.28 0.04 -0.39
N PHE A 55 5.61 -0.66 -1.48
CA PHE A 55 4.59 -1.28 -2.32
C PHE A 55 4.27 -2.69 -1.83
N SER A 56 5.29 -3.40 -1.37
CA SER A 56 5.11 -4.76 -0.87
C SER A 56 4.14 -4.79 0.31
N ASN A 57 4.20 -3.76 1.15
CA ASN A 57 3.33 -3.67 2.31
C ASN A 57 1.90 -3.35 1.89
N ARG A 58 1.75 -2.43 0.94
CA ARG A 58 0.43 -2.04 0.45
C ARG A 58 -0.37 -3.26 0.01
N ARG A 59 0.28 -4.13 -0.77
CA ARG A 59 -0.38 -5.35 -1.26
C ARG A 59 -1.07 -6.08 -0.12
N ALA A 60 -0.42 -6.12 1.04
CA ALA A 60 -0.97 -6.80 2.20
C ALA A 60 -2.17 -6.04 2.77
N LYS A 61 -2.13 -4.72 2.64
CA LYS A 61 -3.22 -3.88 3.13
C LYS A 61 -4.38 -3.83 2.13
N TRP A 62 -4.06 -4.06 0.86
CA TRP A 62 -5.07 -4.04 -0.20
C TRP A 62 -5.75 -5.40 -0.31
N ARG A 63 -4.95 -6.47 -0.26
CA ARG A 63 -5.48 -7.81 -0.36
C ARG A 63 -6.34 -8.17 0.85
N ARG A 64 -6.03 -7.55 1.98
CA ARG A 64 -6.77 -7.79 3.22
C ARG A 64 -8.06 -6.97 3.24
N GLU A 65 -7.99 -5.74 2.74
CA GLU A 65 -9.15 -4.85 2.71
C GLU A 65 -10.14 -5.30 1.65
N GLU A 66 -9.65 -5.50 0.43
CA GLU A 66 -10.50 -5.94 -0.67
C GLU A 66 -11.54 -6.95 -0.19
N LYS A 67 -11.16 -7.75 0.80
CA LYS A 67 -12.05 -8.77 1.34
C LYS A 67 -13.01 -8.16 2.37
N LEU A 68 -12.46 -7.46 3.35
CA LEU A 68 -13.27 -6.81 4.38
C LEU A 68 -14.38 -5.99 3.77
N ARG A 69 -14.07 -5.29 2.67
CA ARG A 69 -15.05 -4.46 1.99
C ARG A 69 -16.13 -5.31 1.34
N ASN A 70 -15.72 -6.40 0.70
CA ASN A 70 -16.66 -7.29 0.04
C ASN A 70 -17.73 -7.77 1.01
N GLN A 71 -17.35 -7.91 2.28
CA GLN A 71 -18.28 -8.36 3.30
C GLN A 71 -19.22 -7.23 3.73
N ARG A 72 -18.71 -6.01 3.67
CA ARG A 72 -19.51 -4.83 4.05
C ARG A 72 -20.10 -4.16 2.82
N ARG A 73 -20.15 -4.91 1.71
CA ARG A 73 -20.70 -4.37 0.47
C ARG A 73 -21.85 -3.42 0.75
N GLN A 74 -21.58 -2.12 0.63
CA GLN A 74 -22.60 -1.11 0.87
C GLN A 74 -23.64 -1.11 -0.25
N SER A 75 -24.86 -0.72 0.09
CA SER A 75 -25.95 -0.68 -0.89
C SER A 75 -25.85 0.56 -1.75
N GLY A 76 -26.76 0.68 -2.72
CA GLY A 76 -26.76 1.83 -3.61
C GLY A 76 -26.71 3.14 -2.85
N PRO A 77 -26.07 4.16 -3.47
CA PRO A 77 -25.94 5.48 -2.86
C PRO A 77 -27.27 6.24 -2.80
N SER A 78 -27.38 7.16 -1.86
CA SER A 78 -28.59 7.95 -1.70
C SER A 78 -28.30 9.44 -1.79
N SER A 79 -29.35 10.24 -1.94
CA SER A 79 -29.21 11.69 -2.05
C SER A 79 -30.40 12.39 -1.42
N GLY A 80 -30.11 13.38 -0.57
CA GLY A 80 -31.17 14.13 0.09
C GLY A 80 -31.00 15.62 -0.05
N GLY A 1 -4.18 -16.93 31.58
CA GLY A 1 -4.66 -16.62 30.24
C GLY A 1 -4.11 -17.59 29.20
N SER A 2 -4.28 -17.24 27.93
CA SER A 2 -3.80 -18.09 26.84
C SER A 2 -2.52 -17.53 26.24
N SER A 3 -1.86 -18.33 25.41
CA SER A 3 -0.62 -17.92 24.77
C SER A 3 -0.87 -17.50 23.32
N GLY A 4 -0.08 -16.54 22.84
CA GLY A 4 -0.22 -16.08 21.48
C GLY A 4 0.12 -14.60 21.33
N SER A 5 1.15 -14.31 20.55
CA SER A 5 1.58 -12.93 20.33
C SER A 5 1.28 -12.50 18.91
N SER A 6 1.20 -11.18 18.70
CA SER A 6 0.92 -10.63 17.38
C SER A 6 2.18 -10.04 16.76
N GLY A 7 2.84 -9.16 17.50
CA GLY A 7 4.06 -8.54 17.00
C GLY A 7 3.78 -7.54 15.90
N GLN A 8 3.19 -6.40 16.27
CA GLN A 8 2.88 -5.36 15.31
C GLN A 8 3.55 -4.05 15.70
N ARG A 9 4.39 -3.53 14.80
CA ARG A 9 5.09 -2.28 15.05
C ARG A 9 4.46 -1.13 14.26
N ASN A 10 4.63 0.09 14.76
CA ASN A 10 4.08 1.27 14.10
C ASN A 10 5.13 2.37 13.99
N ARG A 11 5.86 2.36 12.88
CA ARG A 11 6.89 3.36 12.64
C ARG A 11 6.91 3.79 11.18
N THR A 12 6.54 5.04 10.93
CA THR A 12 6.52 5.58 9.57
C THR A 12 7.78 6.39 9.27
N SER A 13 8.63 5.84 8.41
CA SER A 13 9.87 6.49 8.03
C SER A 13 9.64 7.49 6.90
N PHE A 14 8.92 7.05 5.88
CA PHE A 14 8.63 7.90 4.73
C PHE A 14 7.91 9.18 5.15
N THR A 15 7.85 10.15 4.25
CA THR A 15 7.20 11.42 4.54
C THR A 15 5.93 11.60 3.71
N GLN A 16 5.00 12.39 4.22
CA GLN A 16 3.74 12.64 3.53
C GLN A 16 4.00 13.07 2.08
N GLU A 17 5.09 13.78 1.86
CA GLU A 17 5.44 14.24 0.52
C GLU A 17 5.76 13.06 -0.40
N GLN A 18 6.24 11.96 0.20
CA GLN A 18 6.58 10.77 -0.57
C GLN A 18 5.40 9.81 -0.64
N ILE A 19 4.71 9.65 0.48
CA ILE A 19 3.55 8.77 0.55
C ILE A 19 2.51 9.14 -0.50
N GLU A 20 2.33 10.43 -0.73
CA GLU A 20 1.37 10.93 -1.70
C GLU A 20 1.69 10.38 -3.09
N ALA A 21 2.96 10.43 -3.48
CA ALA A 21 3.39 9.95 -4.77
C ALA A 21 3.45 8.42 -4.80
N LEU A 22 3.79 7.82 -3.66
CA LEU A 22 3.88 6.37 -3.55
C LEU A 22 2.49 5.73 -3.60
N GLU A 23 1.48 6.51 -3.21
CA GLU A 23 0.10 6.02 -3.22
C GLU A 23 -0.51 6.13 -4.62
N LYS A 24 -0.38 7.32 -5.21
CA LYS A 24 -0.93 7.57 -6.54
C LYS A 24 -0.41 6.54 -7.54
N GLU A 25 0.88 6.22 -7.44
CA GLU A 25 1.50 5.25 -8.34
C GLU A 25 0.87 3.87 -8.16
N PHE A 26 0.42 3.58 -6.95
CA PHE A 26 -0.21 2.30 -6.65
C PHE A 26 -1.59 2.21 -7.26
N GLU A 27 -2.36 3.30 -7.14
CA GLU A 27 -3.71 3.34 -7.68
C GLU A 27 -3.72 3.00 -9.17
N ARG A 28 -2.62 3.31 -9.85
CA ARG A 28 -2.49 3.03 -11.27
C ARG A 28 -1.94 1.64 -11.51
N THR A 29 -0.90 1.29 -10.75
CA THR A 29 -0.27 -0.02 -10.88
C THR A 29 0.26 -0.51 -9.54
N HIS A 30 -0.17 -1.70 -9.14
CA HIS A 30 0.26 -2.29 -7.88
C HIS A 30 1.69 -2.81 -7.96
N TYR A 31 2.18 -2.95 -9.19
CA TYR A 31 3.54 -3.45 -9.42
C TYR A 31 4.26 -2.59 -10.46
N PRO A 32 4.79 -1.44 -10.01
CA PRO A 32 5.51 -0.52 -10.89
C PRO A 32 6.86 -1.07 -11.34
N ASP A 33 6.92 -1.48 -12.60
CA ASP A 33 8.16 -2.03 -13.16
C ASP A 33 9.33 -1.09 -12.90
N VAL A 34 10.52 -1.50 -13.35
CA VAL A 34 11.72 -0.70 -13.18
C VAL A 34 11.54 0.70 -13.76
N PHE A 35 10.87 0.77 -14.91
CA PHE A 35 10.62 2.04 -15.58
C PHE A 35 9.75 2.95 -14.71
N ALA A 36 9.01 2.35 -13.80
CA ALA A 36 8.14 3.11 -12.90
C ALA A 36 8.85 3.45 -11.60
N ARG A 37 9.46 2.45 -10.97
CA ARG A 37 10.18 2.64 -9.73
C ARG A 37 11.30 3.67 -9.90
N GLU A 38 11.94 3.65 -11.06
CA GLU A 38 13.03 4.57 -11.35
C GLU A 38 12.52 6.00 -11.44
N ARG A 39 11.53 6.21 -12.29
CA ARG A 39 10.95 7.54 -12.47
C ARG A 39 10.45 8.11 -11.15
N LEU A 40 9.78 7.26 -10.36
CA LEU A 40 9.25 7.68 -9.07
C LEU A 40 10.38 7.94 -8.08
N ALA A 41 11.43 7.12 -8.15
CA ALA A 41 12.58 7.27 -7.26
C ALA A 41 13.02 8.72 -7.17
N ALA A 42 12.95 9.43 -8.29
CA ALA A 42 13.33 10.83 -8.35
C ALA A 42 12.15 11.75 -8.08
N LYS A 43 10.95 11.19 -8.19
CA LYS A 43 9.72 11.96 -7.96
C LYS A 43 9.52 12.22 -6.47
N ILE A 44 10.03 11.32 -5.64
CA ILE A 44 9.90 11.46 -4.20
C ILE A 44 11.28 11.41 -3.53
N ASP A 45 12.32 11.27 -4.32
CA ASP A 45 13.69 11.23 -3.80
C ASP A 45 13.89 9.99 -2.94
N LEU A 46 13.50 8.84 -3.47
CA LEU A 46 13.64 7.58 -2.74
C LEU A 46 14.37 6.53 -3.58
N PRO A 47 15.10 5.63 -2.91
CA PRO A 47 15.85 4.57 -3.58
C PRO A 47 14.94 3.51 -4.19
N GLU A 48 15.28 3.07 -5.40
CA GLU A 48 14.48 2.06 -6.09
C GLU A 48 14.23 0.86 -5.18
N ALA A 49 15.03 0.73 -4.13
CA ALA A 49 14.89 -0.37 -3.19
C ALA A 49 13.76 -0.10 -2.20
N ARG A 50 13.62 1.16 -1.80
CA ARG A 50 12.58 1.55 -0.84
C ARG A 50 11.20 1.36 -1.46
N ILE A 51 11.00 1.90 -2.64
CA ILE A 51 9.72 1.79 -3.34
C ILE A 51 9.18 0.37 -3.28
N GLN A 52 10.04 -0.59 -3.66
CA GLN A 52 9.66 -1.99 -3.66
C GLN A 52 9.02 -2.38 -2.33
N VAL A 53 9.66 -1.98 -1.23
CA VAL A 53 9.16 -2.29 0.10
C VAL A 53 7.82 -1.61 0.36
N TRP A 54 7.81 -0.28 0.31
CA TRP A 54 6.59 0.48 0.53
C TRP A 54 5.41 -0.16 -0.18
N PHE A 55 5.62 -0.56 -1.43
CA PHE A 55 4.56 -1.18 -2.21
C PHE A 55 4.23 -2.57 -1.67
N SER A 56 5.26 -3.31 -1.29
CA SER A 56 5.07 -4.65 -0.75
C SER A 56 4.10 -4.64 0.41
N ASN A 57 4.26 -3.68 1.31
CA ASN A 57 3.39 -3.55 2.48
C ASN A 57 1.96 -3.24 2.05
N ARG A 58 1.82 -2.41 1.02
CA ARG A 58 0.51 -2.03 0.52
C ARG A 58 -0.28 -3.25 0.07
N ARG A 59 0.31 -4.02 -0.85
CA ARG A 59 -0.34 -5.21 -1.37
C ARG A 59 -1.08 -5.96 -0.27
N ALA A 60 -0.42 -6.10 0.88
CA ALA A 60 -1.02 -6.80 2.02
C ALA A 60 -2.22 -6.03 2.56
N LYS A 61 -2.13 -4.70 2.53
CA LYS A 61 -3.22 -3.85 3.02
C LYS A 61 -4.35 -3.79 2.01
N TRP A 62 -4.02 -3.97 0.74
CA TRP A 62 -5.02 -3.94 -0.33
C TRP A 62 -5.76 -5.27 -0.42
N ARG A 63 -5.00 -6.36 -0.48
CA ARG A 63 -5.58 -7.68 -0.58
C ARG A 63 -6.50 -7.97 0.61
N ARG A 64 -6.04 -7.60 1.80
CA ARG A 64 -6.81 -7.81 3.01
C ARG A 64 -8.09 -6.98 3.00
N GLU A 65 -7.98 -5.73 2.56
CA GLU A 65 -9.12 -4.84 2.49
C GLU A 65 -10.15 -5.34 1.49
N GLU A 66 -9.71 -5.56 0.26
CA GLU A 66 -10.60 -6.03 -0.80
C GLU A 66 -11.39 -7.24 -0.32
N LYS A 67 -10.76 -8.09 0.48
CA LYS A 67 -11.39 -9.29 1.01
C LYS A 67 -12.57 -8.92 1.90
N LEU A 68 -12.33 -8.07 2.88
CA LEU A 68 -13.38 -7.63 3.81
C LEU A 68 -14.70 -7.43 3.08
N ARG A 69 -14.62 -7.05 1.81
CA ARG A 69 -15.81 -6.83 1.00
C ARG A 69 -16.27 -8.13 0.34
N ASN A 70 -15.31 -8.91 -0.15
CA ASN A 70 -15.62 -10.18 -0.80
C ASN A 70 -16.28 -11.15 0.18
N GLN A 71 -16.03 -10.94 1.47
CA GLN A 71 -16.60 -11.80 2.51
C GLN A 71 -18.05 -11.44 2.77
N ARG A 72 -18.37 -10.15 2.72
CA ARG A 72 -19.73 -9.68 2.96
C ARG A 72 -20.69 -10.34 1.97
N ARG A 73 -20.20 -10.67 0.79
CA ARG A 73 -21.02 -11.30 -0.24
C ARG A 73 -21.38 -12.73 0.15
N GLN A 74 -22.57 -13.17 -0.25
CA GLN A 74 -23.03 -14.51 0.06
C GLN A 74 -22.52 -15.52 -0.96
N SER A 75 -21.25 -15.36 -1.35
CA SER A 75 -20.63 -16.25 -2.33
C SER A 75 -21.00 -17.70 -2.05
N GLY A 76 -20.83 -18.12 -0.79
CA GLY A 76 -21.15 -19.49 -0.42
C GLY A 76 -20.96 -19.74 1.06
N PRO A 77 -19.76 -20.22 1.44
CA PRO A 77 -19.42 -20.51 2.84
C PRO A 77 -19.29 -19.24 3.68
N SER A 78 -20.33 -18.95 4.46
CA SER A 78 -20.34 -17.77 5.31
C SER A 78 -20.66 -18.14 6.75
N SER A 79 -19.75 -17.79 7.66
CA SER A 79 -19.93 -18.10 9.08
C SER A 79 -21.35 -17.75 9.53
N GLY A 80 -21.77 -16.51 9.28
CA GLY A 80 -23.09 -16.08 9.67
C GLY A 80 -24.17 -17.04 9.22
N GLY A 1 -1.75 -2.96 25.12
CA GLY A 1 -1.32 -2.96 26.50
C GLY A 1 0.15 -3.32 26.65
N SER A 2 0.54 -4.47 26.10
CA SER A 2 1.93 -4.92 26.18
C SER A 2 2.85 -4.01 25.37
N SER A 3 4.05 -3.79 25.88
CA SER A 3 5.02 -2.94 25.20
C SER A 3 4.92 -3.09 23.68
N GLY A 4 4.89 -1.96 22.99
CA GLY A 4 4.80 -1.99 21.54
C GLY A 4 5.84 -1.12 20.88
N SER A 5 7.09 -1.26 21.29
CA SER A 5 8.19 -0.48 20.74
C SER A 5 9.30 -1.38 20.23
N SER A 6 9.65 -1.22 18.95
CA SER A 6 10.70 -2.02 18.34
C SER A 6 11.50 -1.19 17.33
N GLY A 7 12.67 -1.70 16.95
CA GLY A 7 13.51 -0.99 16.01
C GLY A 7 14.97 -1.37 16.14
N GLN A 8 15.73 -1.18 15.07
CA GLN A 8 17.16 -1.50 15.07
C GLN A 8 17.99 -0.31 14.62
N ARG A 9 17.55 0.35 13.55
CA ARG A 9 18.25 1.51 13.01
C ARG A 9 17.39 2.76 13.13
N ASN A 10 18.05 3.90 13.30
CA ASN A 10 17.35 5.18 13.44
C ASN A 10 17.63 6.07 12.23
N ARG A 11 16.88 5.87 11.16
CA ARG A 11 17.04 6.65 9.94
C ARG A 11 15.69 7.14 9.42
N THR A 12 15.57 8.44 9.21
CA THR A 12 14.33 9.02 8.71
C THR A 12 13.65 8.11 7.71
N SER A 13 12.32 8.10 7.74
CA SER A 13 11.55 7.25 6.83
C SER A 13 10.73 8.11 5.87
N PHE A 14 9.90 7.44 5.06
CA PHE A 14 9.05 8.14 4.10
C PHE A 14 8.36 9.33 4.75
N THR A 15 7.91 10.27 3.91
CA THR A 15 7.23 11.46 4.40
C THR A 15 5.92 11.70 3.66
N GLN A 16 5.03 12.48 4.26
CA GLN A 16 3.74 12.78 3.65
C GLN A 16 3.91 13.23 2.21
N GLU A 17 5.11 13.68 1.87
CA GLU A 17 5.40 14.13 0.52
C GLU A 17 5.70 12.95 -0.41
N GLN A 18 6.28 11.90 0.15
CA GLN A 18 6.61 10.71 -0.62
C GLN A 18 5.44 9.73 -0.64
N ILE A 19 4.69 9.69 0.47
CA ILE A 19 3.55 8.79 0.58
C ILE A 19 2.46 9.15 -0.43
N GLU A 20 2.39 10.44 -0.77
CA GLU A 20 1.40 10.91 -1.72
C GLU A 20 1.70 10.40 -3.12
N ALA A 21 2.98 10.46 -3.50
CA ALA A 21 3.41 10.00 -4.82
C ALA A 21 3.42 8.49 -4.89
N LEU A 22 3.73 7.84 -3.78
CA LEU A 22 3.77 6.38 -3.72
C LEU A 22 2.36 5.80 -3.77
N GLU A 23 1.39 6.55 -3.26
CA GLU A 23 0.00 6.09 -3.25
C GLU A 23 -0.62 6.26 -4.63
N LYS A 24 -0.29 7.35 -5.30
CA LYS A 24 -0.82 7.64 -6.63
C LYS A 24 -0.33 6.60 -7.64
N GLU A 25 0.98 6.32 -7.60
CA GLU A 25 1.56 5.35 -8.52
C GLU A 25 0.94 3.97 -8.34
N PHE A 26 0.61 3.64 -7.10
CA PHE A 26 0.00 2.36 -6.78
C PHE A 26 -1.37 2.23 -7.43
N GLU A 27 -2.22 3.23 -7.24
CA GLU A 27 -3.55 3.23 -7.81
C GLU A 27 -3.51 2.85 -9.29
N ARG A 28 -2.51 3.37 -10.00
CA ARG A 28 -2.36 3.10 -11.42
C ARG A 28 -1.81 1.69 -11.65
N THR A 29 -0.86 1.29 -10.80
CA THR A 29 -0.26 -0.03 -10.91
C THR A 29 0.24 -0.52 -9.55
N HIS A 30 -0.25 -1.67 -9.12
CA HIS A 30 0.15 -2.25 -7.84
C HIS A 30 1.58 -2.77 -7.90
N TYR A 31 2.10 -2.91 -9.12
CA TYR A 31 3.46 -3.41 -9.32
C TYR A 31 4.21 -2.54 -10.32
N PRO A 32 4.73 -1.40 -9.84
CA PRO A 32 5.48 -0.47 -10.68
C PRO A 32 6.84 -1.02 -11.10
N ASP A 33 6.93 -1.47 -12.34
CA ASP A 33 8.17 -2.03 -12.86
C ASP A 33 9.33 -1.04 -12.70
N VAL A 34 10.51 -1.43 -13.13
CA VAL A 34 11.70 -0.58 -13.04
C VAL A 34 11.43 0.80 -13.62
N PHE A 35 10.75 0.83 -14.77
CA PHE A 35 10.43 2.08 -15.43
C PHE A 35 9.57 2.97 -14.54
N ALA A 36 8.92 2.35 -13.55
CA ALA A 36 8.06 3.08 -12.63
C ALA A 36 8.81 3.47 -11.36
N ARG A 37 9.52 2.51 -10.79
CA ARG A 37 10.29 2.74 -9.57
C ARG A 37 11.42 3.73 -9.84
N GLU A 38 11.96 3.69 -11.05
CA GLU A 38 13.06 4.59 -11.42
C GLU A 38 12.57 6.03 -11.52
N ARG A 39 11.52 6.25 -12.30
CA ARG A 39 10.97 7.58 -12.47
C ARG A 39 10.46 8.13 -11.15
N LEU A 40 9.72 7.31 -10.41
CA LEU A 40 9.18 7.73 -9.12
C LEU A 40 10.29 7.99 -8.11
N ALA A 41 11.29 7.12 -8.11
CA ALA A 41 12.43 7.27 -7.21
C ALA A 41 12.91 8.71 -7.15
N ALA A 42 12.81 9.41 -8.28
CA ALA A 42 13.24 10.79 -8.36
C ALA A 42 12.09 11.74 -8.07
N LYS A 43 10.86 11.23 -8.20
CA LYS A 43 9.67 12.03 -7.95
C LYS A 43 9.45 12.24 -6.45
N ILE A 44 9.98 11.31 -5.64
CA ILE A 44 9.85 11.40 -4.20
C ILE A 44 11.21 11.34 -3.52
N ASP A 45 12.26 11.24 -4.33
CA ASP A 45 13.62 11.18 -3.81
C ASP A 45 13.83 9.93 -2.96
N LEU A 46 13.40 8.79 -3.49
CA LEU A 46 13.54 7.52 -2.79
C LEU A 46 14.26 6.49 -3.66
N PRO A 47 15.03 5.61 -3.01
CA PRO A 47 15.79 4.55 -3.70
C PRO A 47 14.88 3.48 -4.28
N GLU A 48 15.15 3.09 -5.53
CA GLU A 48 14.36 2.08 -6.21
C GLU A 48 14.13 0.88 -5.29
N ALA A 49 15.00 0.71 -4.30
CA ALA A 49 14.90 -0.39 -3.36
C ALA A 49 13.78 -0.15 -2.35
N ARG A 50 13.64 1.10 -1.92
CA ARG A 50 12.61 1.47 -0.95
C ARG A 50 11.21 1.23 -1.52
N ILE A 51 10.94 1.86 -2.66
CA ILE A 51 9.63 1.72 -3.31
C ILE A 51 9.16 0.28 -3.28
N GLN A 52 10.06 -0.65 -3.61
CA GLN A 52 9.74 -2.07 -3.62
C GLN A 52 9.07 -2.48 -2.32
N VAL A 53 9.62 -2.00 -1.20
CA VAL A 53 9.07 -2.32 0.11
C VAL A 53 7.74 -1.62 0.34
N TRP A 54 7.77 -0.29 0.42
CA TRP A 54 6.57 0.50 0.63
C TRP A 54 5.39 -0.09 -0.14
N PHE A 55 5.68 -0.71 -1.28
CA PHE A 55 4.64 -1.31 -2.10
C PHE A 55 4.32 -2.73 -1.62
N SER A 56 5.35 -3.46 -1.21
CA SER A 56 5.18 -4.82 -0.75
C SER A 56 4.20 -4.88 0.42
N ASN A 57 4.34 -3.94 1.35
CA ASN A 57 3.47 -3.88 2.51
C ASN A 57 2.05 -3.48 2.10
N ARG A 58 1.94 -2.58 1.14
CA ARG A 58 0.65 -2.11 0.66
C ARG A 58 -0.19 -3.27 0.15
N ARG A 59 0.38 -4.03 -0.79
CA ARG A 59 -0.33 -5.17 -1.37
C ARG A 59 -1.11 -5.93 -0.29
N ALA A 60 -0.48 -6.16 0.85
CA ALA A 60 -1.12 -6.86 1.95
C ALA A 60 -2.29 -6.05 2.52
N LYS A 61 -2.12 -4.73 2.56
CA LYS A 61 -3.15 -3.84 3.08
C LYS A 61 -4.30 -3.71 2.08
N TRP A 62 -4.01 -3.98 0.81
CA TRP A 62 -5.02 -3.88 -0.24
C TRP A 62 -5.78 -5.20 -0.38
N ARG A 63 -5.05 -6.30 -0.43
CA ARG A 63 -5.65 -7.62 -0.56
C ARG A 63 -6.48 -7.96 0.67
N ARG A 64 -6.13 -7.37 1.81
CA ARG A 64 -6.84 -7.62 3.05
C ARG A 64 -8.07 -6.71 3.16
N GLU A 65 -7.92 -5.48 2.69
CA GLU A 65 -9.02 -4.52 2.74
C GLU A 65 -10.08 -4.85 1.69
N GLU A 66 -9.65 -5.03 0.45
CA GLU A 66 -10.56 -5.35 -0.64
C GLU A 66 -11.63 -6.33 -0.17
N LYS A 67 -11.28 -7.17 0.79
CA LYS A 67 -12.22 -8.16 1.33
C LYS A 67 -13.12 -7.54 2.39
N LEU A 68 -12.50 -6.92 3.39
CA LEU A 68 -13.25 -6.28 4.47
C LEU A 68 -14.28 -5.29 3.91
N ARG A 69 -13.87 -4.54 2.89
CA ARG A 69 -14.76 -3.56 2.27
C ARG A 69 -16.13 -4.18 1.97
N ASN A 70 -16.13 -5.32 1.29
CA ASN A 70 -17.37 -6.01 0.94
C ASN A 70 -18.09 -6.49 2.19
N GLN A 71 -17.33 -7.02 3.15
CA GLN A 71 -17.91 -7.51 4.39
C GLN A 71 -18.85 -6.48 5.01
N ARG A 72 -18.42 -5.22 5.01
CA ARG A 72 -19.23 -4.14 5.56
C ARG A 72 -20.17 -3.57 4.51
N ARG A 73 -19.74 -3.60 3.25
CA ARG A 73 -20.55 -3.09 2.15
C ARG A 73 -22.01 -3.51 2.30
N GLN A 74 -22.92 -2.60 1.98
CA GLN A 74 -24.35 -2.89 2.08
C GLN A 74 -24.66 -4.30 1.60
N SER A 75 -24.06 -4.68 0.47
CA SER A 75 -24.27 -6.01 -0.09
C SER A 75 -24.07 -7.09 0.96
N GLY A 76 -25.12 -7.86 1.23
CA GLY A 76 -25.03 -8.92 2.22
C GLY A 76 -26.19 -8.90 3.19
N PRO A 77 -26.00 -8.22 4.33
CA PRO A 77 -27.01 -8.11 5.38
C PRO A 77 -28.19 -7.25 4.95
N SER A 78 -29.30 -7.89 4.57
CA SER A 78 -30.50 -7.18 4.14
C SER A 78 -31.36 -6.80 5.33
N SER A 79 -31.16 -5.58 5.84
CA SER A 79 -31.92 -5.10 6.99
C SER A 79 -31.95 -3.57 7.01
N GLY A 80 -33.12 -3.00 7.30
CA GLY A 80 -33.25 -1.56 7.34
C GLY A 80 -34.68 -1.10 7.20
N GLY A 1 -2.49 -26.53 17.07
CA GLY A 1 -2.02 -25.19 16.79
C GLY A 1 -0.80 -25.18 15.89
N SER A 2 -0.36 -23.98 15.51
CA SER A 2 0.80 -23.84 14.64
C SER A 2 1.80 -22.83 15.21
N SER A 3 1.29 -21.67 15.59
CA SER A 3 2.13 -20.61 16.16
C SER A 3 3.27 -20.25 15.19
N GLY A 4 2.95 -20.19 13.91
CA GLY A 4 3.95 -19.85 12.91
C GLY A 4 3.67 -18.53 12.22
N SER A 5 3.54 -17.47 13.01
CA SER A 5 3.26 -16.15 12.46
C SER A 5 4.14 -15.08 13.13
N SER A 6 4.61 -14.14 12.34
CA SER A 6 5.46 -13.06 12.84
C SER A 6 5.21 -11.77 12.09
N GLY A 7 5.88 -10.70 12.51
CA GLY A 7 5.72 -9.41 11.87
C GLY A 7 5.05 -8.39 12.77
N GLN A 8 3.84 -8.00 12.40
CA GLN A 8 3.09 -7.02 13.18
C GLN A 8 3.94 -5.79 13.49
N ARG A 9 4.72 -5.36 12.50
CA ARG A 9 5.58 -4.20 12.67
C ARG A 9 5.50 -3.28 11.45
N ASN A 10 5.53 -1.97 11.70
CA ASN A 10 5.46 -0.98 10.63
C ASN A 10 6.13 0.32 11.04
N ARG A 11 7.12 0.73 10.26
CA ARG A 11 7.85 1.96 10.54
C ARG A 11 7.48 3.06 9.55
N THR A 12 7.21 4.25 10.06
CA THR A 12 6.84 5.38 9.21
C THR A 12 8.07 6.08 8.65
N SER A 13 9.03 5.28 8.18
CA SER A 13 10.26 5.82 7.61
C SER A 13 9.96 6.82 6.51
N PHE A 14 8.92 6.54 5.73
CA PHE A 14 8.52 7.42 4.63
C PHE A 14 7.82 8.66 5.16
N THR A 15 7.61 9.63 4.27
CA THR A 15 6.94 10.88 4.64
C THR A 15 5.68 11.09 3.82
N GLN A 16 4.74 11.84 4.38
CA GLN A 16 3.48 12.13 3.69
C GLN A 16 3.73 12.64 2.27
N GLU A 17 4.85 13.35 2.10
CA GLU A 17 5.20 13.90 0.80
C GLU A 17 5.53 12.78 -0.19
N GLN A 18 6.02 11.65 0.33
CA GLN A 18 6.38 10.51 -0.50
C GLN A 18 5.20 9.56 -0.65
N ILE A 19 4.45 9.37 0.45
CA ILE A 19 3.30 8.48 0.43
C ILE A 19 2.27 8.93 -0.61
N GLU A 20 2.13 10.24 -0.76
CA GLU A 20 1.19 10.80 -1.73
C GLU A 20 1.54 10.38 -3.15
N ALA A 21 2.83 10.45 -3.47
CA ALA A 21 3.30 10.07 -4.79
C ALA A 21 3.38 8.55 -4.95
N LEU A 22 3.62 7.86 -3.83
CA LEU A 22 3.72 6.41 -3.84
C LEU A 22 2.34 5.77 -3.96
N GLU A 23 1.31 6.50 -3.53
CA GLU A 23 -0.06 6.01 -3.58
C GLU A 23 -0.63 6.17 -4.99
N LYS A 24 -0.38 7.32 -5.60
CA LYS A 24 -0.87 7.59 -6.94
C LYS A 24 -0.33 6.57 -7.94
N GLU A 25 0.90 6.12 -7.72
CA GLU A 25 1.52 5.14 -8.61
C GLU A 25 1.00 3.74 -8.30
N PHE A 26 0.47 3.55 -7.10
CA PHE A 26 -0.06 2.25 -6.68
C PHE A 26 -1.49 2.08 -7.16
N GLU A 27 -2.28 3.15 -7.08
CA GLU A 27 -3.67 3.11 -7.51
C GLU A 27 -3.78 2.75 -9.00
N ARG A 28 -2.66 2.87 -9.71
CA ARG A 28 -2.63 2.57 -11.13
C ARG A 28 -2.01 1.19 -11.37
N THR A 29 -0.97 0.87 -10.61
CA THR A 29 -0.29 -0.41 -10.75
C THR A 29 0.35 -0.83 -9.43
N HIS A 30 0.03 -2.05 -8.98
CA HIS A 30 0.58 -2.57 -7.73
C HIS A 30 2.01 -3.05 -7.92
N TYR A 31 2.42 -3.20 -9.18
CA TYR A 31 3.77 -3.65 -9.50
C TYR A 31 4.45 -2.70 -10.49
N PRO A 32 4.96 -1.59 -9.97
CA PRO A 32 5.64 -0.57 -10.79
C PRO A 32 6.99 -1.07 -11.32
N ASP A 33 7.01 -1.43 -12.59
CA ASP A 33 8.23 -1.92 -13.22
C ASP A 33 9.40 -0.96 -12.97
N VAL A 34 10.57 -1.33 -13.44
CA VAL A 34 11.76 -0.50 -13.27
C VAL A 34 11.54 0.91 -13.79
N PHE A 35 10.75 1.02 -14.86
CA PHE A 35 10.44 2.32 -15.46
C PHE A 35 9.58 3.15 -14.52
N ALA A 36 8.92 2.49 -13.57
CA ALA A 36 8.07 3.18 -12.61
C ALA A 36 8.83 3.51 -11.33
N ARG A 37 9.47 2.51 -10.76
CA ARG A 37 10.23 2.69 -9.53
C ARG A 37 11.36 3.71 -9.74
N GLU A 38 11.95 3.69 -10.92
CA GLU A 38 13.04 4.61 -11.25
C GLU A 38 12.54 6.04 -11.32
N ARG A 39 11.56 6.28 -12.20
CA ARG A 39 10.99 7.61 -12.35
C ARG A 39 10.50 8.16 -11.02
N LEU A 40 9.75 7.34 -10.28
CA LEU A 40 9.22 7.74 -8.99
C LEU A 40 10.36 8.03 -7.99
N ALA A 41 11.37 7.16 -8.00
CA ALA A 41 12.51 7.32 -7.11
C ALA A 41 13.00 8.76 -7.10
N ALA A 42 13.07 9.37 -8.27
CA ALA A 42 13.52 10.74 -8.40
C ALA A 42 12.39 11.72 -8.12
N LYS A 43 11.16 11.22 -8.16
CA LYS A 43 9.98 12.06 -7.92
C LYS A 43 9.78 12.29 -6.42
N ILE A 44 10.11 11.27 -5.62
CA ILE A 44 9.98 11.37 -4.18
C ILE A 44 11.33 11.27 -3.48
N ASP A 45 12.39 11.30 -4.27
CA ASP A 45 13.75 11.22 -3.74
C ASP A 45 13.93 9.95 -2.92
N LEU A 46 13.42 8.84 -3.45
CA LEU A 46 13.53 7.55 -2.76
C LEU A 46 14.28 6.54 -3.61
N PRO A 47 15.05 5.66 -2.96
CA PRO A 47 15.83 4.62 -3.64
C PRO A 47 14.95 3.54 -4.25
N GLU A 48 15.30 3.11 -5.46
CA GLU A 48 14.54 2.08 -6.16
C GLU A 48 14.31 0.87 -5.26
N ALA A 49 15.12 0.77 -4.21
CA ALA A 49 15.01 -0.34 -3.26
C ALA A 49 13.89 -0.11 -2.27
N ARG A 50 13.70 1.15 -1.87
CA ARG A 50 12.66 1.50 -0.92
C ARG A 50 11.27 1.29 -1.52
N ILE A 51 11.04 1.90 -2.68
CA ILE A 51 9.76 1.78 -3.36
C ILE A 51 9.27 0.33 -3.36
N GLN A 52 10.17 -0.60 -3.65
CA GLN A 52 9.84 -2.01 -3.67
C GLN A 52 9.13 -2.43 -2.38
N VAL A 53 9.71 -2.04 -1.25
CA VAL A 53 9.13 -2.38 0.05
C VAL A 53 7.78 -1.69 0.24
N TRP A 54 7.79 -0.36 0.25
CA TRP A 54 6.56 0.40 0.43
C TRP A 54 5.42 -0.22 -0.35
N PHE A 55 5.73 -0.73 -1.55
CA PHE A 55 4.71 -1.34 -2.40
C PHE A 55 4.39 -2.75 -1.92
N SER A 56 5.41 -3.47 -1.46
CA SER A 56 5.24 -4.83 -0.97
C SER A 56 4.26 -4.87 0.19
N ASN A 57 4.46 -3.96 1.15
CA ASN A 57 3.60 -3.90 2.32
C ASN A 57 2.19 -3.41 1.94
N ARG A 58 2.13 -2.50 0.98
CA ARG A 58 0.86 -1.96 0.52
C ARG A 58 -0.08 -3.07 0.06
N ARG A 59 0.41 -3.91 -0.85
CA ARG A 59 -0.38 -5.01 -1.38
C ARG A 59 -1.17 -5.69 -0.26
N ALA A 60 -0.50 -5.95 0.87
CA ALA A 60 -1.14 -6.59 2.01
C ALA A 60 -2.25 -5.72 2.57
N LYS A 61 -2.06 -4.40 2.52
CA LYS A 61 -3.06 -3.47 3.03
C LYS A 61 -4.24 -3.36 2.07
N TRP A 62 -3.98 -3.62 0.78
CA TRP A 62 -5.03 -3.54 -0.23
C TRP A 62 -5.82 -4.84 -0.28
N ARG A 63 -5.11 -5.97 -0.22
CA ARG A 63 -5.75 -7.28 -0.27
C ARG A 63 -6.62 -7.50 0.97
N ARG A 64 -6.13 -7.05 2.12
CA ARG A 64 -6.86 -7.21 3.37
C ARG A 64 -8.07 -6.30 3.40
N GLU A 65 -7.92 -5.09 2.90
CA GLU A 65 -9.01 -4.12 2.87
C GLU A 65 -10.07 -4.53 1.85
N GLU A 66 -9.64 -4.71 0.61
CA GLU A 66 -10.55 -5.09 -0.47
C GLU A 66 -11.58 -6.10 0.03
N LYS A 67 -11.18 -6.94 0.98
CA LYS A 67 -12.07 -7.95 1.55
C LYS A 67 -13.09 -7.30 2.48
N LEU A 68 -12.61 -6.68 3.54
CA LEU A 68 -13.49 -6.03 4.50
C LEU A 68 -14.66 -5.34 3.80
N ARG A 69 -14.36 -4.71 2.68
CA ARG A 69 -15.39 -4.00 1.90
C ARG A 69 -16.32 -4.99 1.21
N ASN A 70 -15.75 -5.96 0.51
CA ASN A 70 -16.54 -6.97 -0.19
C ASN A 70 -17.52 -7.64 0.76
N GLN A 71 -17.16 -7.70 2.03
CA GLN A 71 -18.01 -8.32 3.04
C GLN A 71 -19.24 -7.47 3.31
N ARG A 72 -19.04 -6.16 3.41
CA ARG A 72 -20.14 -5.23 3.68
C ARG A 72 -21.17 -5.29 2.55
N ARG A 73 -20.69 -5.57 1.34
CA ARG A 73 -21.57 -5.64 0.18
C ARG A 73 -21.89 -7.09 -0.18
N GLN A 74 -22.88 -7.28 -1.04
CA GLN A 74 -23.28 -8.62 -1.46
C GLN A 74 -22.34 -9.16 -2.53
N SER A 75 -21.77 -10.33 -2.28
CA SER A 75 -20.85 -10.95 -3.23
C SER A 75 -20.81 -12.46 -3.04
N GLY A 76 -20.62 -13.18 -4.13
CA GLY A 76 -20.56 -14.63 -4.07
C GLY A 76 -19.18 -15.15 -3.73
N PRO A 77 -19.11 -16.26 -3.00
CA PRO A 77 -17.85 -16.88 -2.60
C PRO A 77 -17.11 -17.50 -3.77
N SER A 78 -15.83 -17.83 -3.56
CA SER A 78 -15.02 -18.43 -4.61
C SER A 78 -14.75 -19.90 -4.31
N SER A 79 -14.42 -20.66 -5.35
CA SER A 79 -14.15 -22.08 -5.21
C SER A 79 -13.27 -22.34 -3.99
N GLY A 80 -13.33 -23.56 -3.48
CA GLY A 80 -12.54 -23.93 -2.31
C GLY A 80 -11.17 -23.29 -2.33
N GLY A 1 6.78 -12.38 -2.95
CA GLY A 1 5.34 -12.29 -3.05
C GLY A 1 4.65 -13.59 -2.73
N SER A 2 4.86 -14.09 -1.52
CA SER A 2 4.26 -15.35 -1.08
C SER A 2 3.17 -15.10 -0.05
N SER A 3 2.15 -15.95 -0.04
CA SER A 3 1.04 -15.82 0.89
C SER A 3 1.55 -15.54 2.30
N GLY A 4 0.72 -14.87 3.10
CA GLY A 4 1.10 -14.54 4.46
C GLY A 4 2.18 -13.48 4.52
N SER A 5 1.78 -12.24 4.68
CA SER A 5 2.73 -11.12 4.75
C SER A 5 2.97 -10.70 6.20
N SER A 6 4.05 -11.21 6.78
CA SER A 6 4.40 -10.89 8.16
C SER A 6 5.34 -9.69 8.22
N GLY A 7 5.28 -8.95 9.32
CA GLY A 7 6.12 -7.79 9.49
C GLY A 7 5.39 -6.49 9.18
N GLN A 8 5.62 -5.47 10.00
CA GLN A 8 4.98 -4.18 9.80
C GLN A 8 5.55 -3.14 10.76
N ARG A 9 6.37 -2.24 10.24
CA ARG A 9 6.98 -1.20 11.05
C ARG A 9 5.92 -0.41 11.81
N ASN A 10 6.35 0.29 12.86
CA ASN A 10 5.43 1.09 13.67
C ASN A 10 5.62 2.57 13.39
N ARG A 11 6.84 3.06 13.58
CA ARG A 11 7.15 4.47 13.35
C ARG A 11 7.00 4.82 11.88
N THR A 12 6.65 6.08 11.62
CA THR A 12 6.47 6.54 10.25
C THR A 12 7.80 6.96 9.62
N SER A 13 8.36 6.08 8.81
CA SER A 13 9.64 6.35 8.16
C SER A 13 9.47 7.36 7.04
N PHE A 14 8.63 7.01 6.06
CA PHE A 14 8.38 7.89 4.92
C PHE A 14 7.61 9.14 5.35
N THR A 15 7.44 10.07 4.43
CA THR A 15 6.74 11.32 4.70
C THR A 15 5.52 11.47 3.81
N GLN A 16 4.54 12.22 4.28
CA GLN A 16 3.31 12.46 3.52
C GLN A 16 3.63 12.94 2.11
N GLU A 17 4.75 13.65 1.97
CA GLU A 17 5.16 14.17 0.67
C GLU A 17 5.54 13.03 -0.28
N GLN A 18 6.03 11.94 0.29
CA GLN A 18 6.43 10.78 -0.50
C GLN A 18 5.27 9.80 -0.65
N ILE A 19 4.56 9.56 0.44
CA ILE A 19 3.43 8.64 0.43
C ILE A 19 2.41 9.05 -0.64
N GLU A 20 2.22 10.35 -0.80
CA GLU A 20 1.27 10.86 -1.78
C GLU A 20 1.64 10.38 -3.19
N ALA A 21 2.92 10.44 -3.51
CA ALA A 21 3.41 10.02 -4.82
C ALA A 21 3.49 8.50 -4.91
N LEU A 22 3.76 7.86 -3.77
CA LEU A 22 3.86 6.41 -3.73
C LEU A 22 2.48 5.76 -3.83
N GLU A 23 1.45 6.51 -3.48
CA GLU A 23 0.09 6.00 -3.54
C GLU A 23 -0.51 6.20 -4.94
N LYS A 24 -0.22 7.34 -5.54
CA LYS A 24 -0.72 7.65 -6.88
C LYS A 24 -0.22 6.62 -7.89
N GLU A 25 0.98 6.11 -7.68
CA GLU A 25 1.57 5.12 -8.57
C GLU A 25 0.99 3.74 -8.31
N PHE A 26 0.51 3.52 -7.08
CA PHE A 26 -0.07 2.25 -6.70
C PHE A 26 -1.51 2.12 -7.21
N GLU A 27 -2.26 3.21 -7.07
CA GLU A 27 -3.66 3.23 -7.51
C GLU A 27 -3.76 2.87 -8.99
N ARG A 28 -2.67 3.05 -9.72
CA ARG A 28 -2.63 2.74 -11.14
C ARG A 28 -2.03 1.36 -11.39
N THR A 29 -0.94 1.06 -10.70
CA THR A 29 -0.27 -0.22 -10.84
C THR A 29 0.35 -0.67 -9.52
N HIS A 30 0.05 -1.91 -9.12
CA HIS A 30 0.58 -2.45 -7.87
C HIS A 30 2.02 -2.94 -8.06
N TYR A 31 2.43 -3.06 -9.32
CA TYR A 31 3.78 -3.52 -9.64
C TYR A 31 4.45 -2.60 -10.64
N PRO A 32 4.98 -1.47 -10.15
CA PRO A 32 5.66 -0.48 -10.99
C PRO A 32 7.00 -0.98 -11.52
N ASP A 33 7.01 -1.34 -12.81
CA ASP A 33 8.23 -1.84 -13.44
C ASP A 33 9.42 -0.93 -13.13
N VAL A 34 10.59 -1.33 -13.61
CA VAL A 34 11.80 -0.54 -13.40
C VAL A 34 11.62 0.90 -13.91
N PHE A 35 10.89 1.04 -15.01
CA PHE A 35 10.65 2.34 -15.59
C PHE A 35 9.78 3.20 -14.67
N ALA A 36 9.08 2.55 -13.75
CA ALA A 36 8.22 3.24 -12.81
C ALA A 36 8.94 3.56 -11.52
N ARG A 37 9.55 2.54 -10.92
CA ARG A 37 10.27 2.70 -9.66
C ARG A 37 11.41 3.72 -9.83
N GLU A 38 12.02 3.73 -11.00
CA GLU A 38 13.11 4.65 -11.29
C GLU A 38 12.60 6.09 -11.36
N ARG A 39 11.65 6.33 -12.25
CA ARG A 39 11.08 7.65 -12.43
C ARG A 39 10.57 8.21 -11.11
N LEU A 40 9.89 7.35 -10.33
CA LEU A 40 9.35 7.77 -9.04
C LEU A 40 10.47 8.00 -8.04
N ALA A 41 11.51 7.17 -8.11
CA ALA A 41 12.65 7.29 -7.20
C ALA A 41 13.09 8.74 -7.07
N ALA A 42 13.02 9.49 -8.17
CA ALA A 42 13.41 10.89 -8.18
C ALA A 42 12.21 11.79 -7.91
N LYS A 43 11.02 11.24 -8.07
CA LYS A 43 9.79 12.00 -7.85
C LYS A 43 9.57 12.25 -6.36
N ILE A 44 10.10 11.36 -5.53
CA ILE A 44 9.96 11.48 -4.09
C ILE A 44 11.32 11.45 -3.40
N ASP A 45 12.37 11.22 -4.18
CA ASP A 45 13.73 11.17 -3.65
C ASP A 45 13.93 9.90 -2.83
N LEU A 46 13.46 8.77 -3.35
CA LEU A 46 13.59 7.50 -2.66
C LEU A 46 14.31 6.47 -3.54
N PRO A 47 15.06 5.57 -2.89
CA PRO A 47 15.82 4.52 -3.59
C PRO A 47 14.90 3.48 -4.22
N GLU A 48 15.24 3.05 -5.44
CA GLU A 48 14.45 2.05 -6.14
C GLU A 48 14.17 0.85 -5.25
N ALA A 49 14.97 0.71 -4.20
CA ALA A 49 14.82 -0.41 -3.28
C ALA A 49 13.69 -0.16 -2.29
N ARG A 50 13.58 1.09 -1.82
CA ARG A 50 12.55 1.47 -0.87
C ARG A 50 11.16 1.27 -1.48
N ILE A 51 10.95 1.85 -2.65
CA ILE A 51 9.67 1.75 -3.34
C ILE A 51 9.16 0.31 -3.35
N GLN A 52 10.04 -0.62 -3.72
CA GLN A 52 9.68 -2.03 -3.76
C GLN A 52 9.00 -2.46 -2.47
N VAL A 53 9.63 -2.15 -1.34
CA VAL A 53 9.09 -2.50 -0.04
C VAL A 53 7.73 -1.83 0.20
N TRP A 54 7.73 -0.51 0.17
CA TRP A 54 6.50 0.25 0.38
C TRP A 54 5.35 -0.35 -0.41
N PHE A 55 5.64 -0.82 -1.62
CA PHE A 55 4.63 -1.42 -2.47
C PHE A 55 4.30 -2.84 -2.02
N SER A 56 5.32 -3.54 -1.51
CA SER A 56 5.14 -4.91 -1.03
C SER A 56 4.19 -4.96 0.16
N ASN A 57 4.41 -4.06 1.12
CA ASN A 57 3.56 -4.00 2.31
C ASN A 57 2.15 -3.58 1.95
N ARG A 58 2.03 -2.59 1.08
CA ARG A 58 0.72 -2.09 0.66
C ARG A 58 -0.18 -3.24 0.22
N ARG A 59 0.31 -4.05 -0.72
CA ARG A 59 -0.45 -5.19 -1.22
C ARG A 59 -1.15 -5.92 -0.08
N ALA A 60 -0.49 -6.00 1.07
CA ALA A 60 -1.06 -6.67 2.22
C ALA A 60 -2.27 -5.93 2.75
N LYS A 61 -2.19 -4.60 2.79
CA LYS A 61 -3.29 -3.77 3.27
C LYS A 61 -4.40 -3.69 2.23
N TRP A 62 -4.02 -3.69 0.97
CA TRP A 62 -4.99 -3.63 -0.13
C TRP A 62 -5.76 -4.93 -0.25
N ARG A 63 -5.06 -6.05 -0.13
CA ARG A 63 -5.69 -7.36 -0.22
C ARG A 63 -6.55 -7.64 1.00
N ARG A 64 -6.11 -7.14 2.15
CA ARG A 64 -6.85 -7.35 3.40
C ARG A 64 -8.07 -6.43 3.46
N GLU A 65 -7.90 -5.19 3.00
CA GLU A 65 -8.99 -4.22 3.01
C GLU A 65 -10.07 -4.60 1.99
N GLU A 66 -9.65 -4.80 0.75
CA GLU A 66 -10.58 -5.16 -0.32
C GLU A 66 -11.68 -6.07 0.22
N LYS A 67 -11.33 -6.93 1.16
CA LYS A 67 -12.29 -7.85 1.76
C LYS A 67 -13.21 -7.12 2.73
N LEU A 68 -12.62 -6.46 3.72
CA LEU A 68 -13.38 -5.73 4.72
C LEU A 68 -14.45 -4.85 4.06
N ARG A 69 -14.08 -4.22 2.95
CA ARG A 69 -15.00 -3.36 2.22
C ARG A 69 -16.31 -4.09 1.93
N ASN A 70 -16.20 -5.38 1.58
CA ASN A 70 -17.37 -6.19 1.27
C ASN A 70 -18.24 -6.39 2.51
N GLN A 71 -17.59 -6.44 3.68
CA GLN A 71 -18.30 -6.63 4.94
C GLN A 71 -19.18 -5.43 5.25
N ARG A 72 -18.97 -4.34 4.52
CA ARG A 72 -19.73 -3.11 4.72
C ARG A 72 -20.74 -2.91 3.60
N ARG A 73 -21.07 -3.99 2.90
CA ARG A 73 -22.02 -3.93 1.80
C ARG A 73 -21.90 -2.60 1.05
N GLN A 74 -20.68 -2.08 0.98
CA GLN A 74 -20.44 -0.81 0.30
C GLN A 74 -20.25 -1.03 -1.20
N SER A 75 -19.30 -1.89 -1.55
CA SER A 75 -19.01 -2.18 -2.95
C SER A 75 -18.89 -3.68 -3.18
N GLY A 76 -19.11 -4.10 -4.42
CA GLY A 76 -19.02 -5.51 -4.75
C GLY A 76 -19.57 -5.82 -6.12
N PRO A 77 -19.46 -7.10 -6.55
CA PRO A 77 -19.95 -7.55 -7.85
C PRO A 77 -21.47 -7.56 -7.93
N SER A 78 -22.01 -6.73 -8.82
CA SER A 78 -23.46 -6.65 -8.98
C SER A 78 -23.94 -7.66 -10.02
N SER A 79 -25.01 -8.37 -9.68
CA SER A 79 -25.58 -9.38 -10.57
C SER A 79 -26.83 -8.86 -11.25
N GLY A 80 -26.76 -8.67 -12.57
CA GLY A 80 -27.90 -8.17 -13.31
C GLY A 80 -28.12 -8.93 -14.60
N GLY A 1 -5.17 -15.63 26.37
CA GLY A 1 -3.90 -14.92 26.57
C GLY A 1 -3.17 -14.68 25.27
N SER A 2 -2.79 -13.43 25.03
CA SER A 2 -2.07 -13.09 23.81
C SER A 2 -0.86 -12.21 24.12
N SER A 3 0.18 -12.32 23.31
CA SER A 3 1.40 -11.54 23.50
C SER A 3 1.07 -10.07 23.73
N GLY A 4 1.87 -9.43 24.58
CA GLY A 4 1.65 -8.02 24.87
C GLY A 4 2.94 -7.24 24.98
N SER A 5 3.55 -6.93 23.83
CA SER A 5 4.80 -6.19 23.80
C SER A 5 4.54 -4.71 23.54
N SER A 6 5.31 -3.86 24.21
CA SER A 6 5.17 -2.42 24.05
C SER A 6 6.48 -1.79 23.55
N GLY A 7 6.45 -0.49 23.32
CA GLY A 7 7.62 0.21 22.83
C GLY A 7 7.29 1.22 21.75
N GLN A 8 7.61 0.88 20.50
CA GLN A 8 7.36 1.76 19.38
C GLN A 8 6.06 1.37 18.67
N ARG A 9 5.03 2.19 18.84
CA ARG A 9 3.74 1.93 18.22
C ARG A 9 3.81 2.14 16.71
N ASN A 10 4.29 3.31 16.31
CA ASN A 10 4.41 3.64 14.89
C ASN A 10 5.75 4.31 14.60
N ARG A 11 6.49 3.74 13.66
CA ARG A 11 7.80 4.28 13.28
C ARG A 11 7.69 5.15 12.03
N THR A 12 8.25 6.35 12.11
CA THR A 12 8.21 7.28 10.98
C THR A 12 9.39 7.05 10.05
N SER A 13 9.10 6.65 8.81
CA SER A 13 10.14 6.40 7.83
C SER A 13 9.97 7.31 6.61
N PHE A 14 8.80 7.24 5.98
CA PHE A 14 8.51 8.06 4.81
C PHE A 14 7.79 9.33 5.21
N THR A 15 7.72 10.28 4.28
CA THR A 15 7.06 11.56 4.53
C THR A 15 5.80 11.69 3.68
N GLN A 16 4.84 12.48 4.17
CA GLN A 16 3.59 12.70 3.46
C GLN A 16 3.85 13.13 2.02
N GLU A 17 4.97 13.81 1.81
CA GLU A 17 5.33 14.28 0.47
C GLU A 17 5.68 13.11 -0.44
N GLN A 18 6.19 12.04 0.15
CA GLN A 18 6.58 10.85 -0.61
C GLN A 18 5.42 9.87 -0.70
N ILE A 19 4.66 9.75 0.37
CA ILE A 19 3.53 8.85 0.42
C ILE A 19 2.47 9.24 -0.62
N GLU A 20 2.42 10.52 -0.94
CA GLU A 20 1.46 11.02 -1.92
C GLU A 20 1.80 10.53 -3.33
N ALA A 21 3.09 10.52 -3.65
CA ALA A 21 3.56 10.06 -4.95
C ALA A 21 3.58 8.53 -5.03
N LEU A 22 3.84 7.90 -3.90
CA LEU A 22 3.89 6.44 -3.83
C LEU A 22 2.49 5.85 -3.92
N GLU A 23 1.49 6.64 -3.51
CA GLU A 23 0.10 6.18 -3.54
C GLU A 23 -0.48 6.31 -4.95
N LYS A 24 -0.21 7.44 -5.60
CA LYS A 24 -0.70 7.68 -6.95
C LYS A 24 -0.16 6.64 -7.92
N GLU A 25 1.01 6.11 -7.61
CA GLU A 25 1.64 5.10 -8.47
C GLU A 25 1.09 3.71 -8.16
N PHE A 26 0.59 3.53 -6.94
CA PHE A 26 0.04 2.26 -6.53
C PHE A 26 -1.43 2.14 -6.93
N GLU A 27 -2.16 3.24 -6.82
CA GLU A 27 -3.57 3.26 -7.17
C GLU A 27 -3.77 2.91 -8.64
N ARG A 28 -2.75 3.17 -9.44
CA ARG A 28 -2.81 2.88 -10.87
C ARG A 28 -2.27 1.49 -11.17
N THR A 29 -1.09 1.19 -10.63
CA THR A 29 -0.46 -0.10 -10.84
C THR A 29 0.19 -0.61 -9.56
N HIS A 30 -0.21 -1.80 -9.12
CA HIS A 30 0.34 -2.40 -7.91
C HIS A 30 1.75 -2.92 -8.15
N TYR A 31 2.13 -3.00 -9.42
CA TYR A 31 3.45 -3.48 -9.79
C TYR A 31 4.18 -2.48 -10.68
N PRO A 32 4.76 -1.45 -10.05
CA PRO A 32 5.50 -0.40 -10.76
C PRO A 32 6.81 -0.91 -11.35
N ASP A 33 6.76 -1.30 -12.62
CA ASP A 33 7.95 -1.80 -13.31
C ASP A 33 9.15 -0.89 -13.05
N VAL A 34 10.32 -1.31 -13.53
CA VAL A 34 11.54 -0.54 -13.36
C VAL A 34 11.37 0.88 -13.87
N PHE A 35 10.56 1.03 -14.90
CA PHE A 35 10.30 2.35 -15.49
C PHE A 35 9.48 3.22 -14.55
N ALA A 36 8.83 2.58 -13.57
CA ALA A 36 8.01 3.29 -12.61
C ALA A 36 8.79 3.60 -11.34
N ARG A 37 9.47 2.60 -10.81
CA ARG A 37 10.26 2.76 -9.59
C ARG A 37 11.43 3.72 -9.83
N GLU A 38 12.03 3.63 -11.01
CA GLU A 38 13.15 4.49 -11.37
C GLU A 38 12.71 5.95 -11.47
N ARG A 39 11.69 6.20 -12.26
CA ARG A 39 11.17 7.55 -12.44
C ARG A 39 10.65 8.12 -11.12
N LEU A 40 9.93 7.30 -10.38
CA LEU A 40 9.37 7.70 -9.09
C LEU A 40 10.49 7.96 -8.08
N ALA A 41 11.52 7.13 -8.12
CA ALA A 41 12.65 7.27 -7.21
C ALA A 41 13.13 8.71 -7.16
N ALA A 42 13.10 9.38 -8.30
CA ALA A 42 13.54 10.78 -8.39
C ALA A 42 12.39 11.73 -8.11
N LYS A 43 11.17 11.22 -8.18
CA LYS A 43 9.98 12.03 -7.94
C LYS A 43 9.79 12.27 -6.44
N ILE A 44 10.16 11.29 -5.64
CA ILE A 44 10.03 11.39 -4.18
C ILE A 44 11.40 11.31 -3.50
N ASP A 45 12.46 11.29 -4.30
CA ASP A 45 13.82 11.22 -3.79
C ASP A 45 13.99 9.97 -2.91
N LEU A 46 13.61 8.83 -3.45
CA LEU A 46 13.72 7.56 -2.73
C LEU A 46 14.39 6.50 -3.59
N PRO A 47 15.12 5.58 -2.93
CA PRO A 47 15.82 4.49 -3.62
C PRO A 47 14.87 3.46 -4.21
N GLU A 48 15.14 3.02 -5.43
CA GLU A 48 14.32 2.04 -6.10
C GLU A 48 14.02 0.86 -5.18
N ALA A 49 14.85 0.69 -4.16
CA ALA A 49 14.68 -0.40 -3.21
C ALA A 49 13.58 -0.09 -2.20
N ARG A 50 13.51 1.17 -1.77
CA ARG A 50 12.51 1.61 -0.82
C ARG A 50 11.10 1.43 -1.38
N ILE A 51 10.87 1.99 -2.56
CA ILE A 51 9.57 1.89 -3.21
C ILE A 51 9.03 0.47 -3.16
N GLN A 52 9.87 -0.49 -3.55
CA GLN A 52 9.48 -1.89 -3.54
C GLN A 52 8.82 -2.27 -2.22
N VAL A 53 9.50 -1.98 -1.12
CA VAL A 53 8.98 -2.28 0.20
C VAL A 53 7.63 -1.61 0.44
N TRP A 54 7.62 -0.28 0.35
CA TRP A 54 6.40 0.49 0.55
C TRP A 54 5.24 -0.12 -0.23
N PHE A 55 5.55 -0.71 -1.39
CA PHE A 55 4.54 -1.33 -2.23
C PHE A 55 4.19 -2.72 -1.72
N SER A 56 5.20 -3.46 -1.29
CA SER A 56 5.00 -4.82 -0.79
C SER A 56 3.96 -4.83 0.33
N ASN A 57 4.19 -4.02 1.36
CA ASN A 57 3.27 -3.92 2.49
C ASN A 57 1.88 -3.51 2.03
N ARG A 58 1.83 -2.62 1.04
CA ARG A 58 0.56 -2.14 0.51
C ARG A 58 -0.28 -3.29 -0.03
N ARG A 59 0.31 -4.08 -0.93
CA ARG A 59 -0.39 -5.22 -1.52
C ARG A 59 -1.11 -6.03 -0.46
N ALA A 60 -0.44 -6.23 0.67
CA ALA A 60 -1.01 -7.00 1.78
C ALA A 60 -2.15 -6.25 2.43
N LYS A 61 -1.96 -4.95 2.63
CA LYS A 61 -2.98 -4.11 3.25
C LYS A 61 -4.16 -3.89 2.30
N TRP A 62 -3.92 -4.12 1.02
CA TRP A 62 -4.96 -3.96 0.00
C TRP A 62 -5.72 -5.25 -0.22
N ARG A 63 -4.98 -6.35 -0.40
CA ARG A 63 -5.59 -7.65 -0.62
C ARG A 63 -6.42 -8.08 0.60
N ARG A 64 -6.02 -7.61 1.77
CA ARG A 64 -6.73 -7.94 3.00
C ARG A 64 -7.97 -7.07 3.17
N GLU A 65 -7.84 -5.81 2.79
CA GLU A 65 -8.96 -4.87 2.91
C GLU A 65 -10.02 -5.16 1.84
N GLU A 66 -9.58 -5.21 0.59
CA GLU A 66 -10.50 -5.47 -0.53
C GLU A 66 -11.48 -6.57 -0.17
N LYS A 67 -10.98 -7.64 0.45
CA LYS A 67 -11.82 -8.76 0.84
C LYS A 67 -12.92 -8.31 1.81
N LEU A 68 -12.52 -7.57 2.83
CA LEU A 68 -13.46 -7.06 3.82
C LEU A 68 -14.75 -6.57 3.16
N ARG A 69 -14.59 -5.77 2.11
CA ARG A 69 -15.74 -5.23 1.39
C ARG A 69 -16.73 -6.34 1.04
N ASN A 70 -16.23 -7.42 0.45
CA ASN A 70 -17.06 -8.54 0.06
C ASN A 70 -17.84 -9.08 1.26
N GLN A 71 -17.22 -9.02 2.44
CA GLN A 71 -17.86 -9.49 3.65
C GLN A 71 -19.04 -8.61 4.04
N ARG A 72 -19.20 -7.49 3.33
CA ARG A 72 -20.29 -6.56 3.59
C ARG A 72 -21.35 -6.65 2.50
N ARG A 73 -21.25 -7.68 1.66
CA ARG A 73 -22.20 -7.88 0.59
C ARG A 73 -23.64 -7.82 1.09
N GLN A 74 -24.27 -6.66 0.94
CA GLN A 74 -25.64 -6.46 1.40
C GLN A 74 -25.81 -6.93 2.84
N SER A 75 -24.86 -6.54 3.69
CA SER A 75 -24.89 -6.91 5.10
C SER A 75 -25.85 -6.02 5.87
N GLY A 76 -27.07 -6.52 6.09
CA GLY A 76 -28.07 -5.75 6.82
C GLY A 76 -29.28 -5.43 5.97
N PRO A 77 -30.04 -4.40 6.38
CA PRO A 77 -31.24 -3.97 5.67
C PRO A 77 -30.93 -3.34 4.32
N SER A 78 -29.79 -2.65 4.25
CA SER A 78 -29.37 -2.00 3.01
C SER A 78 -29.75 -2.83 1.79
N SER A 79 -30.81 -2.42 1.10
CA SER A 79 -31.28 -3.13 -0.08
C SER A 79 -31.29 -4.64 0.16
N GLY A 80 -31.85 -5.05 1.29
CA GLY A 80 -31.92 -6.46 1.63
C GLY A 80 -33.19 -7.11 1.14
N GLY A 1 -14.83 2.50 14.20
CA GLY A 1 -14.84 1.44 13.20
C GLY A 1 -13.98 0.27 13.58
N SER A 2 -14.15 -0.85 12.89
CA SER A 2 -13.39 -2.05 13.17
C SER A 2 -11.92 -1.72 13.46
N SER A 3 -11.32 -2.46 14.38
CA SER A 3 -9.93 -2.24 14.76
C SER A 3 -9.10 -3.50 14.51
N GLY A 4 -7.78 -3.36 14.67
CA GLY A 4 -6.90 -4.49 14.47
C GLY A 4 -6.17 -4.90 15.74
N SER A 5 -6.24 -6.18 16.07
CA SER A 5 -5.59 -6.71 17.27
C SER A 5 -4.08 -6.75 17.10
N SER A 6 -3.62 -6.41 15.90
CA SER A 6 -2.20 -6.41 15.60
C SER A 6 -1.72 -5.03 15.16
N GLY A 7 -1.17 -4.27 16.10
CA GLY A 7 -0.68 -2.94 15.79
C GLY A 7 0.29 -2.42 16.83
N GLN A 8 1.58 -2.67 16.61
CA GLN A 8 2.62 -2.23 17.53
C GLN A 8 3.90 -1.86 16.78
N ARG A 9 4.77 -1.12 17.44
CA ARG A 9 6.03 -0.70 16.84
C ARG A 9 5.79 0.03 15.52
N ASN A 10 4.78 0.89 15.51
CA ASN A 10 4.44 1.67 14.31
C ASN A 10 5.31 2.92 14.21
N ARG A 11 6.31 2.87 13.34
CA ARG A 11 7.21 4.00 13.15
C ARG A 11 7.21 4.45 11.70
N THR A 12 6.46 5.51 11.41
CA THR A 12 6.38 6.04 10.06
C THR A 12 7.74 6.47 9.53
N SER A 13 8.24 5.72 8.55
CA SER A 13 9.55 6.02 7.97
C SER A 13 9.44 7.07 6.87
N PHE A 14 8.68 6.75 5.83
CA PHE A 14 8.49 7.67 4.71
C PHE A 14 7.76 8.93 5.16
N THR A 15 7.71 9.92 4.27
CA THR A 15 7.05 11.19 4.59
C THR A 15 5.77 11.36 3.77
N GLN A 16 4.84 12.14 4.29
CA GLN A 16 3.58 12.38 3.61
C GLN A 16 3.81 12.85 2.18
N GLU A 17 4.92 13.56 1.97
CA GLU A 17 5.26 14.07 0.65
C GLU A 17 5.60 12.93 -0.31
N GLN A 18 6.13 11.84 0.25
CA GLN A 18 6.50 10.69 -0.56
C GLN A 18 5.34 9.70 -0.65
N ILE A 19 4.61 9.54 0.44
CA ILE A 19 3.47 8.63 0.47
C ILE A 19 2.42 9.03 -0.55
N GLU A 20 2.30 10.33 -0.79
CA GLU A 20 1.33 10.84 -1.75
C GLU A 20 1.67 10.38 -3.17
N ALA A 21 2.95 10.41 -3.50
CA ALA A 21 3.41 9.99 -4.82
C ALA A 21 3.50 8.47 -4.92
N LEU A 22 3.77 7.82 -3.78
CA LEU A 22 3.89 6.37 -3.74
C LEU A 22 2.52 5.72 -3.80
N GLU A 23 1.50 6.44 -3.36
CA GLU A 23 0.14 5.93 -3.36
C GLU A 23 -0.48 6.02 -4.76
N LYS A 24 -0.33 7.19 -5.39
CA LYS A 24 -0.86 7.40 -6.73
C LYS A 24 -0.32 6.37 -7.71
N GLU A 25 0.98 6.09 -7.62
CA GLU A 25 1.62 5.13 -8.50
C GLU A 25 1.05 3.72 -8.26
N PHE A 26 0.73 3.43 -7.01
CA PHE A 26 0.18 2.13 -6.64
C PHE A 26 -1.26 1.99 -7.13
N GLU A 27 -2.07 3.03 -6.91
CA GLU A 27 -3.46 3.01 -7.32
C GLU A 27 -3.59 2.63 -8.79
N ARG A 28 -2.58 2.99 -9.58
CA ARG A 28 -2.59 2.68 -11.01
C ARG A 28 -2.01 1.29 -11.26
N THR A 29 -0.89 1.00 -10.62
CA THR A 29 -0.23 -0.29 -10.78
C THR A 29 0.39 -0.76 -9.46
N HIS A 30 0.01 -1.96 -9.03
CA HIS A 30 0.54 -2.52 -7.79
C HIS A 30 1.97 -3.01 -7.97
N TYR A 31 2.41 -3.09 -9.23
CA TYR A 31 3.75 -3.55 -9.54
C TYR A 31 4.47 -2.55 -10.44
N PRO A 32 5.06 -1.51 -9.82
CA PRO A 32 5.79 -0.47 -10.55
C PRO A 32 7.10 -0.98 -11.14
N ASP A 33 7.06 -1.36 -12.41
CA ASP A 33 8.25 -1.86 -13.09
C ASP A 33 9.42 -0.90 -12.92
N VAL A 34 10.58 -1.29 -13.47
CA VAL A 34 11.78 -0.46 -13.37
C VAL A 34 11.51 0.95 -13.87
N PHE A 35 10.71 1.06 -14.93
CA PHE A 35 10.37 2.35 -15.51
C PHE A 35 9.53 3.18 -14.55
N ALA A 36 8.87 2.49 -13.62
CA ALA A 36 8.03 3.16 -12.63
C ALA A 36 8.82 3.50 -11.36
N ARG A 37 9.59 2.52 -10.89
CA ARG A 37 10.38 2.71 -9.68
C ARG A 37 11.44 3.80 -9.89
N GLU A 38 12.09 3.77 -11.04
CA GLU A 38 13.12 4.75 -11.36
C GLU A 38 12.52 6.15 -11.41
N ARG A 39 11.55 6.36 -12.28
CA ARG A 39 10.90 7.65 -12.43
C ARG A 39 10.42 8.17 -11.08
N LEU A 40 9.79 7.30 -10.30
CA LEU A 40 9.28 7.67 -8.99
C LEU A 40 10.43 7.95 -8.02
N ALA A 41 11.47 7.14 -8.10
CA ALA A 41 12.63 7.31 -7.23
C ALA A 41 13.07 8.76 -7.16
N ALA A 42 12.97 9.46 -8.29
CA ALA A 42 13.35 10.87 -8.35
C ALA A 42 12.16 11.77 -8.06
N LYS A 43 10.95 11.22 -8.22
CA LYS A 43 9.73 11.98 -7.98
C LYS A 43 9.55 12.26 -6.49
N ILE A 44 10.02 11.34 -5.66
CA ILE A 44 9.91 11.49 -4.22
C ILE A 44 11.29 11.48 -3.56
N ASP A 45 12.33 11.27 -4.36
CA ASP A 45 13.69 11.24 -3.87
C ASP A 45 13.92 10.01 -2.99
N LEU A 46 13.45 8.86 -3.44
CA LEU A 46 13.60 7.61 -2.69
C LEU A 46 14.35 6.57 -3.52
N PRO A 47 15.09 5.69 -2.84
CA PRO A 47 15.85 4.62 -3.48
C PRO A 47 14.96 3.55 -4.09
N GLU A 48 15.27 3.13 -5.31
CA GLU A 48 14.49 2.10 -5.99
C GLU A 48 14.21 0.93 -5.05
N ALA A 49 15.11 0.70 -4.10
CA ALA A 49 14.94 -0.39 -3.15
C ALA A 49 13.78 -0.12 -2.19
N ARG A 50 13.66 1.14 -1.77
CA ARG A 50 12.59 1.53 -0.85
C ARG A 50 11.23 1.33 -1.50
N ILE A 51 11.02 1.93 -2.65
CA ILE A 51 9.75 1.81 -3.37
C ILE A 51 9.22 0.39 -3.31
N GLN A 52 10.10 -0.57 -3.57
CA GLN A 52 9.71 -1.98 -3.55
C GLN A 52 8.94 -2.32 -2.27
N VAL A 53 9.57 -2.10 -1.12
CA VAL A 53 8.95 -2.36 0.16
C VAL A 53 7.59 -1.67 0.26
N TRP A 54 7.60 -0.35 0.19
CA TRP A 54 6.38 0.43 0.27
C TRP A 54 5.25 -0.24 -0.50
N PHE A 55 5.56 -0.72 -1.70
CA PHE A 55 4.57 -1.39 -2.54
C PHE A 55 4.28 -2.79 -2.02
N SER A 56 5.31 -3.48 -1.54
CA SER A 56 5.16 -4.83 -1.02
C SER A 56 4.15 -4.87 0.12
N ASN A 57 4.35 -4.00 1.11
CA ASN A 57 3.46 -3.93 2.26
C ASN A 57 2.07 -3.46 1.84
N ARG A 58 2.03 -2.54 0.87
CA ARG A 58 0.77 -2.00 0.38
C ARG A 58 -0.17 -3.13 -0.05
N ARG A 59 0.35 -4.06 -0.85
CA ARG A 59 -0.44 -5.19 -1.33
C ARG A 59 -1.21 -5.83 -0.20
N ALA A 60 -0.55 -6.01 0.94
CA ALA A 60 -1.18 -6.61 2.11
C ALA A 60 -2.31 -5.73 2.64
N LYS A 61 -2.14 -4.43 2.53
CA LYS A 61 -3.14 -3.47 2.99
C LYS A 61 -4.31 -3.38 2.02
N TRP A 62 -4.05 -3.74 0.76
CA TRP A 62 -5.08 -3.69 -0.27
C TRP A 62 -5.87 -5.00 -0.30
N ARG A 63 -5.16 -6.11 -0.31
CA ARG A 63 -5.80 -7.43 -0.35
C ARG A 63 -6.65 -7.65 0.91
N ARG A 64 -6.15 -7.19 2.05
CA ARG A 64 -6.86 -7.33 3.31
C ARG A 64 -8.10 -6.44 3.35
N GLU A 65 -7.96 -5.22 2.83
CA GLU A 65 -9.06 -4.27 2.80
C GLU A 65 -10.13 -4.72 1.82
N GLU A 66 -9.74 -4.89 0.56
CA GLU A 66 -10.68 -5.31 -0.48
C GLU A 66 -11.70 -6.31 0.08
N LYS A 67 -11.21 -7.22 0.92
CA LYS A 67 -12.09 -8.23 1.52
C LYS A 67 -13.11 -7.58 2.44
N LEU A 68 -12.63 -6.79 3.39
CA LEU A 68 -13.51 -6.10 4.33
C LEU A 68 -14.77 -5.58 3.63
N ARG A 69 -14.58 -4.96 2.47
CA ARG A 69 -15.69 -4.42 1.71
C ARG A 69 -16.69 -5.51 1.35
N ASN A 70 -16.19 -6.60 0.77
CA ASN A 70 -17.04 -7.72 0.38
C ASN A 70 -17.80 -8.27 1.59
N GLN A 71 -17.09 -8.45 2.69
CA GLN A 71 -17.70 -8.97 3.92
C GLN A 71 -18.99 -8.21 4.24
N ARG A 72 -18.96 -6.90 4.09
CA ARG A 72 -20.13 -6.07 4.36
C ARG A 72 -20.67 -5.46 3.08
N ARG A 73 -20.35 -6.07 1.95
CA ARG A 73 -20.81 -5.59 0.65
C ARG A 73 -22.23 -5.05 0.75
N GLN A 74 -22.44 -3.85 0.21
CA GLN A 74 -23.76 -3.22 0.24
C GLN A 74 -24.85 -4.24 -0.06
N SER A 75 -24.81 -4.82 -1.26
CA SER A 75 -25.80 -5.81 -1.67
C SER A 75 -26.16 -6.73 -0.52
N GLY A 76 -27.43 -6.72 -0.12
CA GLY A 76 -27.88 -7.55 0.97
C GLY A 76 -29.07 -6.98 1.69
N PRO A 77 -30.27 -7.20 1.14
CA PRO A 77 -31.52 -6.71 1.74
C PRO A 77 -31.88 -7.41 3.04
N SER A 78 -31.45 -6.83 4.15
CA SER A 78 -31.72 -7.40 5.46
C SER A 78 -31.02 -8.75 5.62
N SER A 79 -29.81 -8.85 5.06
CA SER A 79 -29.04 -10.09 5.13
C SER A 79 -27.55 -9.79 5.22
N GLY A 80 -26.82 -10.63 5.96
CA GLY A 80 -25.40 -10.44 6.11
C GLY A 80 -24.84 -11.14 7.33
N GLY A 1 -1.21 -22.75 28.23
CA GLY A 1 0.06 -22.91 28.90
C GLY A 1 1.20 -22.26 28.15
N SER A 2 1.20 -22.42 26.83
CA SER A 2 2.24 -21.84 25.99
C SER A 2 2.29 -20.32 26.15
N SER A 3 3.49 -19.76 26.13
CA SER A 3 3.67 -18.32 26.27
C SER A 3 4.37 -17.74 25.05
N GLY A 4 4.34 -16.41 24.93
CA GLY A 4 4.97 -15.75 23.81
C GLY A 4 4.73 -14.25 23.80
N SER A 5 5.68 -13.50 23.25
CA SER A 5 5.56 -12.06 23.19
C SER A 5 5.00 -11.60 21.85
N SER A 6 4.47 -10.40 21.81
CA SER A 6 3.88 -9.85 20.59
C SER A 6 3.87 -8.33 20.62
N GLY A 7 4.53 -7.71 19.65
CA GLY A 7 4.58 -6.26 19.59
C GLY A 7 4.12 -5.73 18.25
N GLN A 8 3.13 -4.84 18.28
CA GLN A 8 2.59 -4.25 17.06
C GLN A 8 3.17 -2.86 16.83
N ARG A 9 4.49 -2.78 16.74
CA ARG A 9 5.17 -1.51 16.53
C ARG A 9 5.93 -1.51 15.19
N ASN A 10 5.55 -0.59 14.31
CA ASN A 10 6.20 -0.49 13.01
C ASN A 10 6.18 0.95 12.51
N ARG A 11 7.23 1.32 11.78
CA ARG A 11 7.35 2.68 11.24
C ARG A 11 7.25 2.66 9.71
N THR A 12 6.45 3.58 9.17
CA THR A 12 6.27 3.68 7.73
C THR A 12 7.60 3.94 7.02
N SER A 13 8.46 4.70 7.67
CA SER A 13 9.76 5.03 7.10
C SER A 13 9.62 5.92 5.87
N PHE A 14 8.68 6.86 5.95
CA PHE A 14 8.44 7.78 4.84
C PHE A 14 7.69 9.02 5.31
N THR A 15 7.51 9.98 4.42
CA THR A 15 6.81 11.21 4.75
C THR A 15 5.57 11.39 3.87
N GLN A 16 4.58 12.10 4.39
CA GLN A 16 3.34 12.34 3.66
C GLN A 16 3.63 12.83 2.25
N GLU A 17 4.75 13.54 2.09
CA GLU A 17 5.15 14.06 0.79
C GLU A 17 5.49 12.92 -0.17
N GLN A 18 6.04 11.84 0.37
CA GLN A 18 6.40 10.69 -0.44
C GLN A 18 5.25 9.70 -0.55
N ILE A 19 4.56 9.48 0.56
CA ILE A 19 3.43 8.56 0.58
C ILE A 19 2.39 8.93 -0.48
N GLU A 20 2.22 10.22 -0.70
CA GLU A 20 1.26 10.71 -1.69
C GLU A 20 1.64 10.24 -3.09
N ALA A 21 2.92 10.34 -3.41
CA ALA A 21 3.41 9.93 -4.72
C ALA A 21 3.52 8.41 -4.80
N LEU A 22 3.80 7.77 -3.68
CA LEU A 22 3.93 6.32 -3.62
C LEU A 22 2.57 5.64 -3.73
N GLU A 23 1.52 6.38 -3.35
CA GLU A 23 0.16 5.85 -3.41
C GLU A 23 -0.43 6.00 -4.82
N LYS A 24 -0.18 7.15 -5.42
CA LYS A 24 -0.69 7.43 -6.77
C LYS A 24 -0.16 6.40 -7.76
N GLU A 25 1.10 5.99 -7.58
CA GLU A 25 1.72 5.01 -8.46
C GLU A 25 1.20 3.61 -8.17
N PHE A 26 0.72 3.40 -6.95
CA PHE A 26 0.19 2.11 -6.54
C PHE A 26 -1.25 1.92 -7.02
N GLU A 27 -2.03 2.98 -6.91
CA GLU A 27 -3.43 2.94 -7.33
C GLU A 27 -3.55 2.62 -8.81
N ARG A 28 -2.49 2.92 -9.55
CA ARG A 28 -2.48 2.67 -11.00
C ARG A 28 -1.91 1.28 -11.30
N THR A 29 -0.86 0.91 -10.56
CA THR A 29 -0.23 -0.39 -10.74
C THR A 29 0.40 -0.89 -9.45
N HIS A 30 -0.02 -2.06 -9.00
CA HIS A 30 0.50 -2.65 -7.77
C HIS A 30 1.94 -3.12 -7.97
N TYR A 31 2.37 -3.19 -9.22
CA TYR A 31 3.72 -3.64 -9.54
C TYR A 31 4.37 -2.71 -10.57
N PRO A 32 4.89 -1.57 -10.08
CA PRO A 32 5.55 -0.58 -10.94
C PRO A 32 6.89 -1.07 -11.48
N ASP A 33 6.89 -1.49 -12.74
CA ASP A 33 8.10 -1.99 -13.37
C ASP A 33 9.27 -1.05 -13.11
N VAL A 34 10.47 -1.47 -13.53
CA VAL A 34 11.66 -0.67 -13.35
C VAL A 34 11.48 0.74 -13.90
N PHE A 35 10.72 0.84 -14.99
CA PHE A 35 10.46 2.14 -15.62
C PHE A 35 9.60 3.02 -14.72
N ALA A 36 8.94 2.40 -13.75
CA ALA A 36 8.09 3.13 -12.82
C ALA A 36 8.84 3.50 -11.55
N ARG A 37 9.45 2.50 -10.92
CA ARG A 37 10.21 2.73 -9.69
C ARG A 37 11.30 3.77 -9.91
N GLU A 38 11.93 3.73 -11.08
CA GLU A 38 13.00 4.66 -11.42
C GLU A 38 12.46 6.09 -11.46
N ARG A 39 11.47 6.31 -12.31
CA ARG A 39 10.88 7.63 -12.46
C ARG A 39 10.42 8.19 -11.11
N LEU A 40 9.75 7.34 -10.33
CA LEU A 40 9.26 7.73 -9.01
C LEU A 40 10.41 8.01 -8.07
N ALA A 41 11.46 7.19 -8.16
CA ALA A 41 12.63 7.34 -7.32
C ALA A 41 13.06 8.80 -7.22
N ALA A 42 13.01 9.49 -8.35
CA ALA A 42 13.39 10.91 -8.40
C ALA A 42 12.19 11.81 -8.12
N LYS A 43 11.00 11.23 -8.17
CA LYS A 43 9.78 11.99 -7.92
C LYS A 43 9.61 12.26 -6.42
N ILE A 44 10.09 11.33 -5.60
CA ILE A 44 10.00 11.47 -4.15
C ILE A 44 11.37 11.42 -3.51
N ASP A 45 12.41 11.33 -4.34
CA ASP A 45 13.78 11.28 -3.84
C ASP A 45 14.01 10.04 -2.98
N LEU A 46 13.58 8.89 -3.48
CA LEU A 46 13.73 7.64 -2.75
C LEU A 46 14.43 6.59 -3.61
N PRO A 47 15.17 5.68 -2.96
CA PRO A 47 15.91 4.61 -3.65
C PRO A 47 14.97 3.57 -4.24
N GLU A 48 15.30 3.10 -5.44
CA GLU A 48 14.49 2.10 -6.12
C GLU A 48 14.24 0.90 -5.22
N ALA A 49 15.04 0.79 -4.16
CA ALA A 49 14.91 -0.32 -3.21
C ALA A 49 13.80 -0.04 -2.20
N ARG A 50 13.64 1.23 -1.85
CA ARG A 50 12.62 1.64 -0.88
C ARG A 50 11.23 1.44 -1.46
N ILE A 51 11.00 1.98 -2.65
CA ILE A 51 9.71 1.88 -3.31
C ILE A 51 9.18 0.44 -3.25
N GLN A 52 10.02 -0.50 -3.65
CA GLN A 52 9.65 -1.91 -3.65
C GLN A 52 8.99 -2.30 -2.33
N VAL A 53 9.66 -1.99 -1.22
CA VAL A 53 9.14 -2.30 0.10
C VAL A 53 7.78 -1.64 0.33
N TRP A 54 7.75 -0.31 0.16
CA TRP A 54 6.52 0.45 0.35
C TRP A 54 5.37 -0.19 -0.42
N PHE A 55 5.66 -0.74 -1.59
CA PHE A 55 4.65 -1.37 -2.42
C PHE A 55 4.31 -2.76 -1.88
N SER A 56 5.32 -3.47 -1.41
CA SER A 56 5.12 -4.81 -0.87
C SER A 56 4.05 -4.81 0.23
N ASN A 57 4.29 -4.00 1.27
CA ASN A 57 3.36 -3.90 2.38
C ASN A 57 2.00 -3.39 1.91
N ARG A 58 2.02 -2.52 0.90
CA ARG A 58 0.79 -1.94 0.36
C ARG A 58 -0.15 -3.04 -0.12
N ARG A 59 0.37 -3.94 -0.96
CA ARG A 59 -0.42 -5.03 -1.49
C ARG A 59 -1.21 -5.73 -0.38
N ALA A 60 -0.55 -5.91 0.76
CA ALA A 60 -1.17 -6.57 1.90
C ALA A 60 -2.35 -5.75 2.44
N LYS A 61 -2.13 -4.44 2.57
CA LYS A 61 -3.16 -3.54 3.07
C LYS A 61 -4.33 -3.46 2.10
N TRP A 62 -4.03 -3.55 0.81
CA TRP A 62 -5.06 -3.48 -0.22
C TRP A 62 -5.84 -4.79 -0.28
N ARG A 63 -5.12 -5.90 -0.37
CA ARG A 63 -5.75 -7.21 -0.43
C ARG A 63 -6.65 -7.45 0.78
N ARG A 64 -6.13 -7.13 1.96
CA ARG A 64 -6.87 -7.32 3.20
C ARG A 64 -8.12 -6.44 3.21
N GLU A 65 -7.97 -5.19 2.78
CA GLU A 65 -9.08 -4.24 2.75
C GLU A 65 -10.15 -4.70 1.76
N GLU A 66 -9.76 -4.84 0.50
CA GLU A 66 -10.68 -5.27 -0.55
C GLU A 66 -11.69 -6.27 0.01
N LYS A 67 -11.23 -7.16 0.88
CA LYS A 67 -12.09 -8.17 1.48
C LYS A 67 -13.00 -7.55 2.54
N LEU A 68 -12.40 -6.88 3.51
CA LEU A 68 -13.18 -6.24 4.58
C LEU A 68 -14.26 -5.33 4.00
N ARG A 69 -13.96 -4.70 2.87
CA ARG A 69 -14.91 -3.81 2.21
C ARG A 69 -16.26 -4.49 2.03
N ASN A 70 -16.24 -5.82 1.93
CA ASN A 70 -17.45 -6.58 1.75
C ASN A 70 -18.23 -6.68 3.06
N GLN A 71 -17.51 -6.88 4.16
CA GLN A 71 -18.13 -6.99 5.47
C GLN A 71 -18.40 -5.62 6.06
N ARG A 72 -17.88 -4.58 5.41
CA ARG A 72 -18.06 -3.21 5.87
C ARG A 72 -19.02 -2.45 4.96
N ARG A 73 -19.82 -3.19 4.20
CA ARG A 73 -20.77 -2.58 3.29
C ARG A 73 -21.33 -1.28 3.86
N GLN A 74 -21.16 -0.20 3.12
CA GLN A 74 -21.65 1.11 3.56
C GLN A 74 -23.13 1.05 3.90
N SER A 75 -23.46 1.23 5.17
CA SER A 75 -24.85 1.19 5.62
C SER A 75 -25.59 2.44 5.16
N GLY A 76 -26.91 2.46 5.40
CA GLY A 76 -27.71 3.59 5.01
C GLY A 76 -27.13 4.91 5.48
N PRO A 77 -27.62 6.02 4.91
CA PRO A 77 -27.16 7.37 5.26
C PRO A 77 -27.59 7.78 6.66
N SER A 78 -26.66 8.33 7.43
CA SER A 78 -26.95 8.77 8.80
C SER A 78 -27.38 10.24 8.81
N SER A 79 -28.36 10.54 9.67
CA SER A 79 -28.86 11.91 9.78
C SER A 79 -27.82 12.83 10.41
N GLY A 80 -27.10 13.57 9.59
CA GLY A 80 -26.08 14.47 10.09
C GLY A 80 -26.67 15.69 10.76
N GLY A 1 8.09 -25.41 24.51
CA GLY A 1 6.83 -24.75 24.80
C GLY A 1 6.16 -24.18 23.56
N SER A 2 5.60 -22.99 23.68
CA SER A 2 4.92 -22.35 22.56
C SER A 2 5.40 -20.90 22.40
N SER A 3 5.28 -20.38 21.19
CA SER A 3 5.69 -19.01 20.90
C SER A 3 4.49 -18.09 20.74
N GLY A 4 4.75 -16.80 20.59
CA GLY A 4 3.67 -15.84 20.43
C GLY A 4 4.07 -14.43 20.83
N SER A 5 3.29 -13.45 20.41
CA SER A 5 3.58 -12.06 20.73
C SER A 5 2.29 -11.24 20.78
N SER A 6 2.32 -10.16 21.56
CA SER A 6 1.15 -9.29 21.70
C SER A 6 1.59 -7.85 21.95
N GLY A 7 1.12 -6.95 21.08
CA GLY A 7 1.47 -5.54 21.22
C GLY A 7 1.54 -4.83 19.88
N GLN A 8 0.81 -3.73 19.77
CA GLN A 8 0.78 -2.95 18.54
C GLN A 8 1.98 -2.00 18.47
N ARG A 9 2.46 -1.74 17.25
CA ARG A 9 3.58 -0.85 17.05
C ARG A 9 3.63 -0.33 15.61
N ASN A 10 4.40 0.72 15.39
CA ASN A 10 4.53 1.32 14.06
C ASN A 10 5.85 2.05 13.91
N ARG A 11 6.23 2.34 12.67
CA ARG A 11 7.47 3.04 12.39
C ARG A 11 7.32 3.97 11.19
N THR A 12 7.62 5.25 11.40
CA THR A 12 7.51 6.23 10.33
C THR A 12 8.83 6.36 9.56
N SER A 13 8.95 5.58 8.49
CA SER A 13 10.16 5.61 7.67
C SER A 13 10.03 6.61 6.52
N PHE A 14 8.91 6.53 5.81
CA PHE A 14 8.66 7.42 4.69
C PHE A 14 7.96 8.70 5.15
N THR A 15 7.84 9.66 4.25
CA THR A 15 7.20 10.93 4.57
C THR A 15 5.93 11.13 3.73
N GLN A 16 4.98 11.86 4.30
CA GLN A 16 3.71 12.12 3.61
C GLN A 16 3.96 12.61 2.19
N GLU A 17 4.99 13.43 2.02
CA GLU A 17 5.33 13.96 0.70
C GLU A 17 5.65 12.83 -0.27
N GLN A 18 6.18 11.73 0.25
CA GLN A 18 6.53 10.59 -0.58
C GLN A 18 5.35 9.63 -0.71
N ILE A 19 4.60 9.48 0.38
CA ILE A 19 3.45 8.59 0.38
C ILE A 19 2.41 9.03 -0.65
N GLU A 20 2.27 10.34 -0.81
CA GLU A 20 1.32 10.89 -1.77
C GLU A 20 1.65 10.45 -3.19
N ALA A 21 2.94 10.45 -3.51
CA ALA A 21 3.39 10.06 -4.84
C ALA A 21 3.50 8.54 -4.96
N LEU A 22 3.72 7.88 -3.82
CA LEU A 22 3.83 6.43 -3.80
C LEU A 22 2.46 5.77 -3.88
N GLU A 23 1.43 6.50 -3.45
CA GLU A 23 0.06 5.98 -3.47
C GLU A 23 -0.53 6.10 -4.87
N LYS A 24 -0.29 7.23 -5.52
CA LYS A 24 -0.81 7.46 -6.87
C LYS A 24 -0.30 6.40 -7.84
N GLU A 25 0.99 6.09 -7.74
CA GLU A 25 1.60 5.09 -8.61
C GLU A 25 1.00 3.71 -8.37
N PHE A 26 0.63 3.45 -7.11
CA PHE A 26 0.03 2.17 -6.74
C PHE A 26 -1.38 2.04 -7.31
N GLU A 27 -2.16 3.11 -7.16
CA GLU A 27 -3.54 3.11 -7.66
C GLU A 27 -3.59 2.70 -9.13
N ARG A 28 -2.58 3.10 -9.89
CA ARG A 28 -2.52 2.78 -11.31
C ARG A 28 -1.98 1.37 -11.52
N THR A 29 -0.90 1.05 -10.81
CA THR A 29 -0.29 -0.28 -10.93
C THR A 29 0.29 -0.72 -9.59
N HIS A 30 -0.13 -1.91 -9.13
CA HIS A 30 0.35 -2.44 -7.87
C HIS A 30 1.80 -2.91 -7.99
N TYR A 31 2.26 -3.05 -9.23
CA TYR A 31 3.63 -3.50 -9.48
C TYR A 31 4.33 -2.57 -10.46
N PRO A 32 4.84 -1.44 -9.95
CA PRO A 32 5.54 -0.44 -10.77
C PRO A 32 6.90 -0.95 -11.25
N ASP A 33 6.95 -1.40 -12.51
CA ASP A 33 8.18 -1.91 -13.08
C ASP A 33 9.32 -0.93 -12.88
N VAL A 34 10.53 -1.34 -13.27
CA VAL A 34 11.70 -0.49 -13.12
C VAL A 34 11.46 0.90 -13.71
N PHE A 35 10.76 0.93 -14.84
CA PHE A 35 10.46 2.20 -15.51
C PHE A 35 9.62 3.10 -14.62
N ALA A 36 8.92 2.49 -13.67
CA ALA A 36 8.06 3.24 -12.75
C ALA A 36 8.83 3.59 -11.47
N ARG A 37 9.47 2.59 -10.87
CA ARG A 37 10.23 2.80 -9.64
C ARG A 37 11.34 3.82 -9.85
N GLU A 38 11.97 3.78 -11.02
CA GLU A 38 13.04 4.71 -11.35
C GLU A 38 12.52 6.14 -11.42
N ARG A 39 11.53 6.36 -12.29
CA ARG A 39 10.95 7.68 -12.45
C ARG A 39 10.47 8.25 -11.12
N LEU A 40 9.81 7.40 -10.34
CA LEU A 40 9.31 7.82 -9.03
C LEU A 40 10.45 8.08 -8.05
N ALA A 41 11.47 7.25 -8.10
CA ALA A 41 12.63 7.40 -7.24
C ALA A 41 13.09 8.85 -7.19
N ALA A 42 12.97 9.55 -8.32
CA ALA A 42 13.37 10.94 -8.40
C ALA A 42 12.21 11.87 -8.09
N LYS A 43 11.00 11.33 -8.15
CA LYS A 43 9.79 12.11 -7.87
C LYS A 43 9.60 12.29 -6.37
N ILE A 44 9.97 11.27 -5.60
CA ILE A 44 9.84 11.32 -4.15
C ILE A 44 11.21 11.33 -3.48
N ASP A 45 12.26 11.22 -4.29
CA ASP A 45 13.62 11.22 -3.75
C ASP A 45 13.87 9.99 -2.90
N LEU A 46 13.39 8.84 -3.38
CA LEU A 46 13.58 7.59 -2.64
C LEU A 46 14.31 6.56 -3.50
N PRO A 47 15.05 5.66 -2.83
CA PRO A 47 15.81 4.60 -3.51
C PRO A 47 14.90 3.54 -4.13
N GLU A 48 15.20 3.17 -5.37
CA GLU A 48 14.41 2.16 -6.07
C GLU A 48 14.15 0.95 -5.17
N ALA A 49 15.00 0.77 -4.17
CA ALA A 49 14.86 -0.35 -3.25
C ALA A 49 13.72 -0.09 -2.26
N ARG A 50 13.61 1.14 -1.79
CA ARG A 50 12.57 1.51 -0.84
C ARG A 50 11.18 1.32 -1.46
N ILE A 51 10.96 1.93 -2.62
CA ILE A 51 9.69 1.84 -3.31
C ILE A 51 9.17 0.40 -3.30
N GLN A 52 10.05 -0.54 -3.64
CA GLN A 52 9.68 -1.95 -3.67
C GLN A 52 8.99 -2.37 -2.36
N VAL A 53 9.65 -2.07 -1.24
CA VAL A 53 9.10 -2.42 0.06
C VAL A 53 7.76 -1.74 0.30
N TRP A 54 7.77 -0.40 0.27
CA TRP A 54 6.55 0.37 0.48
C TRP A 54 5.37 -0.25 -0.28
N PHE A 55 5.64 -0.72 -1.49
CA PHE A 55 4.60 -1.33 -2.32
C PHE A 55 4.26 -2.73 -1.81
N SER A 56 5.28 -3.48 -1.41
CA SER A 56 5.10 -4.83 -0.90
C SER A 56 4.10 -4.84 0.24
N ASN A 57 4.39 -4.07 1.28
CA ASN A 57 3.51 -3.99 2.45
C ASN A 57 2.10 -3.57 2.05
N ARG A 58 2.02 -2.58 1.16
CA ARG A 58 0.72 -2.09 0.70
C ARG A 58 -0.15 -3.24 0.21
N ARG A 59 0.37 -4.02 -0.72
CA ARG A 59 -0.37 -5.16 -1.27
C ARG A 59 -1.15 -5.87 -0.17
N ALA A 60 -0.50 -6.10 0.96
CA ALA A 60 -1.14 -6.77 2.08
C ALA A 60 -2.28 -5.93 2.65
N LYS A 61 -2.09 -4.63 2.69
CA LYS A 61 -3.10 -3.71 3.21
C LYS A 61 -4.27 -3.58 2.23
N TRP A 62 -3.97 -3.70 0.94
CA TRP A 62 -4.99 -3.60 -0.09
C TRP A 62 -5.78 -4.89 -0.21
N ARG A 63 -5.07 -6.01 -0.26
CA ARG A 63 -5.71 -7.32 -0.37
C ARG A 63 -6.65 -7.57 0.81
N ARG A 64 -6.22 -7.13 2.00
CA ARG A 64 -7.02 -7.31 3.20
C ARG A 64 -8.22 -6.37 3.21
N GLU A 65 -8.01 -5.14 2.75
CA GLU A 65 -9.08 -4.14 2.70
C GLU A 65 -10.14 -4.54 1.68
N GLU A 66 -9.70 -4.77 0.45
CA GLU A 66 -10.62 -5.15 -0.63
C GLU A 66 -11.73 -6.04 -0.09
N LYS A 67 -11.37 -6.99 0.76
CA LYS A 67 -12.35 -7.92 1.34
C LYS A 67 -13.24 -7.20 2.35
N LEU A 68 -12.62 -6.60 3.35
CA LEU A 68 -13.36 -5.87 4.38
C LEU A 68 -14.38 -4.93 3.76
N ARG A 69 -14.01 -4.30 2.65
CA ARG A 69 -14.89 -3.37 1.96
C ARG A 69 -15.97 -4.13 1.19
N ASN A 70 -15.56 -5.16 0.46
CA ASN A 70 -16.49 -5.96 -0.32
C ASN A 70 -17.71 -6.35 0.51
N GLN A 71 -17.47 -6.69 1.78
CA GLN A 71 -18.55 -7.06 2.68
C GLN A 71 -19.58 -5.94 2.82
N ARG A 72 -19.09 -4.71 2.92
CA ARG A 72 -19.96 -3.55 3.06
C ARG A 72 -20.93 -3.46 1.89
N ARG A 73 -20.47 -3.87 0.70
CA ARG A 73 -21.29 -3.83 -0.49
C ARG A 73 -22.73 -4.21 -0.17
N GLN A 74 -23.68 -3.65 -0.93
CA GLN A 74 -25.09 -3.93 -0.73
C GLN A 74 -25.31 -5.39 -0.37
N SER A 75 -25.90 -5.63 0.80
CA SER A 75 -26.16 -6.99 1.26
C SER A 75 -27.13 -6.99 2.44
N GLY A 76 -28.12 -7.88 2.38
CA GLY A 76 -29.11 -7.96 3.45
C GLY A 76 -28.55 -8.61 4.70
N PRO A 77 -28.11 -9.88 4.56
CA PRO A 77 -27.55 -10.64 5.68
C PRO A 77 -26.19 -10.11 6.12
N SER A 78 -25.65 -9.17 5.36
CA SER A 78 -24.35 -8.58 5.66
C SER A 78 -24.29 -8.12 7.12
N SER A 79 -25.33 -7.43 7.55
CA SER A 79 -25.39 -6.92 8.92
C SER A 79 -26.03 -7.97 9.85
N GLY A 80 -25.53 -8.03 11.08
CA GLY A 80 -26.05 -8.98 12.04
C GLY A 80 -26.04 -10.40 11.51
N GLY A 1 -11.34 -1.34 21.42
CA GLY A 1 -12.08 -0.10 21.24
C GLY A 1 -11.96 0.44 19.83
N SER A 2 -10.79 1.02 19.52
CA SER A 2 -10.56 1.58 18.20
C SER A 2 -9.16 1.22 17.71
N SER A 3 -9.07 0.88 16.43
CA SER A 3 -7.79 0.51 15.83
C SER A 3 -6.87 1.72 15.72
N GLY A 4 -5.56 1.46 15.77
CA GLY A 4 -4.59 2.54 15.68
C GLY A 4 -3.86 2.55 14.36
N SER A 5 -4.58 2.83 13.29
CA SER A 5 -3.99 2.87 11.95
C SER A 5 -3.02 4.04 11.82
N SER A 6 -1.73 3.73 11.73
CA SER A 6 -0.70 4.75 11.59
C SER A 6 -1.04 5.96 12.46
N GLY A 7 -1.51 5.70 13.67
CA GLY A 7 -1.87 6.78 14.58
C GLY A 7 -1.10 6.72 15.88
N GLN A 8 -1.38 5.68 16.67
CA GLN A 8 -0.73 5.49 17.96
C GLN A 8 0.79 5.34 17.78
N ARG A 9 1.18 4.36 16.97
CA ARG A 9 2.59 4.10 16.71
C ARG A 9 2.94 4.36 15.24
N ASN A 10 3.37 5.58 14.95
CA ASN A 10 3.73 5.96 13.59
C ASN A 10 4.59 4.88 12.94
N ARG A 11 5.75 4.60 13.55
CA ARG A 11 6.67 3.59 13.03
C ARG A 11 6.78 3.69 11.51
N THR A 12 6.81 4.92 11.01
CA THR A 12 6.91 5.16 9.57
C THR A 12 8.18 5.95 9.23
N SER A 13 8.93 5.45 8.27
CA SER A 13 10.17 6.11 7.85
C SER A 13 9.90 7.12 6.74
N PHE A 14 9.01 6.76 5.81
CA PHE A 14 8.66 7.63 4.70
C PHE A 14 7.97 8.90 5.20
N THR A 15 7.76 9.85 4.28
CA THR A 15 7.12 11.11 4.63
C THR A 15 5.84 11.31 3.83
N GLN A 16 4.91 12.07 4.38
CA GLN A 16 3.64 12.34 3.72
C GLN A 16 3.86 12.81 2.29
N GLU A 17 4.93 13.59 2.08
CA GLU A 17 5.24 14.10 0.75
C GLU A 17 5.59 12.97 -0.20
N GLN A 18 6.13 11.88 0.35
CA GLN A 18 6.50 10.72 -0.45
C GLN A 18 5.34 9.74 -0.56
N ILE A 19 4.57 9.62 0.51
CA ILE A 19 3.42 8.71 0.54
C ILE A 19 2.38 9.12 -0.49
N GLU A 20 2.33 10.42 -0.80
CA GLU A 20 1.38 10.93 -1.76
C GLU A 20 1.73 10.50 -3.17
N ALA A 21 3.03 10.51 -3.48
CA ALA A 21 3.50 10.09 -4.81
C ALA A 21 3.58 8.58 -4.92
N LEU A 22 3.79 7.92 -3.79
CA LEU A 22 3.88 6.46 -3.78
C LEU A 22 2.49 5.82 -3.89
N GLU A 23 1.48 6.56 -3.46
CA GLU A 23 0.11 6.06 -3.50
C GLU A 23 -0.48 6.22 -4.91
N LYS A 24 -0.25 7.39 -5.51
CA LYS A 24 -0.74 7.68 -6.84
C LYS A 24 -0.25 6.63 -7.84
N GLU A 25 0.99 6.19 -7.67
CA GLU A 25 1.58 5.19 -8.56
C GLU A 25 0.95 3.82 -8.32
N PHE A 26 0.52 3.58 -7.09
CA PHE A 26 -0.10 2.31 -6.73
C PHE A 26 -1.49 2.19 -7.35
N GLU A 27 -2.29 3.25 -7.19
CA GLU A 27 -3.64 3.27 -7.73
C GLU A 27 -3.65 2.88 -9.20
N ARG A 28 -2.60 3.28 -9.92
CA ARG A 28 -2.48 2.98 -11.35
C ARG A 28 -1.95 1.56 -11.55
N THR A 29 -0.89 1.22 -10.83
CA THR A 29 -0.29 -0.10 -10.94
C THR A 29 0.25 -0.58 -9.60
N HIS A 30 -0.20 -1.76 -9.18
CA HIS A 30 0.24 -2.32 -7.91
C HIS A 30 1.67 -2.84 -8.00
N TYR A 31 2.15 -3.01 -9.23
CA TYR A 31 3.51 -3.50 -9.47
C TYR A 31 4.24 -2.62 -10.49
N PRO A 32 4.77 -1.48 -10.01
CA PRO A 32 5.50 -0.54 -10.87
C PRO A 32 6.84 -1.09 -11.33
N ASP A 33 6.91 -1.49 -12.58
CA ASP A 33 8.14 -2.04 -13.15
C ASP A 33 9.32 -1.09 -12.91
N VAL A 34 10.49 -1.48 -13.40
CA VAL A 34 11.69 -0.67 -13.23
C VAL A 34 11.49 0.73 -13.80
N PHE A 35 10.74 0.82 -14.89
CA PHE A 35 10.47 2.10 -15.54
C PHE A 35 9.61 2.99 -14.64
N ALA A 36 8.93 2.38 -13.68
CA ALA A 36 8.08 3.11 -12.76
C ALA A 36 8.83 3.46 -11.49
N ARG A 37 9.46 2.46 -10.87
CA ARG A 37 10.21 2.67 -9.64
C ARG A 37 11.35 3.67 -9.85
N GLU A 38 11.89 3.68 -11.06
CA GLU A 38 12.99 4.57 -11.40
C GLU A 38 12.50 6.02 -11.49
N ARG A 39 11.45 6.23 -12.27
CA ARG A 39 10.88 7.56 -12.45
C ARG A 39 10.40 8.11 -11.12
N LEU A 40 9.73 7.28 -10.34
CA LEU A 40 9.21 7.69 -9.04
C LEU A 40 10.35 7.96 -8.05
N ALA A 41 11.37 7.11 -8.09
CA ALA A 41 12.52 7.27 -7.21
C ALA A 41 13.00 8.72 -7.18
N ALA A 42 12.88 9.39 -8.32
CA ALA A 42 13.31 10.78 -8.44
C ALA A 42 12.16 11.73 -8.13
N LYS A 43 10.94 11.22 -8.18
CA LYS A 43 9.75 12.02 -7.91
C LYS A 43 9.61 12.29 -6.42
N ILE A 44 10.09 11.37 -5.60
CA ILE A 44 10.01 11.51 -4.15
C ILE A 44 11.40 11.46 -3.52
N ASP A 45 12.42 11.31 -4.36
CA ASP A 45 13.80 11.25 -3.89
C ASP A 45 14.02 10.02 -3.02
N LEU A 46 13.60 8.86 -3.52
CA LEU A 46 13.75 7.60 -2.79
C LEU A 46 14.44 6.55 -3.65
N PRO A 47 15.18 5.64 -3.00
CA PRO A 47 15.89 4.57 -3.68
C PRO A 47 14.96 3.52 -4.28
N GLU A 48 15.27 3.07 -5.48
CA GLU A 48 14.45 2.08 -6.16
C GLU A 48 14.18 0.88 -5.26
N ALA A 49 14.99 0.75 -4.20
CA ALA A 49 14.84 -0.35 -3.26
C ALA A 49 13.73 -0.06 -2.25
N ARG A 50 13.62 1.20 -1.84
CA ARG A 50 12.60 1.61 -0.89
C ARG A 50 11.20 1.38 -1.45
N ILE A 51 10.94 1.95 -2.62
CA ILE A 51 9.64 1.82 -3.26
C ILE A 51 9.16 0.37 -3.23
N GLN A 52 10.03 -0.55 -3.63
CA GLN A 52 9.69 -1.97 -3.63
C GLN A 52 9.04 -2.38 -2.32
N VAL A 53 9.66 -2.01 -1.21
CA VAL A 53 9.12 -2.33 0.11
C VAL A 53 7.76 -1.67 0.33
N TRP A 54 7.75 -0.35 0.36
CA TRP A 54 6.51 0.39 0.57
C TRP A 54 5.35 -0.27 -0.16
N PHE A 55 5.59 -0.68 -1.40
CA PHE A 55 4.56 -1.33 -2.20
C PHE A 55 4.25 -2.72 -1.66
N SER A 56 5.29 -3.46 -1.29
CA SER A 56 5.13 -4.80 -0.76
C SER A 56 4.13 -4.82 0.38
N ASN A 57 4.34 -3.95 1.37
CA ASN A 57 3.45 -3.86 2.52
C ASN A 57 2.05 -3.46 2.09
N ARG A 58 1.96 -2.54 1.15
CA ARG A 58 0.67 -2.06 0.65
C ARG A 58 -0.17 -3.23 0.15
N ARG A 59 0.38 -4.02 -0.76
CA ARG A 59 -0.33 -5.17 -1.31
C ARG A 59 -1.07 -5.92 -0.22
N ALA A 60 -0.46 -6.04 0.94
CA ALA A 60 -1.07 -6.74 2.06
C ALA A 60 -2.24 -5.95 2.63
N LYS A 61 -2.10 -4.63 2.64
CA LYS A 61 -3.15 -3.75 3.16
C LYS A 61 -4.28 -3.60 2.15
N TRP A 62 -3.98 -3.87 0.89
CA TRP A 62 -4.97 -3.77 -0.18
C TRP A 62 -5.72 -5.07 -0.35
N ARG A 63 -4.98 -6.17 -0.40
CA ARG A 63 -5.57 -7.50 -0.57
C ARG A 63 -6.44 -7.85 0.64
N ARG A 64 -6.04 -7.38 1.81
CA ARG A 64 -6.78 -7.65 3.04
C ARG A 64 -8.03 -6.79 3.12
N GLU A 65 -7.92 -5.53 2.69
CA GLU A 65 -9.03 -4.60 2.72
C GLU A 65 -10.04 -4.93 1.61
N GLU A 66 -9.57 -4.90 0.38
CA GLU A 66 -10.42 -5.19 -0.77
C GLU A 66 -11.43 -6.27 -0.44
N LYS A 67 -11.01 -7.24 0.37
CA LYS A 67 -11.89 -8.34 0.78
C LYS A 67 -13.00 -7.84 1.70
N LEU A 68 -12.61 -7.08 2.72
CA LEU A 68 -13.56 -6.54 3.68
C LEU A 68 -14.66 -5.76 2.97
N ARG A 69 -14.31 -5.12 1.85
CA ARG A 69 -15.27 -4.34 1.09
C ARG A 69 -16.44 -5.21 0.63
N ASN A 70 -16.11 -6.34 0.00
CA ASN A 70 -17.14 -7.26 -0.48
C ASN A 70 -18.01 -7.77 0.67
N GLN A 71 -17.39 -8.00 1.81
CA GLN A 71 -18.10 -8.48 2.98
C GLN A 71 -19.18 -7.50 3.41
N ARG A 72 -19.07 -6.26 2.94
CA ARG A 72 -20.03 -5.21 3.26
C ARG A 72 -21.20 -5.23 2.29
N ARG A 73 -20.93 -5.61 1.05
CA ARG A 73 -21.96 -5.68 0.02
C ARG A 73 -23.25 -6.27 0.59
N GLN A 74 -24.39 -5.71 0.18
CA GLN A 74 -25.69 -6.18 0.64
C GLN A 74 -26.00 -7.56 0.07
N SER A 75 -25.65 -8.59 0.84
CA SER A 75 -25.89 -9.96 0.42
C SER A 75 -26.18 -10.86 1.62
N GLY A 76 -27.35 -11.49 1.61
CA GLY A 76 -27.73 -12.36 2.70
C GLY A 76 -26.60 -13.26 3.15
N PRO A 77 -26.68 -13.75 4.40
CA PRO A 77 -25.65 -14.63 4.97
C PRO A 77 -25.66 -16.01 4.33
N SER A 78 -24.48 -16.63 4.30
CA SER A 78 -24.34 -17.96 3.70
C SER A 78 -24.06 -19.01 4.77
N SER A 79 -23.04 -18.74 5.59
CA SER A 79 -22.66 -19.66 6.66
C SER A 79 -22.34 -21.04 6.10
N GLY A 80 -21.63 -21.07 4.97
CA GLY A 80 -21.26 -22.33 4.35
C GLY A 80 -22.45 -23.25 4.17
N GLY A 1 -5.33 -19.67 16.38
CA GLY A 1 -5.26 -18.82 17.56
C GLY A 1 -4.46 -17.56 17.32
N SER A 2 -3.27 -17.49 17.93
CA SER A 2 -2.42 -16.32 17.78
C SER A 2 -0.97 -16.66 18.15
N SER A 3 -0.03 -16.24 17.31
CA SER A 3 1.38 -16.49 17.56
C SER A 3 2.07 -15.27 18.13
N GLY A 4 2.64 -15.41 19.33
CA GLY A 4 3.33 -14.31 19.96
C GLY A 4 2.36 -13.24 20.46
N SER A 5 2.83 -11.99 20.47
CA SER A 5 2.01 -10.88 20.93
C SER A 5 1.65 -9.95 19.77
N SER A 6 0.57 -9.19 19.93
CA SER A 6 0.12 -8.26 18.90
C SER A 6 1.27 -7.36 18.46
N GLY A 7 1.89 -6.68 19.43
CA GLY A 7 2.99 -5.78 19.12
C GLY A 7 2.61 -4.75 18.07
N GLN A 8 1.96 -3.68 18.51
CA GLN A 8 1.55 -2.62 17.60
C GLN A 8 2.56 -1.48 17.60
N ARG A 9 3.62 -1.63 16.80
CA ARG A 9 4.65 -0.61 16.71
C ARG A 9 5.09 -0.41 15.26
N ASN A 10 5.49 0.82 14.94
CA ASN A 10 5.92 1.14 13.59
C ASN A 10 6.64 2.49 13.55
N ARG A 11 7.80 2.53 12.92
CA ARG A 11 8.59 3.76 12.83
C ARG A 11 8.39 4.42 11.46
N THR A 12 7.55 5.46 11.43
CA THR A 12 7.28 6.18 10.20
C THR A 12 8.56 6.62 9.52
N SER A 13 8.93 5.93 8.45
CA SER A 13 10.15 6.26 7.70
C SER A 13 9.86 7.26 6.59
N PHE A 14 8.95 6.88 5.69
CA PHE A 14 8.58 7.74 4.57
C PHE A 14 7.81 8.97 5.07
N THR A 15 7.75 10.00 4.23
CA THR A 15 7.04 11.23 4.56
C THR A 15 5.82 11.42 3.69
N GLN A 16 4.80 12.08 4.24
CA GLN A 16 3.57 12.33 3.50
C GLN A 16 3.87 12.74 2.06
N GLU A 17 4.89 13.57 1.89
CA GLU A 17 5.28 14.04 0.57
C GLU A 17 5.57 12.87 -0.37
N GLN A 18 6.20 11.83 0.18
CA GLN A 18 6.54 10.65 -0.61
C GLN A 18 5.37 9.67 -0.63
N ILE A 19 4.63 9.60 0.47
CA ILE A 19 3.49 8.71 0.57
C ILE A 19 2.43 9.05 -0.46
N GLU A 20 2.24 10.34 -0.71
CA GLU A 20 1.26 10.80 -1.68
C GLU A 20 1.60 10.28 -3.07
N ALA A 21 2.88 10.31 -3.42
CA ALA A 21 3.34 9.85 -4.72
C ALA A 21 3.43 8.33 -4.77
N LEU A 22 3.71 7.72 -3.62
CA LEU A 22 3.83 6.27 -3.53
C LEU A 22 2.44 5.61 -3.57
N GLU A 23 1.43 6.35 -3.14
CA GLU A 23 0.06 5.83 -3.13
C GLU A 23 -0.57 5.97 -4.52
N LYS A 24 -0.38 7.14 -5.13
CA LYS A 24 -0.94 7.40 -6.46
C LYS A 24 -0.43 6.39 -7.48
N GLU A 25 0.89 6.17 -7.47
CA GLU A 25 1.50 5.22 -8.39
C GLU A 25 0.88 3.84 -8.25
N PHE A 26 0.47 3.50 -7.04
CA PHE A 26 -0.15 2.21 -6.77
C PHE A 26 -1.56 2.15 -7.36
N GLU A 27 -2.31 3.24 -7.19
CA GLU A 27 -3.68 3.30 -7.70
C GLU A 27 -3.72 2.95 -9.18
N ARG A 28 -2.64 3.24 -9.88
CA ARG A 28 -2.56 2.97 -11.31
C ARG A 28 -2.00 1.56 -11.57
N THR A 29 -0.94 1.22 -10.84
CA THR A 29 -0.31 -0.09 -10.98
C THR A 29 0.22 -0.59 -9.65
N HIS A 30 -0.25 -1.77 -9.24
CA HIS A 30 0.18 -2.37 -7.98
C HIS A 30 1.61 -2.90 -8.09
N TYR A 31 2.11 -2.98 -9.32
CA TYR A 31 3.47 -3.47 -9.55
C TYR A 31 4.21 -2.57 -10.54
N PRO A 32 4.74 -1.44 -10.03
CA PRO A 32 5.48 -0.48 -10.84
C PRO A 32 6.83 -1.02 -11.30
N ASP A 33 6.88 -1.48 -12.56
CA ASP A 33 8.11 -2.02 -13.12
C ASP A 33 9.28 -1.08 -12.86
N VAL A 34 10.48 -1.53 -13.25
CA VAL A 34 11.68 -0.72 -13.06
C VAL A 34 11.52 0.68 -13.65
N PHE A 35 10.85 0.75 -14.79
CA PHE A 35 10.61 2.03 -15.45
C PHE A 35 9.74 2.95 -14.59
N ALA A 36 8.99 2.35 -13.67
CA ALA A 36 8.13 3.10 -12.77
C ALA A 36 8.87 3.48 -11.49
N ARG A 37 9.47 2.49 -10.85
CA ARG A 37 10.21 2.73 -9.62
C ARG A 37 11.35 3.71 -9.83
N GLU A 38 11.96 3.65 -11.01
CA GLU A 38 13.07 4.54 -11.35
C GLU A 38 12.60 5.98 -11.43
N ARG A 39 11.59 6.22 -12.27
CA ARG A 39 11.05 7.57 -12.45
C ARG A 39 10.57 8.14 -11.12
N LEU A 40 9.84 7.32 -10.37
CA LEU A 40 9.30 7.75 -9.08
C LEU A 40 10.43 8.02 -8.09
N ALA A 41 11.48 7.19 -8.14
CA ALA A 41 12.62 7.34 -7.25
C ALA A 41 13.11 8.78 -7.23
N ALA A 42 13.04 9.44 -8.39
CA ALA A 42 13.48 10.83 -8.50
C ALA A 42 12.33 11.80 -8.20
N LYS A 43 11.11 11.27 -8.21
CA LYS A 43 9.93 12.09 -7.94
C LYS A 43 9.74 12.28 -6.44
N ILE A 44 9.97 11.22 -5.68
CA ILE A 44 9.83 11.27 -4.23
C ILE A 44 11.19 11.23 -3.54
N ASP A 45 12.25 11.33 -4.33
CA ASP A 45 13.61 11.30 -3.80
C ASP A 45 13.83 10.07 -2.93
N LEU A 46 13.49 8.90 -3.48
CA LEU A 46 13.66 7.64 -2.77
C LEU A 46 14.34 6.61 -3.64
N PRO A 47 15.10 5.70 -3.01
CA PRO A 47 15.82 4.64 -3.71
C PRO A 47 14.89 3.59 -4.29
N GLU A 48 15.21 3.14 -5.51
CA GLU A 48 14.40 2.13 -6.19
C GLU A 48 14.13 0.93 -5.27
N ALA A 49 14.95 0.81 -4.22
CA ALA A 49 14.80 -0.29 -3.27
C ALA A 49 13.68 0.00 -2.27
N ARG A 50 13.59 1.26 -1.85
CA ARG A 50 12.57 1.66 -0.88
C ARG A 50 11.17 1.46 -1.45
N ILE A 51 10.94 2.02 -2.63
CA ILE A 51 9.64 1.92 -3.29
C ILE A 51 9.13 0.47 -3.25
N GLN A 52 9.99 -0.47 -3.61
CA GLN A 52 9.63 -1.88 -3.61
C GLN A 52 8.96 -2.27 -2.29
N VAL A 53 9.60 -1.93 -1.19
CA VAL A 53 9.07 -2.24 0.13
C VAL A 53 7.71 -1.58 0.35
N TRP A 54 7.69 -0.25 0.32
CA TRP A 54 6.46 0.50 0.51
C TRP A 54 5.30 -0.16 -0.22
N PHE A 55 5.56 -0.62 -1.44
CA PHE A 55 4.53 -1.27 -2.25
C PHE A 55 4.24 -2.68 -1.72
N SER A 56 5.30 -3.42 -1.41
CA SER A 56 5.16 -4.77 -0.90
C SER A 56 4.17 -4.82 0.27
N ASN A 57 4.39 -3.95 1.25
CA ASN A 57 3.52 -3.89 2.42
C ASN A 57 2.15 -3.35 2.05
N ARG A 58 2.09 -2.58 0.97
CA ARG A 58 0.83 -2.00 0.51
C ARG A 58 -0.08 -3.08 -0.04
N ARG A 59 0.45 -3.92 -0.93
CA ARG A 59 -0.33 -4.98 -1.53
C ARG A 59 -1.11 -5.77 -0.48
N ALA A 60 -0.45 -6.09 0.63
CA ALA A 60 -1.09 -6.82 1.71
C ALA A 60 -2.21 -6.01 2.34
N LYS A 61 -1.97 -4.72 2.52
CA LYS A 61 -2.97 -3.83 3.11
C LYS A 61 -4.14 -3.62 2.16
N TRP A 62 -3.88 -3.75 0.87
CA TRP A 62 -4.91 -3.57 -0.15
C TRP A 62 -5.73 -4.84 -0.31
N ARG A 63 -5.05 -5.99 -0.38
CA ARG A 63 -5.73 -7.28 -0.53
C ARG A 63 -6.57 -7.60 0.71
N ARG A 64 -6.07 -7.20 1.88
CA ARG A 64 -6.78 -7.45 3.13
C ARG A 64 -7.97 -6.50 3.27
N GLU A 65 -7.78 -5.25 2.88
CA GLU A 65 -8.83 -4.24 2.97
C GLU A 65 -9.93 -4.51 1.94
N GLU A 66 -9.54 -4.55 0.67
CA GLU A 66 -10.50 -4.80 -0.40
C GLU A 66 -11.57 -5.79 0.03
N LYS A 67 -11.21 -6.70 0.92
CA LYS A 67 -12.14 -7.71 1.43
C LYS A 67 -13.00 -7.13 2.55
N LEU A 68 -12.34 -6.54 3.54
CA LEU A 68 -13.05 -5.94 4.68
C LEU A 68 -14.09 -4.94 4.20
N ARG A 69 -13.77 -4.23 3.11
CA ARG A 69 -14.67 -3.24 2.56
C ARG A 69 -16.01 -3.86 2.19
N ASN A 70 -16.01 -5.18 1.96
CA ASN A 70 -17.22 -5.89 1.60
C ASN A 70 -18.06 -6.22 2.83
N GLN A 71 -17.40 -6.21 4.00
CA GLN A 71 -18.09 -6.50 5.25
C GLN A 71 -18.94 -5.33 5.70
N ARG A 72 -18.92 -4.26 4.91
CA ARG A 72 -19.69 -3.06 5.22
C ARG A 72 -20.88 -2.91 4.27
N ARG A 73 -21.01 -3.86 3.35
CA ARG A 73 -22.10 -3.83 2.38
C ARG A 73 -23.44 -3.60 3.07
N GLN A 74 -24.24 -2.70 2.51
CA GLN A 74 -25.54 -2.39 3.07
C GLN A 74 -26.28 -3.66 3.48
N SER A 75 -27.16 -3.53 4.47
CA SER A 75 -27.93 -4.68 4.96
C SER A 75 -29.32 -4.24 5.39
N GLY A 76 -30.29 -5.14 5.24
CA GLY A 76 -31.66 -4.84 5.61
C GLY A 76 -31.78 -4.41 7.05
N PRO A 77 -32.97 -3.90 7.43
CA PRO A 77 -33.23 -3.44 8.80
C PRO A 77 -33.30 -4.59 9.80
N SER A 78 -33.31 -5.81 9.28
CA SER A 78 -33.37 -6.99 10.13
C SER A 78 -32.24 -6.99 11.14
N SER A 79 -32.50 -6.39 12.31
CA SER A 79 -31.50 -6.32 13.37
C SER A 79 -32.11 -6.69 14.72
N GLY A 80 -31.25 -6.86 15.72
CA GLY A 80 -31.72 -7.22 17.04
C GLY A 80 -32.63 -6.15 17.65
N GLY A 1 -16.31 -17.65 13.82
CA GLY A 1 -15.49 -16.88 12.91
C GLY A 1 -14.94 -15.62 13.54
N SER A 2 -14.29 -15.77 14.69
CA SER A 2 -13.72 -14.64 15.40
C SER A 2 -12.77 -13.85 14.50
N SER A 3 -13.05 -12.58 14.32
CA SER A 3 -12.22 -11.71 13.47
C SER A 3 -11.16 -11.00 14.32
N GLY A 4 -11.60 -10.39 15.41
CA GLY A 4 -10.68 -9.67 16.28
C GLY A 4 -9.88 -8.62 15.53
N SER A 5 -8.88 -8.06 16.20
CA SER A 5 -8.05 -7.02 15.60
C SER A 5 -6.72 -7.61 15.13
N SER A 6 -6.09 -6.95 14.16
CA SER A 6 -4.81 -7.41 13.62
C SER A 6 -3.84 -6.25 13.49
N GLY A 7 -2.63 -6.44 14.01
CA GLY A 7 -1.62 -5.40 13.94
C GLY A 7 -1.51 -4.61 15.23
N GLN A 8 -0.35 -4.68 15.87
CA GLN A 8 -0.13 -3.97 17.13
C GLN A 8 0.56 -2.63 16.88
N ARG A 9 1.65 -2.67 16.12
CA ARG A 9 2.41 -1.46 15.81
C ARG A 9 3.38 -1.70 14.66
N ASN A 10 3.37 -0.80 13.69
CA ASN A 10 4.26 -0.93 12.53
C ASN A 10 4.87 0.42 12.18
N ARG A 11 5.96 0.39 11.40
CA ARG A 11 6.65 1.61 11.00
C ARG A 11 6.34 1.94 9.54
N THR A 12 6.61 3.19 9.15
CA THR A 12 6.36 3.63 7.79
C THR A 12 7.66 3.84 7.03
N SER A 13 8.59 4.59 7.64
CA SER A 13 9.88 4.87 7.03
C SER A 13 9.71 5.73 5.78
N PHE A 14 8.78 6.68 5.85
CA PHE A 14 8.52 7.57 4.72
C PHE A 14 7.78 8.82 5.17
N THR A 15 7.74 9.82 4.32
CA THR A 15 7.07 11.08 4.64
C THR A 15 5.78 11.23 3.82
N GLN A 16 4.91 12.13 4.28
CA GLN A 16 3.64 12.37 3.59
C GLN A 16 3.87 12.79 2.15
N GLU A 17 4.98 13.49 1.91
CA GLU A 17 5.31 13.97 0.57
C GLU A 17 5.66 12.79 -0.34
N GLN A 18 6.13 11.71 0.25
CA GLN A 18 6.50 10.52 -0.51
C GLN A 18 5.32 9.55 -0.60
N ILE A 19 4.57 9.43 0.48
CA ILE A 19 3.42 8.54 0.52
C ILE A 19 2.38 8.94 -0.52
N GLU A 20 2.28 10.24 -0.78
CA GLU A 20 1.33 10.75 -1.76
C GLU A 20 1.67 10.25 -3.16
N ALA A 21 2.95 10.28 -3.49
CA ALA A 21 3.41 9.84 -4.80
C ALA A 21 3.48 8.32 -4.88
N LEU A 22 3.75 7.69 -3.74
CA LEU A 22 3.83 6.23 -3.68
C LEU A 22 2.45 5.60 -3.72
N GLU A 23 1.44 6.37 -3.31
CA GLU A 23 0.07 5.88 -3.29
C GLU A 23 -0.56 6.01 -4.68
N LYS A 24 -0.34 7.14 -5.32
CA LYS A 24 -0.89 7.38 -6.66
C LYS A 24 -0.39 6.33 -7.64
N GLU A 25 0.91 6.08 -7.63
CA GLU A 25 1.50 5.10 -8.53
C GLU A 25 0.92 3.71 -8.29
N PHE A 26 0.63 3.42 -7.02
CA PHE A 26 0.06 2.12 -6.66
C PHE A 26 -1.37 1.99 -7.18
N GLU A 27 -2.14 3.06 -7.05
CA GLU A 27 -3.53 3.06 -7.50
C GLU A 27 -3.62 2.67 -8.97
N ARG A 28 -2.58 3.01 -9.74
CA ARG A 28 -2.55 2.69 -11.16
C ARG A 28 -1.96 1.30 -11.39
N THR A 29 -0.86 1.01 -10.71
CA THR A 29 -0.20 -0.29 -10.83
C THR A 29 0.41 -0.72 -9.50
N HIS A 30 0.05 -1.92 -9.06
CA HIS A 30 0.56 -2.46 -7.80
C HIS A 30 1.99 -2.96 -7.98
N TYR A 31 2.43 -3.10 -9.22
CA TYR A 31 3.77 -3.57 -9.52
C TYR A 31 4.50 -2.59 -10.44
N PRO A 32 5.07 -1.54 -9.84
CA PRO A 32 5.82 -0.51 -10.57
C PRO A 32 7.13 -1.04 -11.13
N ASP A 33 7.13 -1.39 -12.41
CA ASP A 33 8.33 -1.90 -13.06
C ASP A 33 9.49 -0.94 -12.90
N VAL A 34 10.66 -1.34 -13.40
CA VAL A 34 11.86 -0.51 -13.31
C VAL A 34 11.59 0.90 -13.83
N PHE A 35 10.81 0.99 -14.90
CA PHE A 35 10.48 2.28 -15.50
C PHE A 35 9.59 3.10 -14.57
N ALA A 36 8.94 2.42 -13.64
CA ALA A 36 8.06 3.09 -12.67
C ALA A 36 8.82 3.44 -11.40
N ARG A 37 9.59 2.48 -10.89
CA ARG A 37 10.36 2.70 -9.67
C ARG A 37 11.39 3.81 -9.87
N GLU A 38 12.07 3.78 -11.01
CA GLU A 38 13.09 4.78 -11.32
C GLU A 38 12.48 6.18 -11.37
N ARG A 39 11.50 6.36 -12.26
CA ARG A 39 10.84 7.66 -12.40
C ARG A 39 10.34 8.16 -11.06
N LEU A 40 9.69 7.29 -10.30
CA LEU A 40 9.16 7.65 -8.99
C LEU A 40 10.30 7.96 -8.02
N ALA A 41 11.36 7.16 -8.06
CA ALA A 41 12.50 7.36 -7.19
C ALA A 41 12.92 8.83 -7.15
N ALA A 42 12.84 9.48 -8.31
CA ALA A 42 13.21 10.89 -8.41
C ALA A 42 12.03 11.80 -8.08
N LYS A 43 10.83 11.23 -8.12
CA LYS A 43 9.61 11.99 -7.82
C LYS A 43 9.46 12.19 -6.32
N ILE A 44 9.87 11.18 -5.55
CA ILE A 44 9.79 11.25 -4.09
C ILE A 44 11.17 11.22 -3.44
N ASP A 45 12.20 11.24 -4.28
CA ASP A 45 13.57 11.21 -3.80
C ASP A 45 13.82 9.99 -2.92
N LEU A 46 13.51 8.81 -3.45
CA LEU A 46 13.69 7.57 -2.72
C LEU A 46 14.42 6.53 -3.56
N PRO A 47 15.19 5.66 -2.90
CA PRO A 47 15.94 4.60 -3.58
C PRO A 47 15.05 3.52 -4.16
N GLU A 48 15.34 3.13 -5.40
CA GLU A 48 14.54 2.10 -6.07
C GLU A 48 14.27 0.92 -5.14
N ALA A 49 15.18 0.70 -4.20
CA ALA A 49 15.04 -0.40 -3.24
C ALA A 49 13.90 -0.12 -2.27
N ARG A 50 13.77 1.13 -1.85
CA ARG A 50 12.72 1.52 -0.92
C ARG A 50 11.34 1.32 -1.54
N ILE A 51 11.13 1.94 -2.70
CA ILE A 51 9.85 1.83 -3.39
C ILE A 51 9.30 0.41 -3.32
N GLN A 52 10.16 -0.57 -3.58
CA GLN A 52 9.76 -1.97 -3.54
C GLN A 52 9.00 -2.28 -2.26
N VAL A 53 9.65 -2.07 -1.12
CA VAL A 53 9.03 -2.33 0.18
C VAL A 53 7.68 -1.62 0.29
N TRP A 54 7.71 -0.29 0.20
CA TRP A 54 6.49 0.50 0.29
C TRP A 54 5.34 -0.17 -0.45
N PHE A 55 5.63 -0.66 -1.64
CA PHE A 55 4.62 -1.34 -2.46
C PHE A 55 4.33 -2.74 -1.92
N SER A 56 5.37 -3.42 -1.46
CA SER A 56 5.22 -4.76 -0.92
C SER A 56 4.19 -4.79 0.19
N ASN A 57 4.39 -3.95 1.21
CA ASN A 57 3.48 -3.88 2.34
C ASN A 57 2.09 -3.44 1.89
N ARG A 58 2.04 -2.48 0.97
CA ARG A 58 0.78 -1.96 0.46
C ARG A 58 -0.12 -3.10 0.00
N ARG A 59 0.40 -3.94 -0.89
CA ARG A 59 -0.36 -5.07 -1.42
C ARG A 59 -1.16 -5.75 -0.30
N ALA A 60 -0.54 -5.90 0.86
CA ALA A 60 -1.19 -6.53 2.00
C ALA A 60 -2.36 -5.68 2.50
N LYS A 61 -2.12 -4.38 2.63
CA LYS A 61 -3.14 -3.46 3.09
C LYS A 61 -4.29 -3.37 2.10
N TRP A 62 -3.97 -3.50 0.81
CA TRP A 62 -4.99 -3.44 -0.24
C TRP A 62 -5.78 -4.73 -0.29
N ARG A 63 -5.08 -5.86 -0.39
CA ARG A 63 -5.73 -7.16 -0.47
C ARG A 63 -6.65 -7.38 0.75
N ARG A 64 -6.14 -7.07 1.93
CA ARG A 64 -6.91 -7.23 3.15
C ARG A 64 -8.15 -6.34 3.14
N GLU A 65 -7.97 -5.10 2.70
CA GLU A 65 -9.08 -4.15 2.63
C GLU A 65 -10.15 -4.61 1.65
N GLU A 66 -9.74 -4.77 0.39
CA GLU A 66 -10.66 -5.21 -0.65
C GLU A 66 -11.48 -6.41 -0.18
N LYS A 67 -10.89 -7.22 0.70
CA LYS A 67 -11.56 -8.39 1.22
C LYS A 67 -12.74 -8.00 2.12
N LEU A 68 -12.47 -7.15 3.10
CA LEU A 68 -13.50 -6.69 4.02
C LEU A 68 -14.74 -6.21 3.26
N ARG A 69 -14.53 -5.77 2.02
CA ARG A 69 -15.63 -5.29 1.19
C ARG A 69 -16.40 -6.45 0.58
N ASN A 70 -15.67 -7.37 -0.04
CA ASN A 70 -16.30 -8.54 -0.67
C ASN A 70 -17.15 -9.31 0.34
N GLN A 71 -16.66 -9.39 1.57
CA GLN A 71 -17.37 -10.11 2.63
C GLN A 71 -18.64 -9.35 3.03
N ARG A 72 -18.54 -8.03 3.10
CA ARG A 72 -19.68 -7.19 3.48
C ARG A 72 -20.74 -7.22 2.39
N ARG A 73 -20.31 -7.35 1.15
CA ARG A 73 -21.23 -7.39 0.01
C ARG A 73 -22.30 -8.45 0.21
N GLN A 74 -23.47 -8.21 -0.35
CA GLN A 74 -24.59 -9.15 -0.24
C GLN A 74 -24.94 -9.74 -1.59
N SER A 75 -24.50 -10.97 -1.83
CA SER A 75 -24.77 -11.65 -3.09
C SER A 75 -24.59 -13.17 -2.94
N GLY A 76 -25.59 -13.92 -3.39
CA GLY A 76 -25.53 -15.37 -3.30
C GLY A 76 -26.84 -15.96 -2.84
N PRO A 77 -26.95 -16.21 -1.52
CA PRO A 77 -28.15 -16.80 -0.93
C PRO A 77 -29.34 -15.84 -0.95
N SER A 78 -30.46 -16.30 -1.48
CA SER A 78 -31.66 -15.48 -1.56
C SER A 78 -31.92 -14.75 -0.25
N SER A 79 -31.68 -13.44 -0.25
CA SER A 79 -31.87 -12.62 0.94
C SER A 79 -33.14 -13.04 1.69
N GLY A 80 -33.00 -13.27 2.98
CA GLY A 80 -34.14 -13.67 3.79
C GLY A 80 -33.79 -13.79 5.26
N GLY A 1 -0.73 -12.95 3.87
CA GLY A 1 -2.04 -13.58 3.89
C GLY A 1 -2.55 -13.80 5.30
N SER A 2 -1.70 -14.36 6.14
CA SER A 2 -2.08 -14.64 7.53
C SER A 2 -1.26 -13.80 8.50
N SER A 3 0.06 -13.82 8.32
CA SER A 3 0.95 -13.05 9.18
C SER A 3 1.21 -11.67 8.61
N GLY A 4 0.70 -10.64 9.30
CA GLY A 4 0.88 -9.27 8.84
C GLY A 4 1.98 -8.55 9.60
N SER A 5 1.95 -7.23 9.54
CA SER A 5 2.95 -6.41 10.23
C SER A 5 2.86 -6.60 11.74
N SER A 6 3.78 -5.96 12.46
CA SER A 6 3.80 -6.06 13.92
C SER A 6 2.84 -5.06 14.55
N GLY A 7 2.90 -3.82 14.09
CA GLY A 7 2.04 -2.77 14.61
C GLY A 7 2.47 -1.39 14.20
N GLN A 8 2.40 -0.44 15.12
CA GLN A 8 2.79 0.94 14.84
C GLN A 8 4.30 1.12 14.98
N ARG A 9 4.97 1.29 13.85
CA ARG A 9 6.41 1.48 13.85
C ARG A 9 6.80 2.78 14.56
N ASN A 10 7.85 2.72 15.36
CA ASN A 10 8.32 3.89 16.10
C ASN A 10 9.26 4.72 15.25
N ARG A 11 8.96 4.82 13.95
CA ARG A 11 9.78 5.59 13.03
C ARG A 11 9.02 5.86 11.73
N THR A 12 9.24 7.03 11.15
CA THR A 12 8.59 7.41 9.90
C THR A 12 9.46 7.08 8.70
N SER A 13 9.60 5.79 8.40
CA SER A 13 10.40 5.34 7.28
C SER A 13 10.19 6.23 6.06
N PHE A 14 8.94 6.63 5.85
CA PHE A 14 8.60 7.50 4.72
C PHE A 14 7.88 8.75 5.19
N THR A 15 7.86 9.77 4.34
CA THR A 15 7.20 11.03 4.67
C THR A 15 5.90 11.19 3.90
N GLN A 16 4.95 11.91 4.49
CA GLN A 16 3.66 12.14 3.86
C GLN A 16 3.82 12.65 2.44
N GLU A 17 4.92 13.36 2.20
CA GLU A 17 5.19 13.91 0.87
C GLU A 17 5.52 12.80 -0.12
N GLN A 18 6.09 11.72 0.39
CA GLN A 18 6.46 10.58 -0.44
C GLN A 18 5.31 9.58 -0.55
N ILE A 19 4.59 9.40 0.55
CA ILE A 19 3.47 8.48 0.59
C ILE A 19 2.40 8.87 -0.43
N GLU A 20 2.24 10.18 -0.63
CA GLU A 20 1.25 10.68 -1.57
C GLU A 20 1.56 10.22 -2.99
N ALA A 21 2.84 10.29 -3.36
CA ALA A 21 3.28 9.88 -4.69
C ALA A 21 3.38 8.36 -4.79
N LEU A 22 3.72 7.72 -3.68
CA LEU A 22 3.85 6.27 -3.64
C LEU A 22 2.49 5.59 -3.71
N GLU A 23 1.44 6.34 -3.33
CA GLU A 23 0.09 5.81 -3.35
C GLU A 23 -0.53 5.93 -4.74
N LYS A 24 -0.40 7.12 -5.32
CA LYS A 24 -0.95 7.37 -6.65
C LYS A 24 -0.43 6.35 -7.66
N GLU A 25 0.88 6.12 -7.66
CA GLU A 25 1.50 5.16 -8.56
C GLU A 25 0.89 3.78 -8.38
N PHE A 26 0.57 3.43 -7.13
CA PHE A 26 -0.02 2.13 -6.82
C PHE A 26 -1.42 2.01 -7.43
N GLU A 27 -2.21 3.06 -7.28
CA GLU A 27 -3.57 3.07 -7.82
C GLU A 27 -3.57 2.69 -9.29
N ARG A 28 -2.54 3.11 -10.01
CA ARG A 28 -2.43 2.82 -11.44
C ARG A 28 -1.88 1.41 -11.66
N THR A 29 -0.81 1.07 -10.94
CA THR A 29 -0.20 -0.24 -11.05
C THR A 29 0.33 -0.73 -9.72
N HIS A 30 -0.17 -1.88 -9.27
CA HIS A 30 0.25 -2.46 -7.99
C HIS A 30 1.69 -2.96 -8.07
N TYR A 31 2.22 -3.05 -9.29
CA TYR A 31 3.58 -3.52 -9.50
C TYR A 31 4.33 -2.61 -10.46
N PRO A 32 4.85 -1.49 -9.94
CA PRO A 32 5.60 -0.51 -10.73
C PRO A 32 6.95 -1.04 -11.17
N ASP A 33 7.04 -1.45 -12.44
CA ASP A 33 8.28 -1.98 -12.99
C ASP A 33 9.43 -0.98 -12.79
N VAL A 34 10.62 -1.36 -13.26
CA VAL A 34 11.79 -0.51 -13.14
C VAL A 34 11.53 0.87 -13.74
N PHE A 35 10.80 0.90 -14.85
CA PHE A 35 10.47 2.14 -15.53
C PHE A 35 9.63 3.05 -14.63
N ALA A 36 8.94 2.44 -13.66
CA ALA A 36 8.10 3.19 -12.75
C ALA A 36 8.87 3.57 -11.48
N ARG A 37 9.48 2.57 -10.85
CA ARG A 37 10.25 2.80 -9.63
C ARG A 37 11.38 3.79 -9.87
N GLU A 38 12.01 3.69 -11.03
CA GLU A 38 13.11 4.58 -11.38
C GLU A 38 12.63 6.03 -11.48
N ARG A 39 11.65 6.26 -12.36
CA ARG A 39 11.10 7.60 -12.55
C ARG A 39 10.61 8.17 -11.23
N LEU A 40 9.92 7.35 -10.45
CA LEU A 40 9.39 7.79 -9.16
C LEU A 40 10.52 8.07 -8.17
N ALA A 41 11.57 7.25 -8.23
CA ALA A 41 12.71 7.41 -7.35
C ALA A 41 13.14 8.86 -7.26
N ALA A 42 13.07 9.57 -8.38
CA ALA A 42 13.45 10.98 -8.43
C ALA A 42 12.25 11.87 -8.20
N LYS A 43 11.05 11.29 -8.28
CA LYS A 43 9.81 12.04 -8.08
C LYS A 43 9.55 12.27 -6.60
N ILE A 44 9.98 11.31 -5.78
CA ILE A 44 9.79 11.40 -4.33
C ILE A 44 11.14 11.41 -3.60
N ASP A 45 12.22 11.27 -4.37
CA ASP A 45 13.55 11.27 -3.79
C ASP A 45 13.77 10.04 -2.92
N LEU A 46 13.50 8.87 -3.47
CA LEU A 46 13.66 7.61 -2.74
C LEU A 46 14.37 6.57 -3.60
N PRO A 47 15.12 5.68 -2.93
CA PRO A 47 15.87 4.61 -3.61
C PRO A 47 14.94 3.54 -4.20
N GLU A 48 15.21 3.15 -5.45
CA GLU A 48 14.42 2.14 -6.12
C GLU A 48 14.14 0.96 -5.19
N ALA A 49 15.04 0.74 -4.24
CA ALA A 49 14.89 -0.36 -3.28
C ALA A 49 13.76 -0.09 -2.30
N ARG A 50 13.67 1.16 -1.83
CA ARG A 50 12.64 1.54 -0.89
C ARG A 50 11.25 1.36 -1.49
N ILE A 51 11.03 1.97 -2.65
CA ILE A 51 9.74 1.88 -3.33
C ILE A 51 9.21 0.46 -3.31
N GLN A 52 10.08 -0.50 -3.60
CA GLN A 52 9.71 -1.90 -3.61
C GLN A 52 9.00 -2.29 -2.30
N VAL A 53 9.66 -2.02 -1.19
CA VAL A 53 9.11 -2.32 0.12
C VAL A 53 7.76 -1.64 0.32
N TRP A 54 7.76 -0.31 0.26
CA TRP A 54 6.54 0.47 0.43
C TRP A 54 5.38 -0.17 -0.32
N PHE A 55 5.63 -0.58 -1.56
CA PHE A 55 4.60 -1.21 -2.39
C PHE A 55 4.26 -2.60 -1.86
N SER A 56 5.28 -3.35 -1.46
CA SER A 56 5.09 -4.69 -0.94
C SER A 56 4.08 -4.70 0.20
N ASN A 57 4.36 -3.93 1.23
CA ASN A 57 3.48 -3.85 2.39
C ASN A 57 2.08 -3.40 1.97
N ARG A 58 2.02 -2.49 1.01
CA ARG A 58 0.74 -1.98 0.52
C ARG A 58 -0.16 -3.12 0.07
N ARG A 59 0.37 -3.98 -0.79
CA ARG A 59 -0.39 -5.11 -1.30
C ARG A 59 -1.18 -5.79 -0.18
N ALA A 60 -0.53 -5.96 0.96
CA ALA A 60 -1.17 -6.59 2.11
C ALA A 60 -2.31 -5.75 2.64
N LYS A 61 -2.13 -4.44 2.63
CA LYS A 61 -3.15 -3.51 3.11
C LYS A 61 -4.31 -3.43 2.13
N TRP A 62 -4.02 -3.67 0.85
CA TRP A 62 -5.05 -3.63 -0.19
C TRP A 62 -5.84 -4.92 -0.22
N ARG A 63 -5.13 -6.05 -0.28
CA ARG A 63 -5.78 -7.35 -0.33
C ARG A 63 -6.65 -7.56 0.90
N ARG A 64 -6.18 -7.09 2.06
CA ARG A 64 -6.92 -7.23 3.31
C ARG A 64 -8.17 -6.36 3.30
N GLU A 65 -8.03 -5.15 2.78
CA GLU A 65 -9.16 -4.22 2.71
C GLU A 65 -10.20 -4.70 1.71
N GLU A 66 -9.78 -4.86 0.46
CA GLU A 66 -10.67 -5.31 -0.60
C GLU A 66 -11.61 -6.41 -0.09
N LYS A 67 -11.08 -7.29 0.77
CA LYS A 67 -11.87 -8.38 1.33
C LYS A 67 -12.98 -7.83 2.23
N LEU A 68 -12.63 -6.91 3.10
CA LEU A 68 -13.59 -6.31 4.01
C LEU A 68 -14.79 -5.75 3.25
N ARG A 69 -14.55 -5.30 2.02
CA ARG A 69 -15.61 -4.75 1.18
C ARG A 69 -16.70 -5.79 0.93
N ASN A 70 -16.28 -7.01 0.60
CA ASN A 70 -17.22 -8.09 0.33
C ASN A 70 -18.05 -8.42 1.56
N GLN A 71 -17.49 -8.12 2.73
CA GLN A 71 -18.18 -8.38 4.00
C GLN A 71 -19.30 -7.38 4.22
N ARG A 72 -19.14 -6.18 3.68
CA ARG A 72 -20.13 -5.13 3.82
C ARG A 72 -20.91 -4.94 2.52
N ARG A 73 -20.84 -5.93 1.65
CA ARG A 73 -21.54 -5.88 0.37
C ARG A 73 -22.97 -5.38 0.54
N GLN A 74 -23.55 -4.86 -0.53
CA GLN A 74 -24.92 -4.35 -0.49
C GLN A 74 -25.13 -3.45 0.73
N SER A 75 -24.14 -2.61 1.01
CA SER A 75 -24.21 -1.70 2.15
C SER A 75 -25.35 -0.70 1.98
N GLY A 76 -25.43 -0.10 0.80
CA GLY A 76 -26.47 0.87 0.52
C GLY A 76 -27.20 0.58 -0.77
N PRO A 77 -28.52 0.85 -0.79
CA PRO A 77 -29.36 0.62 -1.96
C PRO A 77 -29.05 1.60 -3.09
N SER A 78 -28.07 1.27 -3.91
CA SER A 78 -27.68 2.13 -5.03
C SER A 78 -27.60 1.33 -6.32
N SER A 79 -27.60 2.04 -7.45
CA SER A 79 -27.53 1.41 -8.76
C SER A 79 -26.32 0.48 -8.85
N GLY A 80 -26.55 -0.76 -9.26
CA GLY A 80 -25.47 -1.72 -9.38
C GLY A 80 -24.32 -1.19 -10.21
N GLY A 1 3.85 -15.77 3.60
CA GLY A 1 2.46 -15.38 3.81
C GLY A 1 2.09 -15.33 5.28
N SER A 2 2.06 -14.13 5.84
CA SER A 2 1.72 -13.94 7.24
C SER A 2 0.70 -12.83 7.42
N SER A 3 -0.04 -12.87 8.52
CA SER A 3 -1.06 -11.86 8.80
C SER A 3 -0.68 -11.05 10.04
N GLY A 4 -1.43 -9.98 10.29
CA GLY A 4 -1.17 -9.14 11.44
C GLY A 4 -1.59 -9.79 12.74
N SER A 5 -0.60 -10.29 13.50
CA SER A 5 -0.87 -10.95 14.76
C SER A 5 -0.13 -10.26 15.90
N SER A 6 -0.87 -9.78 16.89
CA SER A 6 -0.28 -9.09 18.03
C SER A 6 0.73 -8.04 17.58
N GLY A 7 0.37 -7.31 16.53
CA GLY A 7 1.25 -6.27 16.02
C GLY A 7 1.02 -4.93 16.67
N GLN A 8 1.89 -4.59 17.62
CA GLN A 8 1.78 -3.32 18.33
C GLN A 8 1.87 -2.14 17.37
N ARG A 9 1.52 -0.95 17.86
CA ARG A 9 1.57 0.25 17.04
C ARG A 9 2.76 0.22 16.09
N ASN A 10 2.57 0.75 14.88
CA ASN A 10 3.64 0.78 13.88
C ASN A 10 4.23 2.18 13.76
N ARG A 11 5.37 2.28 13.10
CA ARG A 11 6.04 3.56 12.91
C ARG A 11 6.27 3.84 11.43
N THR A 12 5.82 5.01 10.97
CA THR A 12 5.97 5.40 9.57
C THR A 12 7.23 6.23 9.38
N SER A 13 8.13 5.75 8.51
CA SER A 13 9.37 6.46 8.23
C SER A 13 9.18 7.47 7.11
N PHE A 14 8.59 7.02 6.01
CA PHE A 14 8.35 7.89 4.86
C PHE A 14 7.64 9.17 5.29
N THR A 15 7.49 10.10 4.35
CA THR A 15 6.83 11.36 4.62
C THR A 15 5.62 11.55 3.73
N GLN A 16 4.67 12.37 4.20
CA GLN A 16 3.45 12.64 3.45
C GLN A 16 3.77 13.08 2.03
N GLU A 17 4.92 13.74 1.87
CA GLU A 17 5.34 14.22 0.56
C GLU A 17 5.68 13.05 -0.37
N GLN A 18 6.14 11.95 0.22
CA GLN A 18 6.49 10.77 -0.56
C GLN A 18 5.30 9.82 -0.69
N ILE A 19 4.55 9.67 0.41
CA ILE A 19 3.39 8.80 0.42
C ILE A 19 2.38 9.21 -0.65
N GLU A 20 2.27 10.52 -0.89
CA GLU A 20 1.35 11.05 -1.89
C GLU A 20 1.71 10.54 -3.28
N ALA A 21 3.00 10.57 -3.60
CA ALA A 21 3.47 10.11 -4.90
C ALA A 21 3.50 8.58 -4.97
N LEU A 22 3.79 7.95 -3.83
CA LEU A 22 3.85 6.49 -3.76
C LEU A 22 2.46 5.88 -3.86
N GLU A 23 1.44 6.66 -3.47
CA GLU A 23 0.07 6.19 -3.52
C GLU A 23 -0.52 6.37 -4.92
N LYS A 24 -0.26 7.52 -5.52
CA LYS A 24 -0.76 7.82 -6.85
C LYS A 24 -0.25 6.80 -7.86
N GLU A 25 0.92 6.25 -7.60
CA GLU A 25 1.52 5.25 -8.49
C GLU A 25 0.93 3.87 -8.22
N PHE A 26 0.44 3.66 -7.01
CA PHE A 26 -0.15 2.39 -6.62
C PHE A 26 -1.59 2.28 -7.12
N GLU A 27 -2.31 3.39 -7.06
CA GLU A 27 -3.71 3.43 -7.50
C GLU A 27 -3.82 3.10 -8.98
N ARG A 28 -2.69 3.18 -9.69
CA ARG A 28 -2.66 2.90 -11.12
C ARG A 28 -2.10 1.51 -11.39
N THR A 29 -1.06 1.15 -10.66
CA THR A 29 -0.42 -0.15 -10.82
C THR A 29 0.15 -0.65 -9.50
N HIS A 30 -0.21 -1.88 -9.12
CA HIS A 30 0.27 -2.47 -7.88
C HIS A 30 1.71 -2.98 -8.04
N TYR A 31 2.15 -3.09 -9.29
CA TYR A 31 3.50 -3.57 -9.57
C TYR A 31 4.19 -2.67 -10.60
N PRO A 32 4.71 -1.52 -10.13
CA PRO A 32 5.40 -0.57 -10.99
C PRO A 32 6.74 -1.09 -11.49
N ASP A 33 6.79 -1.44 -12.77
CA ASP A 33 8.02 -1.96 -13.37
C ASP A 33 9.21 -1.08 -13.03
N VAL A 34 10.39 -1.48 -13.48
CA VAL A 34 11.61 -0.73 -13.21
C VAL A 34 11.49 0.70 -13.75
N PHE A 35 10.79 0.85 -14.86
CA PHE A 35 10.60 2.16 -15.48
C PHE A 35 9.74 3.06 -14.61
N ALA A 36 9.02 2.45 -13.67
CA ALA A 36 8.15 3.20 -12.77
C ALA A 36 8.88 3.54 -11.47
N ARG A 37 9.42 2.52 -10.81
CA ARG A 37 10.14 2.71 -9.56
C ARG A 37 11.30 3.69 -9.74
N GLU A 38 11.92 3.65 -10.91
CA GLU A 38 13.04 4.53 -11.20
C GLU A 38 12.58 5.98 -11.30
N ARG A 39 11.61 6.23 -12.15
CA ARG A 39 11.07 7.58 -12.34
C ARG A 39 10.56 8.14 -11.02
N LEU A 40 9.88 7.30 -10.24
CA LEU A 40 9.34 7.71 -8.96
C LEU A 40 10.46 7.96 -7.95
N ALA A 41 11.39 7.02 -7.87
CA ALA A 41 12.51 7.14 -6.94
C ALA A 41 13.06 8.57 -6.92
N ALA A 42 13.05 9.21 -8.09
CA ALA A 42 13.56 10.57 -8.21
C ALA A 42 12.44 11.59 -7.97
N LYS A 43 11.20 11.15 -8.16
CA LYS A 43 10.04 12.01 -7.96
C LYS A 43 9.82 12.29 -6.48
N ILE A 44 10.11 11.30 -5.65
CA ILE A 44 9.94 11.44 -4.20
C ILE A 44 11.29 11.44 -3.49
N ASP A 45 12.36 11.28 -4.25
CA ASP A 45 13.71 11.26 -3.70
C ASP A 45 13.95 9.99 -2.90
N LEU A 46 13.37 8.89 -3.36
CA LEU A 46 13.52 7.60 -2.68
C LEU A 46 14.23 6.60 -3.57
N PRO A 47 15.00 5.70 -2.96
CA PRO A 47 15.75 4.65 -3.69
C PRO A 47 14.83 3.60 -4.30
N GLU A 48 15.19 3.14 -5.49
CA GLU A 48 14.40 2.13 -6.19
C GLU A 48 14.19 0.90 -5.31
N ALA A 49 14.97 0.81 -4.23
CA ALA A 49 14.87 -0.32 -3.31
C ALA A 49 13.79 -0.07 -2.27
N ARG A 50 13.59 1.20 -1.91
CA ARG A 50 12.58 1.55 -0.92
C ARG A 50 11.18 1.36 -1.48
N ILE A 51 10.93 1.90 -2.67
CA ILE A 51 9.63 1.78 -3.31
C ILE A 51 9.13 0.35 -3.27
N GLN A 52 9.94 -0.57 -3.78
CA GLN A 52 9.58 -1.99 -3.81
C GLN A 52 8.94 -2.40 -2.49
N VAL A 53 9.53 -1.97 -1.38
CA VAL A 53 9.02 -2.30 -0.06
C VAL A 53 7.68 -1.61 0.20
N TRP A 54 7.69 -0.29 0.16
CA TRP A 54 6.47 0.49 0.39
C TRP A 54 5.30 -0.11 -0.37
N PHE A 55 5.59 -0.74 -1.50
CA PHE A 55 4.54 -1.35 -2.32
C PHE A 55 4.20 -2.74 -1.80
N SER A 56 5.21 -3.49 -1.38
CA SER A 56 5.01 -4.84 -0.87
C SER A 56 4.02 -4.84 0.29
N ASN A 57 4.29 -4.02 1.30
CA ASN A 57 3.42 -3.93 2.46
C ASN A 57 2.01 -3.51 2.05
N ARG A 58 1.92 -2.62 1.06
CA ARG A 58 0.63 -2.14 0.58
C ARG A 58 -0.22 -3.30 0.08
N ARG A 59 0.35 -4.12 -0.80
CA ARG A 59 -0.36 -5.26 -1.36
C ARG A 59 -1.09 -6.04 -0.27
N ALA A 60 -0.43 -6.21 0.86
CA ALA A 60 -1.01 -6.93 1.98
C ALA A 60 -2.15 -6.14 2.61
N LYS A 61 -2.02 -4.82 2.63
CA LYS A 61 -3.03 -3.95 3.19
C LYS A 61 -4.22 -3.82 2.25
N TRP A 62 -3.96 -3.95 0.96
CA TRP A 62 -5.02 -3.84 -0.05
C TRP A 62 -5.74 -5.18 -0.21
N ARG A 63 -4.98 -6.26 -0.27
CA ARG A 63 -5.55 -7.59 -0.44
C ARG A 63 -6.37 -7.98 0.80
N ARG A 64 -5.90 -7.58 1.97
CA ARG A 64 -6.59 -7.89 3.21
C ARG A 64 -7.84 -7.03 3.38
N GLU A 65 -7.74 -5.77 2.98
CA GLU A 65 -8.86 -4.85 3.08
C GLU A 65 -9.97 -5.23 2.09
N GLU A 66 -9.59 -5.38 0.82
CA GLU A 66 -10.54 -5.74 -0.21
C GLU A 66 -11.60 -6.70 0.33
N LYS A 67 -11.18 -7.60 1.21
CA LYS A 67 -12.09 -8.57 1.81
C LYS A 67 -12.90 -7.93 2.93
N LEU A 68 -12.21 -7.36 3.90
CA LEU A 68 -12.87 -6.72 5.04
C LEU A 68 -13.96 -5.78 4.57
N ARG A 69 -13.77 -5.20 3.38
CA ARG A 69 -14.75 -4.28 2.81
C ARG A 69 -16.04 -5.00 2.46
N ASN A 70 -15.91 -6.14 1.80
CA ASN A 70 -17.07 -6.93 1.40
C ASN A 70 -17.89 -7.34 2.61
N GLN A 71 -17.22 -7.58 3.73
CA GLN A 71 -17.88 -7.98 4.96
C GLN A 71 -18.97 -6.98 5.34
N ARG A 72 -18.62 -5.69 5.26
CA ARG A 72 -19.56 -4.63 5.61
C ARG A 72 -20.70 -4.56 4.59
N ARG A 73 -20.41 -4.94 3.35
CA ARG A 73 -21.41 -4.93 2.29
C ARG A 73 -22.62 -5.78 2.67
N GLN A 74 -23.77 -5.44 2.11
CA GLN A 74 -25.00 -6.16 2.39
C GLN A 74 -25.08 -6.57 3.86
N SER A 75 -24.69 -5.64 4.74
CA SER A 75 -24.71 -5.91 6.17
C SER A 75 -25.95 -6.71 6.57
N GLY A 76 -27.12 -6.25 6.14
CA GLY A 76 -28.36 -6.93 6.46
C GLY A 76 -29.58 -6.11 6.10
N PRO A 77 -30.71 -6.42 6.75
CA PRO A 77 -31.97 -5.72 6.51
C PRO A 77 -31.96 -4.30 7.04
N SER A 78 -30.93 -3.98 7.81
CA SER A 78 -30.80 -2.64 8.39
C SER A 78 -30.41 -1.62 7.32
N SER A 79 -29.39 -1.96 6.54
CA SER A 79 -28.92 -1.07 5.48
C SER A 79 -29.95 -0.97 4.35
N GLY A 80 -30.35 -2.13 3.83
CA GLY A 80 -31.33 -2.16 2.76
C GLY A 80 -31.84 -3.55 2.47
N GLY A 1 0.17 -17.97 24.32
CA GLY A 1 0.50 -18.47 25.65
C GLY A 1 0.25 -17.44 26.74
N SER A 2 0.28 -17.88 27.99
CA SER A 2 0.05 -17.00 29.13
C SER A 2 0.90 -15.74 29.01
N SER A 3 2.22 -15.93 28.95
CA SER A 3 3.15 -14.81 28.85
C SER A 3 2.98 -14.08 27.51
N GLY A 4 3.39 -12.82 27.48
CA GLY A 4 3.28 -12.04 26.27
C GLY A 4 3.13 -10.56 26.54
N SER A 5 1.99 -9.99 26.16
CA SER A 5 1.74 -8.56 26.37
C SER A 5 2.98 -7.74 26.03
N SER A 6 3.64 -8.10 24.93
CA SER A 6 4.85 -7.40 24.50
C SER A 6 4.53 -5.94 24.16
N GLY A 7 3.67 -5.74 23.16
CA GLY A 7 3.29 -4.40 22.76
C GLY A 7 3.89 -4.02 21.42
N GLN A 8 3.29 -3.02 20.77
CA GLN A 8 3.76 -2.56 19.47
C GLN A 8 3.56 -1.06 19.32
N ARG A 9 4.31 -0.46 18.41
CA ARG A 9 4.21 0.98 18.16
C ARG A 9 4.02 1.28 16.68
N ASN A 10 3.51 2.46 16.37
CA ASN A 10 3.28 2.86 14.99
C ASN A 10 4.29 3.92 14.56
N ARG A 11 5.48 3.48 14.16
CA ARG A 11 6.53 4.38 13.73
C ARG A 11 6.45 4.63 12.23
N THR A 12 6.82 5.84 11.80
CA THR A 12 6.79 6.20 10.39
C THR A 12 8.18 6.52 9.87
N SER A 13 8.48 6.09 8.64
CA SER A 13 9.77 6.34 8.03
C SER A 13 9.66 7.32 6.88
N PHE A 14 8.71 7.05 5.98
CA PHE A 14 8.50 7.91 4.82
C PHE A 14 7.80 9.21 5.23
N THR A 15 7.71 10.15 4.29
CA THR A 15 7.08 11.43 4.55
C THR A 15 5.80 11.59 3.73
N GLN A 16 4.86 12.36 4.25
CA GLN A 16 3.59 12.59 3.56
C GLN A 16 3.83 13.05 2.13
N GLU A 17 4.98 13.69 1.90
CA GLU A 17 5.32 14.18 0.57
C GLU A 17 5.69 13.02 -0.36
N GLN A 18 6.23 11.95 0.22
CA GLN A 18 6.62 10.78 -0.56
C GLN A 18 5.47 9.79 -0.68
N ILE A 19 4.65 9.72 0.38
CA ILE A 19 3.51 8.81 0.40
C ILE A 19 2.51 9.17 -0.70
N GLU A 20 2.29 10.46 -0.90
CA GLU A 20 1.35 10.94 -1.91
C GLU A 20 1.73 10.41 -3.28
N ALA A 21 3.02 10.48 -3.61
CA ALA A 21 3.51 10.01 -4.90
C ALA A 21 3.53 8.49 -4.95
N LEU A 22 3.73 7.86 -3.80
CA LEU A 22 3.78 6.40 -3.72
C LEU A 22 2.38 5.81 -3.82
N GLU A 23 1.40 6.53 -3.30
CA GLU A 23 0.01 6.09 -3.34
C GLU A 23 -0.58 6.25 -4.74
N LYS A 24 -0.37 7.43 -5.32
CA LYS A 24 -0.88 7.72 -6.65
C LYS A 24 -0.38 6.70 -7.66
N GLU A 25 0.88 6.31 -7.53
CA GLU A 25 1.49 5.34 -8.43
C GLU A 25 0.90 3.96 -8.20
N PHE A 26 0.49 3.68 -6.97
CA PHE A 26 -0.10 2.39 -6.63
C PHE A 26 -1.51 2.27 -7.18
N GLU A 27 -2.28 3.35 -7.09
CA GLU A 27 -3.65 3.37 -7.59
C GLU A 27 -3.70 3.01 -9.06
N ARG A 28 -2.63 3.34 -9.78
CA ARG A 28 -2.57 3.05 -11.22
C ARG A 28 -2.00 1.65 -11.45
N THR A 29 -0.89 1.34 -10.80
CA THR A 29 -0.26 0.03 -10.94
C THR A 29 0.25 -0.48 -9.60
N HIS A 30 -0.21 -1.67 -9.22
CA HIS A 30 0.20 -2.27 -7.95
C HIS A 30 1.61 -2.85 -8.06
N TYR A 31 2.12 -2.92 -9.28
CA TYR A 31 3.46 -3.45 -9.52
C TYR A 31 4.25 -2.54 -10.45
N PRO A 32 4.83 -1.48 -9.88
CA PRO A 32 5.63 -0.50 -10.65
C PRO A 32 6.94 -1.09 -11.13
N ASP A 33 7.03 -1.36 -12.42
CA ASP A 33 8.25 -1.93 -13.01
C ASP A 33 9.43 -0.98 -12.82
N VAL A 34 10.59 -1.38 -13.34
CA VAL A 34 11.79 -0.56 -13.23
C VAL A 34 11.58 0.83 -13.81
N PHE A 35 10.78 0.90 -14.87
CA PHE A 35 10.49 2.18 -15.52
C PHE A 35 9.63 3.06 -14.62
N ALA A 36 8.94 2.44 -13.66
CA ALA A 36 8.10 3.18 -12.74
C ALA A 36 8.85 3.52 -11.45
N ARG A 37 9.49 2.51 -10.88
CA ARG A 37 10.24 2.70 -9.63
C ARG A 37 11.37 3.72 -9.84
N GLU A 38 12.05 3.61 -10.98
CA GLU A 38 13.15 4.52 -11.29
C GLU A 38 12.65 5.96 -11.40
N ARG A 39 11.70 6.19 -12.29
CA ARG A 39 11.14 7.52 -12.49
C ARG A 39 10.63 8.10 -11.16
N LEU A 40 9.91 7.29 -10.41
CA LEU A 40 9.37 7.71 -9.13
C LEU A 40 10.48 7.99 -8.13
N ALA A 41 11.53 7.15 -8.16
CA ALA A 41 12.66 7.31 -7.26
C ALA A 41 13.10 8.77 -7.17
N ALA A 42 13.09 9.45 -8.31
CA ALA A 42 13.49 10.85 -8.36
C ALA A 42 12.30 11.76 -8.10
N LYS A 43 11.09 11.22 -8.23
CA LYS A 43 9.87 11.99 -8.02
C LYS A 43 9.65 12.25 -6.53
N ILE A 44 10.13 11.33 -5.69
CA ILE A 44 9.99 11.47 -4.25
C ILE A 44 11.34 11.42 -3.56
N ASP A 45 12.41 11.34 -4.36
CA ASP A 45 13.76 11.29 -3.82
C ASP A 45 13.95 10.07 -2.92
N LEU A 46 13.54 8.91 -3.42
CA LEU A 46 13.66 7.66 -2.67
C LEU A 46 14.39 6.60 -3.48
N PRO A 47 15.08 5.69 -2.79
CA PRO A 47 15.83 4.60 -3.43
C PRO A 47 14.91 3.56 -4.05
N GLU A 48 15.24 3.16 -5.28
CA GLU A 48 14.44 2.16 -5.99
C GLU A 48 14.14 0.96 -5.10
N ALA A 49 14.95 0.79 -4.05
CA ALA A 49 14.78 -0.31 -3.12
C ALA A 49 13.63 -0.04 -2.16
N ARG A 50 13.51 1.21 -1.71
CA ARG A 50 12.44 1.59 -0.79
C ARG A 50 11.07 1.39 -1.43
N ILE A 51 10.88 1.96 -2.61
CA ILE A 51 9.62 1.84 -3.32
C ILE A 51 9.12 0.40 -3.32
N GLN A 52 10.01 -0.53 -3.68
CA GLN A 52 9.67 -1.94 -3.73
C GLN A 52 8.96 -2.37 -2.44
N VAL A 53 9.54 -2.02 -1.31
CA VAL A 53 8.96 -2.37 -0.01
C VAL A 53 7.62 -1.69 0.19
N TRP A 54 7.64 -0.36 0.26
CA TRP A 54 6.41 0.41 0.46
C TRP A 54 5.26 -0.20 -0.33
N PHE A 55 5.55 -0.70 -1.52
CA PHE A 55 4.54 -1.31 -2.37
C PHE A 55 4.20 -2.72 -1.89
N SER A 56 5.23 -3.46 -1.49
CA SER A 56 5.05 -4.82 -1.01
C SER A 56 4.08 -4.87 0.16
N ASN A 57 4.37 -4.08 1.19
CA ASN A 57 3.53 -4.03 2.38
C ASN A 57 2.10 -3.63 2.01
N ARG A 58 1.98 -2.69 1.07
CA ARG A 58 0.66 -2.23 0.63
C ARG A 58 -0.19 -3.40 0.16
N ARG A 59 0.34 -4.18 -0.78
CA ARG A 59 -0.38 -5.32 -1.31
C ARG A 59 -1.12 -6.07 -0.21
N ALA A 60 -0.49 -6.20 0.95
CA ALA A 60 -1.09 -6.89 2.08
C ALA A 60 -2.24 -6.08 2.66
N LYS A 61 -2.09 -4.76 2.67
CA LYS A 61 -3.12 -3.87 3.20
C LYS A 61 -4.30 -3.77 2.23
N TRP A 62 -4.03 -4.05 0.96
CA TRP A 62 -5.07 -3.99 -0.07
C TRP A 62 -5.79 -5.33 -0.20
N ARG A 63 -5.01 -6.40 -0.22
CA ARG A 63 -5.56 -7.76 -0.35
C ARG A 63 -6.41 -8.10 0.87
N ARG A 64 -6.15 -7.42 1.98
CA ARG A 64 -6.89 -7.66 3.22
C ARG A 64 -8.16 -6.83 3.26
N GLU A 65 -8.07 -5.59 2.76
CA GLU A 65 -9.21 -4.69 2.74
C GLU A 65 -10.21 -5.09 1.66
N GLU A 66 -9.71 -5.30 0.45
CA GLU A 66 -10.55 -5.67 -0.67
C GLU A 66 -11.57 -6.73 -0.25
N LYS A 67 -11.20 -7.54 0.73
CA LYS A 67 -12.08 -8.60 1.23
C LYS A 67 -13.13 -8.02 2.19
N LEU A 68 -12.66 -7.25 3.17
CA LEU A 68 -13.55 -6.64 4.14
C LEU A 68 -14.65 -5.85 3.46
N ARG A 69 -14.27 -5.04 2.48
CA ARG A 69 -15.22 -4.22 1.74
C ARG A 69 -16.33 -5.08 1.14
N ASN A 70 -15.94 -6.24 0.59
CA ASN A 70 -16.90 -7.15 -0.03
C ASN A 70 -17.97 -7.56 0.98
N GLN A 71 -17.60 -7.64 2.25
CA GLN A 71 -18.52 -8.03 3.30
C GLN A 71 -19.68 -7.04 3.38
N ARG A 72 -19.52 -5.88 2.76
CA ARG A 72 -20.54 -4.85 2.76
C ARG A 72 -21.20 -4.73 1.39
N ARG A 73 -21.13 -5.80 0.61
CA ARG A 73 -21.71 -5.81 -0.72
C ARG A 73 -22.75 -6.92 -0.85
N GLN A 74 -23.67 -6.77 -1.81
CA GLN A 74 -24.71 -7.76 -2.03
C GLN A 74 -25.43 -8.10 -0.73
N SER A 75 -25.87 -7.06 0.00
CA SER A 75 -26.56 -7.25 1.26
C SER A 75 -27.96 -7.83 1.03
N GLY A 76 -28.51 -8.44 2.07
CA GLY A 76 -29.83 -9.04 1.96
C GLY A 76 -29.86 -10.47 2.45
N PRO A 77 -31.08 -11.01 2.64
CA PRO A 77 -31.28 -12.38 3.10
C PRO A 77 -30.86 -13.41 2.06
N SER A 78 -30.35 -14.55 2.53
CA SER A 78 -29.91 -15.62 1.64
C SER A 78 -30.99 -15.93 0.61
N SER A 79 -30.57 -16.50 -0.53
CA SER A 79 -31.49 -16.84 -1.60
C SER A 79 -32.81 -17.39 -1.03
N GLY A 80 -33.89 -17.26 -1.81
CA GLY A 80 -35.18 -17.74 -1.37
C GLY A 80 -36.31 -17.23 -2.23
N GLY A 1 2.70 -15.85 8.04
CA GLY A 1 2.44 -14.55 8.64
C GLY A 1 1.04 -14.47 9.24
N SER A 2 0.92 -13.77 10.36
CA SER A 2 -0.37 -13.61 11.03
C SER A 2 -1.03 -12.30 10.66
N SER A 3 -0.27 -11.21 10.75
CA SER A 3 -0.78 -9.89 10.42
C SER A 3 -2.07 -9.60 11.17
N GLY A 4 -2.12 -9.98 12.44
CA GLY A 4 -3.31 -9.76 13.25
C GLY A 4 -3.01 -9.01 14.53
N SER A 5 -3.23 -7.71 14.52
CA SER A 5 -2.99 -6.88 15.69
C SER A 5 -1.50 -6.89 16.06
N SER A 6 -0.65 -6.83 15.04
CA SER A 6 0.80 -6.84 15.26
C SER A 6 1.22 -5.71 16.19
N GLY A 7 0.92 -4.48 15.79
CA GLY A 7 1.28 -3.33 16.61
C GLY A 7 0.91 -2.02 15.94
N GLN A 8 1.52 -0.93 16.41
CA GLN A 8 1.25 0.39 15.84
C GLN A 8 2.53 1.20 15.74
N ARG A 9 2.69 1.92 14.63
CA ARG A 9 3.86 2.74 14.40
C ARG A 9 3.61 4.18 14.82
N ASN A 10 4.69 4.89 15.17
CA ASN A 10 4.58 6.28 15.60
C ASN A 10 5.33 7.19 14.63
N ARG A 11 6.62 6.94 14.46
CA ARG A 11 7.45 7.74 13.57
C ARG A 11 7.48 7.14 12.17
N THR A 12 6.53 7.56 11.33
CA THR A 12 6.45 7.07 9.97
C THR A 12 7.76 7.29 9.22
N SER A 13 8.40 6.20 8.82
CA SER A 13 9.67 6.28 8.10
C SER A 13 9.56 7.25 6.93
N PHE A 14 8.58 7.03 6.07
CA PHE A 14 8.36 7.88 4.91
C PHE A 14 7.64 9.17 5.30
N THR A 15 7.59 10.11 4.36
CA THR A 15 6.93 11.39 4.61
C THR A 15 5.71 11.57 3.71
N GLN A 16 4.75 12.36 4.17
CA GLN A 16 3.53 12.61 3.40
C GLN A 16 3.86 13.01 1.97
N GLU A 17 4.94 13.78 1.81
CA GLU A 17 5.36 14.23 0.49
C GLU A 17 5.68 13.04 -0.42
N GLN A 18 6.10 11.94 0.19
CA GLN A 18 6.44 10.74 -0.56
C GLN A 18 5.23 9.81 -0.68
N ILE A 19 4.55 9.59 0.44
CA ILE A 19 3.38 8.72 0.45
C ILE A 19 2.36 9.16 -0.59
N GLU A 20 2.26 10.47 -0.79
CA GLU A 20 1.33 11.01 -1.77
C GLU A 20 1.67 10.54 -3.19
N ALA A 21 2.96 10.57 -3.51
CA ALA A 21 3.43 10.15 -4.83
C ALA A 21 3.49 8.63 -4.92
N LEU A 22 3.72 7.98 -3.79
CA LEU A 22 3.81 6.52 -3.75
C LEU A 22 2.42 5.89 -3.84
N GLU A 23 1.41 6.65 -3.42
CA GLU A 23 0.03 6.17 -3.46
C GLU A 23 -0.56 6.33 -4.86
N LYS A 24 -0.26 7.45 -5.49
CA LYS A 24 -0.77 7.73 -6.84
C LYS A 24 -0.29 6.67 -7.83
N GLU A 25 0.95 6.23 -7.66
CA GLU A 25 1.53 5.22 -8.54
C GLU A 25 0.87 3.86 -8.31
N PHE A 26 0.41 3.63 -7.08
CA PHE A 26 -0.24 2.37 -6.73
C PHE A 26 -1.66 2.32 -7.27
N GLU A 27 -2.36 3.45 -7.19
CA GLU A 27 -3.73 3.52 -7.68
C GLU A 27 -3.82 3.13 -9.15
N ARG A 28 -2.74 3.38 -9.88
CA ARG A 28 -2.69 3.05 -11.30
C ARG A 28 -2.15 1.63 -11.52
N THR A 29 -1.06 1.31 -10.83
CA THR A 29 -0.45 -0.01 -10.94
C THR A 29 0.11 -0.47 -9.60
N HIS A 30 -0.28 -1.67 -9.19
CA HIS A 30 0.19 -2.24 -7.92
C HIS A 30 1.61 -2.76 -8.05
N TYR A 31 2.09 -2.87 -9.28
CA TYR A 31 3.44 -3.36 -9.55
C TYR A 31 4.17 -2.45 -10.53
N PRO A 32 4.71 -1.34 -9.99
CA PRO A 32 5.45 -0.36 -10.80
C PRO A 32 6.79 -0.91 -11.29
N ASP A 33 6.82 -1.36 -12.53
CA ASP A 33 8.04 -1.90 -13.12
C ASP A 33 9.22 -0.97 -12.88
N VAL A 34 10.41 -1.40 -13.30
CA VAL A 34 11.62 -0.60 -13.13
C VAL A 34 11.43 0.79 -13.72
N PHE A 35 10.73 0.88 -14.85
CA PHE A 35 10.50 2.15 -15.51
C PHE A 35 9.66 3.07 -14.63
N ALA A 36 8.93 2.47 -13.69
CA ALA A 36 8.09 3.24 -12.78
C ALA A 36 8.83 3.58 -11.49
N ARG A 37 9.46 2.56 -10.90
CA ARG A 37 10.21 2.74 -9.66
C ARG A 37 11.34 3.75 -9.86
N GLU A 38 11.97 3.71 -11.03
CA GLU A 38 13.06 4.62 -11.34
C GLU A 38 12.57 6.07 -11.41
N ARG A 39 11.59 6.31 -12.26
CA ARG A 39 11.03 7.64 -12.43
C ARG A 39 10.54 8.20 -11.10
N LEU A 40 9.88 7.35 -10.32
CA LEU A 40 9.36 7.75 -9.02
C LEU A 40 10.49 7.98 -8.02
N ALA A 41 11.50 7.12 -8.09
CA ALA A 41 12.65 7.23 -7.19
C ALA A 41 13.17 8.66 -7.12
N ALA A 42 13.12 9.35 -8.27
CA ALA A 42 13.59 10.73 -8.34
C ALA A 42 12.44 11.71 -8.08
N LYS A 43 11.21 11.21 -8.17
CA LYS A 43 10.03 12.03 -7.95
C LYS A 43 9.82 12.30 -6.46
N ILE A 44 10.10 11.29 -5.64
CA ILE A 44 9.95 11.42 -4.20
C ILE A 44 11.29 11.36 -3.50
N ASP A 45 12.36 11.28 -4.28
CA ASP A 45 13.71 11.23 -3.73
C ASP A 45 13.90 10.00 -2.86
N LEU A 46 13.51 8.84 -3.39
CA LEU A 46 13.63 7.59 -2.65
C LEU A 46 14.36 6.54 -3.48
N PRO A 47 15.08 5.63 -2.79
CA PRO A 47 15.82 4.55 -3.45
C PRO A 47 14.92 3.51 -4.09
N GLU A 48 15.24 3.10 -5.31
CA GLU A 48 14.46 2.12 -6.03
C GLU A 48 14.19 0.90 -5.15
N ALA A 49 14.99 0.74 -4.10
CA ALA A 49 14.83 -0.38 -3.18
C ALA A 49 13.68 -0.14 -2.22
N ARG A 50 13.56 1.10 -1.74
CA ARG A 50 12.50 1.46 -0.81
C ARG A 50 11.12 1.24 -1.42
N ILE A 51 10.92 1.83 -2.60
CA ILE A 51 9.65 1.69 -3.31
C ILE A 51 9.17 0.25 -3.30
N GLN A 52 10.06 -0.67 -3.67
CA GLN A 52 9.71 -2.09 -3.71
C GLN A 52 9.07 -2.54 -2.40
N VAL A 53 9.60 -2.04 -1.29
CA VAL A 53 9.08 -2.38 0.02
C VAL A 53 7.73 -1.71 0.27
N TRP A 54 7.72 -0.38 0.28
CA TRP A 54 6.50 0.37 0.51
C TRP A 54 5.32 -0.25 -0.24
N PHE A 55 5.60 -0.75 -1.44
CA PHE A 55 4.56 -1.38 -2.25
C PHE A 55 4.23 -2.77 -1.74
N SER A 56 5.26 -3.50 -1.33
CA SER A 56 5.10 -4.86 -0.82
C SER A 56 4.12 -4.88 0.35
N ASN A 57 4.36 -4.00 1.33
CA ASN A 57 3.50 -3.92 2.50
C ASN A 57 2.10 -3.47 2.12
N ARG A 58 2.01 -2.63 1.09
CA ARG A 58 0.73 -2.12 0.62
C ARG A 58 -0.17 -3.26 0.13
N ARG A 59 0.36 -4.06 -0.78
CA ARG A 59 -0.39 -5.19 -1.33
C ARG A 59 -1.11 -5.96 -0.23
N ALA A 60 -0.40 -6.17 0.89
CA ALA A 60 -0.97 -6.91 2.02
C ALA A 60 -2.11 -6.12 2.65
N LYS A 61 -2.04 -4.80 2.57
CA LYS A 61 -3.08 -3.93 3.14
C LYS A 61 -4.25 -3.79 2.17
N TRP A 62 -4.00 -4.09 0.90
CA TRP A 62 -5.03 -3.99 -0.13
C TRP A 62 -5.78 -5.30 -0.27
N ARG A 63 -5.04 -6.41 -0.24
CA ARG A 63 -5.64 -7.74 -0.37
C ARG A 63 -6.42 -8.10 0.89
N ARG A 64 -6.07 -7.47 2.00
CA ARG A 64 -6.73 -7.74 3.27
C ARG A 64 -7.98 -6.87 3.42
N GLU A 65 -7.88 -5.62 2.97
CA GLU A 65 -9.00 -4.69 3.06
C GLU A 65 -10.09 -5.04 2.05
N GLU A 66 -9.68 -5.28 0.81
CA GLU A 66 -10.61 -5.62 -0.25
C GLU A 66 -11.72 -6.54 0.27
N LYS A 67 -11.36 -7.40 1.21
CA LYS A 67 -12.32 -8.34 1.80
C LYS A 67 -13.14 -7.65 2.89
N LEU A 68 -12.49 -6.85 3.71
CA LEU A 68 -13.16 -6.14 4.79
C LEU A 68 -14.25 -5.22 4.24
N ARG A 69 -13.98 -4.63 3.08
CA ARG A 69 -14.94 -3.73 2.44
C ARG A 69 -16.08 -4.51 1.81
N ASN A 70 -15.75 -5.59 1.11
CA ASN A 70 -16.75 -6.43 0.46
C ASN A 70 -17.68 -7.07 1.48
N GLN A 71 -17.08 -7.70 2.50
CA GLN A 71 -17.86 -8.34 3.55
C GLN A 71 -18.86 -7.37 4.17
N ARG A 72 -18.52 -6.09 4.14
CA ARG A 72 -19.40 -5.06 4.70
C ARG A 72 -20.69 -4.94 3.90
N ARG A 73 -20.60 -5.22 2.61
CA ARG A 73 -21.76 -5.14 1.73
C ARG A 73 -23.02 -5.62 2.45
N GLN A 74 -24.12 -4.92 2.23
CA GLN A 74 -25.39 -5.27 2.86
C GLN A 74 -26.50 -5.40 1.82
N SER A 75 -27.60 -6.05 2.21
CA SER A 75 -28.73 -6.24 1.31
C SER A 75 -29.36 -4.90 0.94
N GLY A 76 -29.65 -4.08 1.94
CA GLY A 76 -30.25 -2.78 1.70
C GLY A 76 -30.36 -1.95 2.95
N PRO A 77 -31.42 -2.18 3.74
CA PRO A 77 -31.67 -1.45 4.98
C PRO A 77 -30.67 -1.82 6.07
N SER A 78 -29.90 -0.83 6.52
CA SER A 78 -28.91 -1.05 7.57
C SER A 78 -29.57 -1.42 8.90
N SER A 79 -28.88 -2.22 9.70
CA SER A 79 -29.40 -2.64 10.99
C SER A 79 -29.20 -1.57 12.05
N GLY A 80 -27.94 -1.21 12.28
CA GLY A 80 -27.62 -0.20 13.26
C GLY A 80 -27.42 -0.77 14.65
N GLY A 1 -13.22 -17.99 17.13
CA GLY A 1 -12.51 -18.34 18.35
C GLY A 1 -11.70 -17.19 18.89
N SER A 2 -10.57 -17.50 19.53
CA SER A 2 -9.70 -16.47 20.10
C SER A 2 -8.50 -16.22 19.19
N SER A 3 -8.59 -15.18 18.37
CA SER A 3 -7.51 -14.83 17.45
C SER A 3 -6.51 -13.89 18.13
N GLY A 4 -7.00 -12.71 18.52
CA GLY A 4 -6.14 -11.73 19.16
C GLY A 4 -5.24 -11.00 18.18
N SER A 5 -5.30 -9.67 18.21
CA SER A 5 -4.49 -8.86 17.32
C SER A 5 -3.00 -9.16 17.49
N SER A 6 -2.21 -8.77 16.50
CA SER A 6 -0.78 -9.00 16.53
C SER A 6 -0.13 -8.26 17.70
N GLY A 7 -0.48 -6.99 17.85
CA GLY A 7 0.06 -6.18 18.93
C GLY A 7 1.51 -5.80 18.69
N GLN A 8 1.72 -4.69 17.98
CA GLN A 8 3.07 -4.22 17.68
C GLN A 8 3.06 -2.74 17.30
N ARG A 9 4.21 -2.10 17.44
CA ARG A 9 4.34 -0.68 17.11
C ARG A 9 5.28 -0.47 15.94
N ASN A 10 4.73 -0.02 14.82
CA ASN A 10 5.52 0.23 13.62
C ASN A 10 5.51 1.70 13.25
N ARG A 11 6.57 2.41 13.62
CA ARG A 11 6.68 3.84 13.32
C ARG A 11 6.88 4.08 11.84
N THR A 12 6.36 5.19 11.35
CA THR A 12 6.49 5.54 9.93
C THR A 12 7.82 6.21 9.64
N SER A 13 8.40 5.88 8.48
CA SER A 13 9.69 6.45 8.08
C SER A 13 9.51 7.44 6.94
N PHE A 14 8.79 7.02 5.91
CA PHE A 14 8.55 7.87 4.75
C PHE A 14 7.89 9.18 5.17
N THR A 15 7.80 10.13 4.23
CA THR A 15 7.20 11.42 4.51
C THR A 15 5.93 11.62 3.68
N GLN A 16 5.01 12.41 4.21
CA GLN A 16 3.74 12.68 3.53
C GLN A 16 3.99 13.15 2.10
N GLU A 17 5.17 13.73 1.86
CA GLU A 17 5.53 14.22 0.54
C GLU A 17 5.86 13.06 -0.40
N GLN A 18 6.36 11.97 0.17
CA GLN A 18 6.71 10.79 -0.61
C GLN A 18 5.53 9.84 -0.74
N ILE A 19 4.77 9.71 0.34
CA ILE A 19 3.61 8.83 0.36
C ILE A 19 2.61 9.21 -0.74
N GLU A 20 2.31 10.51 -0.84
CA GLU A 20 1.39 11.01 -1.84
C GLU A 20 1.74 10.47 -3.22
N ALA A 21 3.02 10.52 -3.55
CA ALA A 21 3.49 10.03 -4.86
C ALA A 21 3.50 8.51 -4.90
N LEU A 22 3.77 7.88 -3.75
CA LEU A 22 3.82 6.43 -3.66
C LEU A 22 2.41 5.84 -3.75
N GLU A 23 1.42 6.63 -3.33
CA GLU A 23 0.03 6.18 -3.37
C GLU A 23 -0.57 6.36 -4.75
N LYS A 24 -0.22 7.46 -5.40
CA LYS A 24 -0.73 7.76 -6.74
C LYS A 24 -0.20 6.75 -7.75
N GLU A 25 0.99 6.22 -7.49
CA GLU A 25 1.60 5.24 -8.39
C GLU A 25 1.01 3.85 -8.16
N PHE A 26 0.46 3.64 -6.96
CA PHE A 26 -0.14 2.36 -6.62
C PHE A 26 -1.58 2.27 -7.14
N GLU A 27 -2.31 3.37 -7.03
CA GLU A 27 -3.69 3.42 -7.49
C GLU A 27 -3.79 3.07 -8.98
N ARG A 28 -2.68 3.24 -9.69
CA ARG A 28 -2.63 2.95 -11.11
C ARG A 28 -2.06 1.56 -11.37
N THR A 29 -1.07 1.17 -10.57
CA THR A 29 -0.44 -0.13 -10.70
C THR A 29 0.18 -0.59 -9.38
N HIS A 30 -0.13 -1.82 -8.99
CA HIS A 30 0.41 -2.37 -7.75
C HIS A 30 1.83 -2.89 -7.94
N TYR A 31 2.22 -3.04 -9.20
CA TYR A 31 3.56 -3.53 -9.53
C TYR A 31 4.27 -2.59 -10.49
N PRO A 32 4.81 -1.49 -9.95
CA PRO A 32 5.53 -0.49 -10.74
C PRO A 32 6.87 -1.00 -11.27
N ASP A 33 6.87 -1.42 -12.53
CA ASP A 33 8.09 -1.94 -13.15
C ASP A 33 9.26 -1.01 -12.92
N VAL A 34 10.45 -1.43 -13.35
CA VAL A 34 11.65 -0.63 -13.19
C VAL A 34 11.47 0.76 -13.76
N PHE A 35 10.70 0.86 -14.84
CA PHE A 35 10.45 2.14 -15.49
C PHE A 35 9.58 3.03 -14.60
N ALA A 36 8.90 2.42 -13.63
CA ALA A 36 8.04 3.16 -12.71
C ALA A 36 8.79 3.53 -11.44
N ARG A 37 9.42 2.53 -10.82
CA ARG A 37 10.17 2.75 -9.59
C ARG A 37 11.31 3.74 -9.81
N GLU A 38 11.96 3.62 -10.96
CA GLU A 38 13.07 4.52 -11.30
C GLU A 38 12.60 5.96 -11.39
N ARG A 39 11.63 6.20 -12.27
CA ARG A 39 11.09 7.54 -12.47
C ARG A 39 10.58 8.12 -11.17
N LEU A 40 9.85 7.30 -10.41
CA LEU A 40 9.30 7.74 -9.13
C LEU A 40 10.40 8.00 -8.12
N ALA A 41 11.42 7.14 -8.11
CA ALA A 41 12.54 7.28 -7.19
C ALA A 41 13.06 8.71 -7.19
N ALA A 42 13.00 9.37 -8.33
CA ALA A 42 13.46 10.75 -8.46
C ALA A 42 12.33 11.73 -8.20
N LYS A 43 11.10 11.23 -8.26
CA LYS A 43 9.92 12.06 -8.04
C LYS A 43 9.72 12.32 -6.55
N ILE A 44 10.12 11.36 -5.72
CA ILE A 44 9.98 11.48 -4.28
C ILE A 44 11.34 11.40 -3.58
N ASP A 45 12.39 11.36 -4.38
CA ASP A 45 13.75 11.28 -3.85
C ASP A 45 13.91 10.05 -2.97
N LEU A 46 13.50 8.90 -3.49
CA LEU A 46 13.60 7.65 -2.75
C LEU A 46 14.31 6.58 -3.58
N PRO A 47 15.02 5.68 -2.88
CA PRO A 47 15.76 4.59 -3.54
C PRO A 47 14.84 3.55 -4.16
N GLU A 48 15.19 3.07 -5.35
CA GLU A 48 14.39 2.07 -6.04
C GLU A 48 14.11 0.86 -5.13
N ALA A 49 14.90 0.75 -4.06
CA ALA A 49 14.74 -0.35 -3.12
C ALA A 49 13.60 -0.06 -2.14
N ARG A 50 13.48 1.19 -1.72
CA ARG A 50 12.44 1.60 -0.78
C ARG A 50 11.06 1.39 -1.38
N ILE A 51 10.84 1.94 -2.57
CA ILE A 51 9.56 1.81 -3.25
C ILE A 51 9.06 0.36 -3.23
N GLN A 52 9.95 -0.56 -3.56
CA GLN A 52 9.61 -1.98 -3.57
C GLN A 52 8.95 -2.40 -2.27
N VAL A 53 9.53 -1.97 -1.15
CA VAL A 53 9.00 -2.29 0.17
C VAL A 53 7.67 -1.58 0.41
N TRP A 54 7.68 -0.26 0.26
CA TRP A 54 6.47 0.54 0.48
C TRP A 54 5.30 -0.04 -0.29
N PHE A 55 5.58 -0.64 -1.45
CA PHE A 55 4.55 -1.23 -2.28
C PHE A 55 4.17 -2.63 -1.78
N SER A 56 5.17 -3.36 -1.30
CA SER A 56 4.95 -4.71 -0.78
C SER A 56 3.94 -4.70 0.35
N ASN A 57 4.19 -3.85 1.35
CA ASN A 57 3.30 -3.74 2.50
C ASN A 57 1.89 -3.35 2.06
N ARG A 58 1.80 -2.58 0.99
CA ARG A 58 0.51 -2.14 0.47
C ARG A 58 -0.31 -3.33 -0.03
N ARG A 59 0.28 -4.14 -0.89
CA ARG A 59 -0.38 -5.31 -1.45
C ARG A 59 -1.07 -6.11 -0.34
N ALA A 60 -0.41 -6.22 0.80
CA ALA A 60 -0.96 -6.96 1.94
C ALA A 60 -2.12 -6.20 2.57
N LYS A 61 -2.04 -4.88 2.55
CA LYS A 61 -3.09 -4.03 3.12
C LYS A 61 -4.29 -3.94 2.17
N TRP A 62 -4.03 -4.14 0.88
CA TRP A 62 -5.08 -4.07 -0.12
C TRP A 62 -5.75 -5.43 -0.30
N ARG A 63 -4.92 -6.47 -0.39
CA ARG A 63 -5.43 -7.83 -0.57
C ARG A 63 -6.24 -8.28 0.64
N ARG A 64 -5.98 -7.64 1.78
CA ARG A 64 -6.68 -7.97 3.01
C ARG A 64 -8.00 -7.20 3.12
N GLU A 65 -7.98 -5.94 2.68
CA GLU A 65 -9.16 -5.09 2.73
C GLU A 65 -10.15 -5.47 1.63
N GLU A 66 -9.64 -5.58 0.40
CA GLU A 66 -10.47 -5.93 -0.74
C GLU A 66 -11.48 -7.01 -0.36
N LYS A 67 -11.08 -7.91 0.53
CA LYS A 67 -11.95 -8.98 0.97
C LYS A 67 -12.98 -8.47 1.98
N LEU A 68 -12.51 -7.71 2.96
CA LEU A 68 -13.40 -7.16 3.99
C LEU A 68 -14.69 -6.64 3.36
N ARG A 69 -14.58 -6.08 2.17
CA ARG A 69 -15.75 -5.55 1.46
C ARG A 69 -16.64 -6.67 0.95
N ASN A 70 -16.01 -7.74 0.48
CA ASN A 70 -16.75 -8.89 -0.05
C ASN A 70 -17.50 -9.61 1.09
N GLN A 71 -17.01 -9.43 2.31
CA GLN A 71 -17.64 -10.07 3.46
C GLN A 71 -18.98 -9.43 3.78
N ARG A 72 -19.30 -8.35 3.07
CA ARG A 72 -20.56 -7.65 3.28
C ARG A 72 -21.49 -7.82 2.08
N ARG A 73 -21.23 -8.86 1.29
CA ARG A 73 -22.04 -9.13 0.10
C ARG A 73 -21.99 -7.96 -0.87
N GLN A 74 -20.82 -7.36 -1.01
CA GLN A 74 -20.64 -6.23 -1.92
C GLN A 74 -19.65 -6.57 -3.03
N SER A 75 -20.17 -6.89 -4.21
CA SER A 75 -19.33 -7.23 -5.35
C SER A 75 -18.44 -8.43 -5.02
N GLY A 76 -18.98 -9.38 -4.26
CA GLY A 76 -18.22 -10.55 -3.89
C GLY A 76 -19.09 -11.60 -3.21
N PRO A 77 -19.77 -12.43 -4.02
CA PRO A 77 -20.65 -13.49 -3.52
C PRO A 77 -19.86 -14.62 -2.87
N SER A 78 -20.38 -15.14 -1.76
CA SER A 78 -19.72 -16.23 -1.05
C SER A 78 -20.65 -17.43 -0.92
N SER A 79 -20.08 -18.56 -0.50
CA SER A 79 -20.86 -19.79 -0.35
C SER A 79 -21.06 -20.12 1.13
N GLY A 80 -22.02 -20.98 1.41
CA GLY A 80 -22.30 -21.37 2.77
C GLY A 80 -22.97 -20.27 3.58
N GLY A 1 -5.57 -10.74 18.61
CA GLY A 1 -5.25 -9.33 18.71
C GLY A 1 -6.47 -8.45 18.58
N SER A 2 -7.10 -8.13 19.71
CA SER A 2 -8.29 -7.29 19.72
C SER A 2 -8.53 -6.70 21.10
N SER A 3 -9.39 -5.68 21.16
CA SER A 3 -9.71 -5.03 22.43
C SER A 3 -8.48 -4.30 22.98
N GLY A 4 -7.76 -3.61 22.09
CA GLY A 4 -6.57 -2.88 22.50
C GLY A 4 -5.42 -3.04 21.53
N SER A 5 -5.46 -2.28 20.44
CA SER A 5 -4.42 -2.34 19.43
C SER A 5 -3.90 -0.94 19.11
N SER A 6 -2.95 -0.47 19.92
CA SER A 6 -2.37 0.84 19.73
C SER A 6 -1.96 1.06 18.26
N GLY A 7 -1.12 0.16 17.76
CA GLY A 7 -0.68 0.26 16.38
C GLY A 7 0.65 0.99 16.26
N GLN A 8 1.43 0.62 15.26
CA GLN A 8 2.73 1.24 15.02
C GLN A 8 2.57 2.70 14.61
N ARG A 9 2.37 3.57 15.59
CA ARG A 9 2.19 5.00 15.33
C ARG A 9 3.55 5.68 15.16
N ASN A 10 4.46 5.02 14.45
CA ASN A 10 5.79 5.56 14.21
C ASN A 10 6.17 5.44 12.74
N ARG A 11 5.68 6.38 11.92
CA ARG A 11 5.98 6.38 10.50
C ARG A 11 7.13 7.33 10.18
N THR A 12 8.35 6.79 10.13
CA THR A 12 9.52 7.59 9.84
C THR A 12 10.23 7.09 8.58
N SER A 13 9.78 5.95 8.08
CA SER A 13 10.38 5.36 6.88
C SER A 13 10.03 6.18 5.64
N PHE A 14 9.04 7.05 5.77
CA PHE A 14 8.61 7.90 4.67
C PHE A 14 7.82 9.09 5.17
N THR A 15 7.70 10.12 4.33
CA THR A 15 6.97 11.32 4.69
C THR A 15 5.74 11.50 3.80
N GLN A 16 4.72 12.18 4.33
CA GLN A 16 3.49 12.42 3.58
C GLN A 16 3.81 12.89 2.17
N GLU A 17 4.82 13.73 2.03
CA GLU A 17 5.23 14.25 0.73
C GLU A 17 5.57 13.11 -0.23
N GLN A 18 6.16 12.05 0.31
CA GLN A 18 6.54 10.90 -0.51
C GLN A 18 5.38 9.91 -0.62
N ILE A 19 4.64 9.74 0.48
CA ILE A 19 3.51 8.82 0.49
C ILE A 19 2.48 9.21 -0.55
N GLU A 20 2.32 10.51 -0.77
CA GLU A 20 1.36 11.01 -1.75
C GLU A 20 1.73 10.56 -3.15
N ALA A 21 3.03 10.56 -3.44
CA ALA A 21 3.53 10.15 -4.75
C ALA A 21 3.59 8.63 -4.86
N LEU A 22 3.78 7.97 -3.73
CA LEU A 22 3.87 6.51 -3.70
C LEU A 22 2.48 5.88 -3.81
N GLU A 23 1.47 6.59 -3.31
CA GLU A 23 0.10 6.10 -3.36
C GLU A 23 -0.48 6.25 -4.76
N LYS A 24 -0.30 7.43 -5.35
CA LYS A 24 -0.80 7.71 -6.69
C LYS A 24 -0.25 6.69 -7.69
N GLU A 25 1.01 6.31 -7.51
CA GLU A 25 1.64 5.34 -8.41
C GLU A 25 1.01 3.97 -8.26
N PHE A 26 0.52 3.66 -7.06
CA PHE A 26 -0.11 2.38 -6.78
C PHE A 26 -1.53 2.34 -7.35
N GLU A 27 -2.23 3.46 -7.25
CA GLU A 27 -3.60 3.55 -7.75
C GLU A 27 -3.66 3.15 -9.23
N ARG A 28 -2.57 3.39 -9.95
CA ARG A 28 -2.50 3.06 -11.37
C ARG A 28 -1.97 1.66 -11.58
N THR A 29 -0.89 1.32 -10.86
CA THR A 29 -0.29 0.01 -10.98
C THR A 29 0.19 -0.50 -9.62
N HIS A 30 -0.30 -1.67 -9.22
CA HIS A 30 0.06 -2.27 -7.94
C HIS A 30 1.48 -2.83 -7.99
N TYR A 31 2.02 -2.95 -9.20
CA TYR A 31 3.36 -3.48 -9.39
C TYR A 31 4.16 -2.62 -10.37
N PRO A 32 4.74 -1.53 -9.85
CA PRO A 32 5.54 -0.60 -10.66
C PRO A 32 6.86 -1.21 -11.11
N ASP A 33 6.97 -1.50 -12.40
CA ASP A 33 8.18 -2.09 -12.95
C ASP A 33 9.38 -1.16 -12.74
N VAL A 34 10.53 -1.54 -13.30
CA VAL A 34 11.74 -0.75 -13.18
C VAL A 34 11.55 0.65 -13.76
N PHE A 35 10.81 0.72 -14.87
CA PHE A 35 10.54 1.99 -15.53
C PHE A 35 9.69 2.90 -14.66
N ALA A 36 8.98 2.29 -13.71
CA ALA A 36 8.12 3.05 -12.80
C ALA A 36 8.86 3.41 -11.52
N ARG A 37 9.44 2.40 -10.87
CA ARG A 37 10.18 2.63 -9.63
C ARG A 37 11.28 3.66 -9.83
N GLU A 38 11.91 3.64 -11.00
CA GLU A 38 12.98 4.57 -11.30
C GLU A 38 12.45 6.01 -11.40
N ARG A 39 11.47 6.21 -12.27
CA ARG A 39 10.87 7.52 -12.46
C ARG A 39 10.38 8.09 -11.12
N LEU A 40 9.73 7.24 -10.33
CA LEU A 40 9.22 7.66 -9.03
C LEU A 40 10.35 7.92 -8.05
N ALA A 41 11.38 7.07 -8.10
CA ALA A 41 12.53 7.21 -7.22
C ALA A 41 13.00 8.65 -7.16
N ALA A 42 12.94 9.34 -8.30
CA ALA A 42 13.36 10.74 -8.37
C ALA A 42 12.20 11.68 -8.12
N LYS A 43 10.98 11.15 -8.21
CA LYS A 43 9.79 11.95 -7.98
C LYS A 43 9.59 12.23 -6.49
N ILE A 44 10.12 11.35 -5.65
CA ILE A 44 10.01 11.52 -4.20
C ILE A 44 11.39 11.47 -3.54
N ASP A 45 12.42 11.24 -4.35
CA ASP A 45 13.79 11.17 -3.84
C ASP A 45 14.00 9.91 -3.01
N LEU A 46 13.45 8.80 -3.48
CA LEU A 46 13.58 7.53 -2.77
C LEU A 46 14.29 6.50 -3.63
N PRO A 47 15.06 5.61 -2.99
CA PRO A 47 15.81 4.55 -3.67
C PRO A 47 14.90 3.49 -4.26
N GLU A 48 15.17 3.09 -5.50
CA GLU A 48 14.37 2.08 -6.17
C GLU A 48 14.13 0.88 -5.25
N ALA A 49 14.98 0.74 -4.25
CA ALA A 49 14.86 -0.36 -3.30
C ALA A 49 13.75 -0.11 -2.29
N ARG A 50 13.62 1.14 -1.87
CA ARG A 50 12.59 1.53 -0.90
C ARG A 50 11.20 1.29 -1.48
N ILE A 51 10.92 1.89 -2.63
CA ILE A 51 9.63 1.74 -3.28
C ILE A 51 9.16 0.29 -3.24
N GLN A 52 10.05 -0.62 -3.60
CA GLN A 52 9.74 -2.04 -3.61
C GLN A 52 9.07 -2.46 -2.30
N VAL A 53 9.66 -2.04 -1.18
CA VAL A 53 9.12 -2.36 0.13
C VAL A 53 7.77 -1.71 0.35
N TRP A 54 7.76 -0.37 0.34
CA TRP A 54 6.52 0.38 0.54
C TRP A 54 5.37 -0.24 -0.24
N PHE A 55 5.65 -0.63 -1.48
CA PHE A 55 4.63 -1.24 -2.34
C PHE A 55 4.27 -2.64 -1.84
N SER A 56 5.27 -3.35 -1.34
CA SER A 56 5.06 -4.71 -0.83
C SER A 56 4.08 -4.71 0.33
N ASN A 57 4.25 -3.76 1.25
CA ASN A 57 3.38 -3.65 2.42
C ASN A 57 1.96 -3.29 2.00
N ARG A 58 1.84 -2.48 0.95
CA ARG A 58 0.54 -2.07 0.46
C ARG A 58 -0.28 -3.27 0.02
N ARG A 59 0.32 -4.12 -0.81
CA ARG A 59 -0.36 -5.31 -1.30
C ARG A 59 -1.09 -6.04 -0.18
N ALA A 60 -0.43 -6.15 0.97
CA ALA A 60 -1.01 -6.82 2.13
C ALA A 60 -2.18 -6.02 2.70
N LYS A 61 -2.10 -4.70 2.57
CA LYS A 61 -3.15 -3.81 3.06
C LYS A 61 -4.31 -3.73 2.08
N TRP A 62 -4.02 -3.99 0.81
CA TRP A 62 -5.04 -3.95 -0.23
C TRP A 62 -5.76 -5.30 -0.34
N ARG A 63 -4.98 -6.38 -0.34
CA ARG A 63 -5.55 -7.72 -0.43
C ARG A 63 -6.41 -8.03 0.78
N ARG A 64 -5.94 -7.66 1.96
CA ARG A 64 -6.67 -7.91 3.19
C ARG A 64 -7.96 -7.11 3.22
N GLU A 65 -7.90 -5.85 2.79
CA GLU A 65 -9.06 -4.98 2.78
C GLU A 65 -10.08 -5.45 1.73
N GLU A 66 -9.59 -5.73 0.52
CA GLU A 66 -10.45 -6.18 -0.56
C GLU A 66 -11.44 -7.23 -0.06
N LYS A 67 -11.00 -8.05 0.89
CA LYS A 67 -11.85 -9.09 1.46
C LYS A 67 -12.90 -8.49 2.39
N LEU A 68 -12.43 -7.79 3.42
CA LEU A 68 -13.33 -7.17 4.39
C LEU A 68 -14.57 -6.62 3.70
N ARG A 69 -14.40 -6.12 2.48
CA ARG A 69 -15.52 -5.57 1.73
C ARG A 69 -16.36 -6.68 1.12
N ASN A 70 -15.70 -7.70 0.58
CA ASN A 70 -16.40 -8.83 -0.02
C ASN A 70 -17.40 -9.43 0.94
N GLN A 71 -17.11 -9.34 2.24
CA GLN A 71 -18.01 -9.87 3.26
C GLN A 71 -19.27 -9.04 3.36
N ARG A 72 -19.16 -7.75 3.09
CA ARG A 72 -20.29 -6.85 3.15
C ARG A 72 -21.41 -7.30 2.22
N ARG A 73 -21.02 -7.89 1.09
CA ARG A 73 -21.97 -8.36 0.10
C ARG A 73 -23.04 -9.24 0.75
N GLN A 74 -24.30 -9.02 0.38
CA GLN A 74 -25.40 -9.78 0.92
C GLN A 74 -25.18 -10.09 2.41
N SER A 75 -24.71 -9.08 3.14
CA SER A 75 -24.45 -9.24 4.57
C SER A 75 -25.68 -8.88 5.40
N GLY A 76 -25.54 -8.96 6.72
CA GLY A 76 -26.65 -8.64 7.59
C GLY A 76 -26.94 -7.15 7.66
N PRO A 77 -28.17 -6.79 8.05
CA PRO A 77 -28.60 -5.40 8.16
C PRO A 77 -27.91 -4.68 9.32
N SER A 78 -27.66 -5.41 10.40
CA SER A 78 -27.02 -4.84 11.58
C SER A 78 -25.75 -4.08 11.19
N SER A 79 -25.83 -2.76 11.21
CA SER A 79 -24.69 -1.92 10.86
C SER A 79 -24.39 -0.91 11.97
N GLY A 80 -23.32 -1.16 12.72
CA GLY A 80 -22.94 -0.27 13.79
C GLY A 80 -21.45 -0.24 14.03
N GLY A 1 -2.00 -22.17 -0.62
CA GLY A 1 -2.92 -21.90 0.48
C GLY A 1 -2.20 -21.62 1.78
N SER A 2 -1.17 -22.39 2.07
CA SER A 2 -0.40 -22.22 3.29
C SER A 2 0.35 -20.88 3.28
N SER A 3 -0.30 -19.85 3.82
CA SER A 3 0.30 -18.53 3.87
C SER A 3 1.31 -18.43 5.00
N GLY A 4 2.06 -17.33 5.03
CA GLY A 4 3.06 -17.13 6.06
C GLY A 4 3.33 -15.66 6.34
N SER A 5 2.34 -14.99 6.92
CA SER A 5 2.47 -13.56 7.24
C SER A 5 3.15 -13.38 8.59
N SER A 6 4.45 -13.14 8.57
CA SER A 6 5.22 -12.95 9.79
C SER A 6 5.74 -11.51 9.88
N GLY A 7 5.64 -10.93 11.07
CA GLY A 7 6.11 -9.57 11.27
C GLY A 7 4.96 -8.58 11.41
N GLN A 8 4.63 -8.24 12.65
CA GLN A 8 3.55 -7.29 12.91
C GLN A 8 4.08 -6.03 13.57
N ARG A 9 4.28 -4.98 12.76
CA ARG A 9 4.78 -3.72 13.26
C ARG A 9 4.55 -2.59 12.25
N ASN A 10 4.52 -1.36 12.73
CA ASN A 10 4.31 -0.20 11.87
C ASN A 10 5.54 0.70 11.85
N ARG A 11 5.99 1.04 10.65
CA ARG A 11 7.16 1.90 10.49
C ARG A 11 6.86 3.06 9.55
N THR A 12 6.52 4.22 10.12
CA THR A 12 6.21 5.40 9.34
C THR A 12 7.48 6.14 8.93
N SER A 13 8.47 5.39 8.46
CA SER A 13 9.74 5.97 8.04
C SER A 13 9.52 6.99 6.93
N PHE A 14 8.73 6.63 5.93
CA PHE A 14 8.44 7.50 4.81
C PHE A 14 7.70 8.76 5.27
N THR A 15 7.63 9.75 4.40
CA THR A 15 6.94 11.00 4.73
C THR A 15 5.69 11.18 3.88
N GLN A 16 4.73 11.94 4.40
CA GLN A 16 3.48 12.19 3.69
C GLN A 16 3.75 12.69 2.28
N GLU A 17 4.86 13.40 2.10
CA GLU A 17 5.24 13.94 0.81
C GLU A 17 5.60 12.82 -0.16
N GLN A 18 6.04 11.68 0.38
CA GLN A 18 6.43 10.54 -0.44
C GLN A 18 5.26 9.56 -0.58
N ILE A 19 4.46 9.45 0.47
CA ILE A 19 3.30 8.56 0.45
C ILE A 19 2.30 8.98 -0.60
N GLU A 20 2.20 10.29 -0.84
CA GLU A 20 1.27 10.82 -1.82
C GLU A 20 1.62 10.34 -3.23
N ALA A 21 2.92 10.38 -3.54
CA ALA A 21 3.39 9.95 -4.85
C ALA A 21 3.45 8.43 -4.93
N LEU A 22 3.72 7.78 -3.81
CA LEU A 22 3.81 6.33 -3.76
C LEU A 22 2.42 5.70 -3.88
N GLU A 23 1.40 6.46 -3.56
CA GLU A 23 0.02 5.98 -3.64
C GLU A 23 -0.52 6.12 -5.05
N LYS A 24 -0.30 7.27 -5.65
CA LYS A 24 -0.77 7.54 -7.01
C LYS A 24 -0.25 6.48 -7.98
N GLU A 25 0.99 6.07 -7.79
CA GLU A 25 1.60 5.06 -8.64
C GLU A 25 0.98 3.69 -8.41
N PHE A 26 0.49 3.47 -7.19
CA PHE A 26 -0.13 2.20 -6.82
C PHE A 26 -1.54 2.13 -7.39
N GLU A 27 -2.27 3.24 -7.33
CA GLU A 27 -3.64 3.29 -7.83
C GLU A 27 -3.70 2.87 -9.29
N ARG A 28 -2.62 3.14 -10.01
CA ARG A 28 -2.54 2.80 -11.44
C ARG A 28 -1.99 1.39 -11.62
N THR A 29 -0.91 1.09 -10.91
CA THR A 29 -0.27 -0.22 -11.01
C THR A 29 0.28 -0.66 -9.66
N HIS A 30 -0.10 -1.86 -9.23
CA HIS A 30 0.37 -2.39 -7.95
C HIS A 30 1.81 -2.90 -8.07
N TYR A 31 2.29 -3.01 -9.30
CA TYR A 31 3.65 -3.48 -9.55
C TYR A 31 4.36 -2.59 -10.57
N PRO A 32 4.87 -1.45 -10.09
CA PRO A 32 5.59 -0.48 -10.93
C PRO A 32 6.94 -1.01 -11.39
N ASP A 33 7.03 -1.34 -12.68
CA ASP A 33 8.27 -1.86 -13.25
C ASP A 33 9.43 -0.91 -12.98
N VAL A 34 10.59 -1.23 -13.54
CA VAL A 34 11.78 -0.40 -13.35
C VAL A 34 11.54 1.03 -13.85
N PHE A 35 10.85 1.15 -14.98
CA PHE A 35 10.54 2.45 -15.54
C PHE A 35 9.67 3.28 -14.60
N ALA A 36 8.97 2.59 -13.71
CA ALA A 36 8.10 3.26 -12.75
C ALA A 36 8.87 3.62 -11.47
N ARG A 37 9.51 2.61 -10.88
CA ARG A 37 10.27 2.82 -9.65
C ARG A 37 11.40 3.81 -9.88
N GLU A 38 12.05 3.72 -11.03
CA GLU A 38 13.16 4.61 -11.37
C GLU A 38 12.68 6.06 -11.45
N ARG A 39 11.64 6.29 -12.25
CA ARG A 39 11.10 7.62 -12.43
C ARG A 39 10.57 8.16 -11.10
N LEU A 40 9.88 7.32 -10.34
CA LEU A 40 9.32 7.72 -9.06
C LEU A 40 10.43 7.99 -8.05
N ALA A 41 11.49 7.17 -8.10
CA ALA A 41 12.61 7.33 -7.19
C ALA A 41 13.06 8.78 -7.11
N ALA A 42 12.97 9.48 -8.24
CA ALA A 42 13.37 10.89 -8.29
C ALA A 42 12.19 11.80 -7.98
N LYS A 43 10.98 11.26 -8.08
CA LYS A 43 9.77 12.02 -7.81
C LYS A 43 9.59 12.25 -6.31
N ILE A 44 10.08 11.31 -5.52
CA ILE A 44 9.98 11.42 -4.06
C ILE A 44 11.36 11.34 -3.41
N ASP A 45 12.40 11.28 -4.23
CA ASP A 45 13.77 11.22 -3.74
C ASP A 45 13.98 9.98 -2.88
N LEU A 46 13.53 8.84 -3.39
CA LEU A 46 13.66 7.57 -2.67
C LEU A 46 14.39 6.53 -3.52
N PRO A 47 15.12 5.63 -2.86
CA PRO A 47 15.87 4.56 -3.53
C PRO A 47 14.96 3.52 -4.17
N GLU A 48 15.27 3.13 -5.39
CA GLU A 48 14.48 2.14 -6.12
C GLU A 48 14.19 0.93 -5.23
N ALA A 49 15.01 0.75 -4.19
CA ALA A 49 14.85 -0.36 -3.27
C ALA A 49 13.71 -0.11 -2.30
N ARG A 50 13.62 1.12 -1.81
CA ARG A 50 12.57 1.50 -0.86
C ARG A 50 11.18 1.29 -1.48
N ILE A 51 10.97 1.87 -2.65
CA ILE A 51 9.69 1.73 -3.34
C ILE A 51 9.20 0.30 -3.33
N GLN A 52 10.08 -0.62 -3.73
CA GLN A 52 9.73 -2.04 -3.77
C GLN A 52 9.09 -2.48 -2.46
N VAL A 53 9.67 -2.04 -1.34
CA VAL A 53 9.15 -2.39 -0.03
C VAL A 53 7.79 -1.74 0.21
N TRP A 54 7.77 -0.41 0.23
CA TRP A 54 6.53 0.32 0.45
C TRP A 54 5.37 -0.33 -0.29
N PHE A 55 5.61 -0.72 -1.54
CA PHE A 55 4.58 -1.36 -2.35
C PHE A 55 4.25 -2.75 -1.82
N SER A 56 5.29 -3.50 -1.46
CA SER A 56 5.11 -4.85 -0.95
C SER A 56 4.15 -4.86 0.23
N ASN A 57 4.41 -4.01 1.21
CA ASN A 57 3.56 -3.92 2.40
C ASN A 57 2.14 -3.50 2.02
N ARG A 58 2.03 -2.56 1.10
CA ARG A 58 0.74 -2.07 0.64
C ARG A 58 -0.16 -3.23 0.21
N ARG A 59 0.34 -4.04 -0.71
CA ARG A 59 -0.41 -5.19 -1.21
C ARG A 59 -1.16 -5.88 -0.08
N ALA A 60 -0.50 -6.02 1.07
CA ALA A 60 -1.09 -6.67 2.22
C ALA A 60 -2.28 -5.87 2.75
N LYS A 61 -2.13 -4.55 2.78
CA LYS A 61 -3.19 -3.66 3.25
C LYS A 61 -4.33 -3.59 2.24
N TRP A 62 -3.98 -3.66 0.96
CA TRP A 62 -4.97 -3.61 -0.11
C TRP A 62 -5.77 -4.90 -0.17
N ARG A 63 -5.08 -6.02 -0.07
CA ARG A 63 -5.72 -7.34 -0.12
C ARG A 63 -6.55 -7.59 1.13
N ARG A 64 -6.14 -6.97 2.24
CA ARG A 64 -6.85 -7.14 3.50
C ARG A 64 -8.00 -6.14 3.62
N GLU A 65 -7.79 -4.94 3.09
CA GLU A 65 -8.80 -3.90 3.14
C GLU A 65 -9.95 -4.22 2.16
N GLU A 66 -9.59 -4.56 0.94
CA GLU A 66 -10.58 -4.90 -0.08
C GLU A 66 -11.75 -5.64 0.53
N LYS A 67 -11.47 -6.47 1.52
CA LYS A 67 -12.50 -7.26 2.19
C LYS A 67 -13.26 -6.40 3.21
N LEU A 68 -12.52 -5.64 4.01
CA LEU A 68 -13.12 -4.77 5.02
C LEU A 68 -14.05 -3.76 4.38
N ARG A 69 -13.69 -3.30 3.18
CA ARG A 69 -14.50 -2.32 2.46
C ARG A 69 -15.82 -2.93 2.02
N ASN A 70 -15.81 -4.24 1.72
CA ASN A 70 -17.01 -4.94 1.28
C ASN A 70 -17.93 -5.20 2.47
N GLN A 71 -17.47 -4.89 3.67
CA GLN A 71 -18.26 -5.09 4.88
C GLN A 71 -19.19 -3.91 5.13
N ARG A 72 -18.96 -2.83 4.39
CA ARG A 72 -19.78 -1.62 4.54
C ARG A 72 -20.90 -1.60 3.51
N ARG A 73 -21.15 -2.75 2.88
CA ARG A 73 -22.20 -2.86 1.87
C ARG A 73 -21.92 -1.91 0.70
N GLN A 74 -20.67 -1.85 0.27
CA GLN A 74 -20.28 -0.98 -0.84
C GLN A 74 -20.34 -1.73 -2.16
N SER A 75 -19.74 -2.92 -2.19
CA SER A 75 -19.73 -3.73 -3.40
C SER A 75 -20.52 -5.02 -3.20
N GLY A 76 -21.08 -5.54 -4.29
CA GLY A 76 -21.86 -6.76 -4.21
C GLY A 76 -21.18 -7.83 -3.39
N PRO A 77 -21.98 -8.64 -2.68
CA PRO A 77 -21.47 -9.73 -1.84
C PRO A 77 -20.86 -10.87 -2.67
N SER A 78 -20.21 -11.80 -1.98
CA SER A 78 -19.59 -12.94 -2.65
C SER A 78 -19.02 -13.92 -1.63
N SER A 79 -19.19 -15.22 -1.90
CA SER A 79 -18.70 -16.25 -1.01
C SER A 79 -19.03 -15.93 0.44
N GLY A 80 -20.26 -15.46 0.68
CA GLY A 80 -20.67 -15.11 2.02
C GLY A 80 -20.05 -13.83 2.51
#